data_5KGQ
#
_entry.id   5KGQ
#
_entity_poly.entity_id   1
_entity_poly.type   'polypeptide(L)'
_entity_poly.pdbx_seq_one_letter_code
;GSAMGHMVKISHEDTQRIKTAFLSYAQGQDKVTEAMIDQLICGAFPGLSWEQLQEKKKGRAAANGYDRSAFFSLVASDEQ
YVRFIAQHFPCAPEEEKPPEIDALELKTQKGF
;
_entity_poly.pdbx_strand_id   A
#
# COMPACT_ATOMS: atom_id res chain seq x y z
N GLY A 1 -16.03 11.33 8.00
CA GLY A 1 -15.02 11.30 6.93
C GLY A 1 -14.88 12.64 6.23
N SER A 2 -13.66 13.00 5.87
CA SER A 2 -13.40 14.26 5.20
C SER A 2 -12.98 13.99 3.77
N ALA A 3 -12.96 15.04 2.95
CA ALA A 3 -12.51 14.92 1.56
C ALA A 3 -10.99 15.06 1.50
N MET A 4 -10.30 14.12 2.12
CA MET A 4 -8.84 14.19 2.23
C MET A 4 -8.17 13.67 0.96
N GLY A 5 -8.90 12.90 0.17
CA GLY A 5 -8.37 12.37 -1.06
C GLY A 5 -7.34 11.28 -0.80
N HIS A 6 -6.10 11.55 -1.19
CA HIS A 6 -5.02 10.59 -0.99
C HIS A 6 -4.07 11.07 0.09
N MET A 7 -4.44 12.16 0.74
CA MET A 7 -3.59 12.76 1.75
C MET A 7 -4.20 12.56 3.13
N VAL A 8 -3.51 11.81 3.97
CA VAL A 8 -3.99 11.50 5.30
C VAL A 8 -2.78 11.46 6.23
N LYS A 9 -2.60 10.37 6.94
CA LYS A 9 -1.39 10.17 7.72
C LYS A 9 -0.27 9.70 6.81
N ILE A 10 -0.09 10.41 5.69
CA ILE A 10 0.92 10.09 4.74
C ILE A 10 1.85 11.27 4.58
N SER A 11 3.01 11.19 5.18
CA SER A 11 4.08 12.11 4.91
C SER A 11 4.99 11.46 3.88
N HIS A 12 6.10 12.10 3.56
CA HIS A 12 7.05 11.53 2.61
C HIS A 12 7.41 10.12 3.04
N GLU A 13 7.73 10.01 4.32
CA GLU A 13 8.11 8.76 4.92
C GLU A 13 6.99 7.72 4.81
N ASP A 14 5.75 8.14 5.02
CA ASP A 14 4.66 7.19 5.16
C ASP A 14 4.33 6.54 3.83
N THR A 15 4.26 7.32 2.76
CA THR A 15 3.99 6.77 1.44
C THR A 15 5.09 5.80 1.05
N GLN A 16 6.33 6.20 1.32
CA GLN A 16 7.48 5.35 1.06
C GLN A 16 7.32 4.04 1.81
N ARG A 17 6.83 4.15 3.04
CA ARG A 17 6.59 2.98 3.87
C ARG A 17 5.58 2.04 3.23
N ILE A 18 4.41 2.59 2.86
CA ILE A 18 3.33 1.77 2.34
C ILE A 18 3.74 1.02 1.07
N LYS A 19 4.34 1.72 0.11
CA LYS A 19 4.74 1.06 -1.12
C LYS A 19 5.78 0.01 -0.83
N THR A 20 6.84 0.46 -0.14
CA THR A 20 8.03 -0.34 0.01
C THR A 20 7.72 -1.66 0.71
N ALA A 21 6.87 -1.61 1.72
CA ALA A 21 6.57 -2.80 2.48
C ALA A 21 5.68 -3.72 1.67
N PHE A 22 4.52 -3.22 1.30
CA PHE A 22 3.53 -3.99 0.55
C PHE A 22 4.18 -4.82 -0.57
N LEU A 23 4.89 -4.16 -1.49
CA LEU A 23 5.48 -4.84 -2.63
C LEU A 23 6.54 -5.87 -2.20
N SER A 24 7.56 -5.39 -1.48
CA SER A 24 8.72 -6.20 -1.15
C SER A 24 8.34 -7.36 -0.24
N TYR A 25 7.31 -7.14 0.56
CA TYR A 25 6.89 -8.13 1.53
C TYR A 25 6.33 -9.35 0.86
N ALA A 26 5.32 -9.17 0.02
CA ALA A 26 4.66 -10.31 -0.56
C ALA A 26 5.49 -10.99 -1.63
N GLN A 27 5.67 -10.30 -2.76
CA GLN A 27 6.33 -10.93 -3.88
C GLN A 27 7.66 -10.27 -4.20
N GLY A 28 7.72 -8.99 -3.93
CA GLY A 28 8.78 -8.18 -4.49
C GLY A 28 8.37 -7.59 -5.83
N GLN A 29 7.25 -8.07 -6.39
CA GLN A 29 6.75 -7.55 -7.65
C GLN A 29 5.91 -6.29 -7.43
N ASP A 30 5.17 -5.89 -8.45
CA ASP A 30 4.29 -4.73 -8.37
C ASP A 30 2.96 -5.11 -7.73
N LYS A 31 2.89 -6.33 -7.22
CA LYS A 31 1.66 -6.85 -6.66
C LYS A 31 1.93 -7.62 -5.39
N VAL A 32 0.87 -8.05 -4.75
CA VAL A 32 0.96 -8.80 -3.53
C VAL A 32 0.04 -10.02 -3.53
N THR A 33 0.52 -11.08 -2.89
CA THR A 33 -0.24 -12.29 -2.66
C THR A 33 -1.31 -12.05 -1.59
N GLU A 34 -2.12 -13.04 -1.33
CA GLU A 34 -3.17 -12.95 -0.33
C GLU A 34 -2.62 -12.53 1.05
N ALA A 35 -1.38 -12.88 1.34
CA ALA A 35 -0.83 -12.81 2.71
C ALA A 35 -0.70 -11.38 3.21
N MET A 36 0.06 -10.57 2.49
CA MET A 36 0.22 -9.17 2.84
C MET A 36 -1.11 -8.46 2.69
N ILE A 37 -1.94 -8.99 1.79
CA ILE A 37 -3.23 -8.39 1.54
C ILE A 37 -4.14 -8.55 2.75
N ASP A 38 -4.13 -9.76 3.30
CA ASP A 38 -4.85 -10.10 4.50
C ASP A 38 -4.48 -9.20 5.68
N GLN A 39 -3.19 -8.90 5.82
CA GLN A 39 -2.72 -8.09 6.94
C GLN A 39 -3.37 -6.71 6.85
N LEU A 40 -3.36 -6.15 5.65
CA LEU A 40 -3.95 -4.86 5.42
C LEU A 40 -5.44 -4.92 5.66
N ILE A 41 -6.13 -5.80 4.96
CA ILE A 41 -7.59 -5.86 5.04
C ILE A 41 -8.08 -6.15 6.46
N CYS A 42 -7.39 -7.03 7.17
CA CYS A 42 -7.79 -7.38 8.53
C CYS A 42 -7.45 -6.23 9.48
N GLY A 43 -6.59 -5.34 9.01
CA GLY A 43 -6.21 -4.17 9.79
C GLY A 43 -7.39 -3.31 10.19
N ALA A 44 -8.22 -2.92 9.23
CA ALA A 44 -9.36 -2.04 9.51
C ALA A 44 -10.62 -2.84 9.79
N PHE A 45 -10.87 -3.84 8.95
CA PHE A 45 -12.04 -4.68 9.13
C PHE A 45 -11.66 -6.15 9.24
N PRO A 46 -11.67 -6.63 10.45
CA PRO A 46 -11.45 -8.02 10.76
C PRO A 46 -12.74 -8.82 10.81
N GLY A 47 -12.60 -10.13 10.97
CA GLY A 47 -13.76 -11.00 11.07
C GLY A 47 -14.35 -11.31 9.70
N LEU A 48 -13.58 -11.07 8.66
CA LEU A 48 -14.04 -11.32 7.30
C LEU A 48 -13.78 -12.77 6.92
N SER A 49 -14.81 -13.44 6.44
CA SER A 49 -14.64 -14.75 5.86
C SER A 49 -13.98 -14.57 4.50
N TRP A 50 -13.34 -15.59 3.97
CA TRP A 50 -12.57 -15.40 2.74
C TRP A 50 -13.47 -14.92 1.59
N GLU A 51 -14.70 -15.40 1.56
CA GLU A 51 -15.66 -14.95 0.55
C GLU A 51 -15.88 -13.44 0.66
N GLN A 52 -16.02 -12.96 1.88
CA GLN A 52 -16.25 -11.55 2.15
C GLN A 52 -14.99 -10.72 1.88
N LEU A 53 -13.84 -11.32 2.16
CA LEU A 53 -12.58 -10.62 1.97
C LEU A 53 -12.21 -10.58 0.48
N GLN A 54 -12.51 -11.66 -0.24
CA GLN A 54 -12.17 -11.74 -1.65
C GLN A 54 -12.96 -10.70 -2.44
N GLU A 55 -14.23 -10.50 -2.07
CA GLU A 55 -15.06 -9.49 -2.70
C GLU A 55 -14.59 -8.10 -2.30
N LYS A 56 -14.00 -7.99 -1.11
CA LYS A 56 -13.41 -6.75 -0.63
C LYS A 56 -12.48 -6.16 -1.68
N LYS A 57 -11.52 -6.97 -2.10
CA LYS A 57 -10.50 -6.51 -3.04
C LYS A 57 -10.85 -6.92 -4.47
N LYS A 58 -12.09 -7.40 -4.66
CA LYS A 58 -12.58 -7.76 -5.99
C LYS A 58 -12.46 -6.59 -6.97
N GLY A 59 -12.36 -6.92 -8.24
CA GLY A 59 -12.23 -5.89 -9.24
C GLY A 59 -10.80 -5.70 -9.66
N ARG A 60 -9.97 -5.24 -8.74
CA ARG A 60 -8.60 -4.91 -9.09
C ARG A 60 -7.63 -5.99 -8.61
N ALA A 61 -7.93 -6.61 -7.48
CA ALA A 61 -7.12 -7.74 -7.02
C ALA A 61 -7.69 -9.00 -7.63
N ALA A 62 -8.93 -8.88 -8.10
CA ALA A 62 -9.68 -10.00 -8.68
C ALA A 62 -9.87 -11.10 -7.66
N ALA A 63 -8.93 -12.01 -7.57
CA ALA A 63 -8.90 -12.98 -6.50
C ALA A 63 -7.65 -12.76 -5.67
N ASN A 64 -6.50 -12.95 -6.29
CA ASN A 64 -5.22 -12.73 -5.64
C ASN A 64 -4.31 -11.90 -6.53
N GLY A 65 -3.85 -10.78 -5.99
CA GLY A 65 -2.99 -9.89 -6.73
C GLY A 65 -3.32 -8.44 -6.49
N TYR A 66 -3.09 -7.96 -5.27
CA TYR A 66 -3.27 -6.53 -5.00
C TYR A 66 -2.10 -5.80 -5.56
N ASP A 67 -2.39 -4.92 -6.47
CA ASP A 67 -1.37 -4.18 -7.15
C ASP A 67 -1.32 -2.80 -6.54
N ARG A 68 -0.21 -2.15 -6.80
CA ARG A 68 0.17 -0.94 -6.08
C ARG A 68 -0.87 0.17 -6.23
N SER A 69 -1.59 0.19 -7.33
CA SER A 69 -2.64 1.19 -7.51
C SER A 69 -3.83 0.86 -6.61
N ALA A 70 -4.22 -0.41 -6.62
CA ALA A 70 -5.34 -0.89 -5.81
C ALA A 70 -5.03 -0.76 -4.32
N PHE A 71 -3.87 -1.29 -3.97
CA PHE A 71 -3.42 -1.29 -2.59
C PHE A 71 -3.29 0.14 -2.07
N PHE A 72 -2.65 1.00 -2.85
CA PHE A 72 -2.41 2.38 -2.43
C PHE A 72 -3.71 3.13 -2.28
N SER A 73 -4.65 2.87 -3.18
CA SER A 73 -5.94 3.54 -3.18
C SER A 73 -6.69 3.27 -1.87
N LEU A 74 -6.55 2.05 -1.36
CA LEU A 74 -7.19 1.66 -0.12
C LEU A 74 -6.47 2.29 1.08
N VAL A 75 -5.15 2.18 1.11
CA VAL A 75 -4.36 2.66 2.23
C VAL A 75 -4.41 4.17 2.34
N ALA A 76 -4.33 4.86 1.21
CA ALA A 76 -4.33 6.33 1.19
C ALA A 76 -5.64 6.91 1.74
N SER A 77 -6.62 6.05 1.92
CA SER A 77 -7.91 6.47 2.44
C SER A 77 -8.05 6.04 3.90
N ASP A 78 -7.13 5.21 4.36
CA ASP A 78 -7.20 4.63 5.70
C ASP A 78 -5.91 4.85 6.47
N GLU A 79 -5.96 5.77 7.44
CA GLU A 79 -4.78 6.14 8.21
C GLU A 79 -4.26 4.98 9.05
N GLN A 80 -5.14 4.09 9.46
CA GLN A 80 -4.70 2.94 10.23
C GLN A 80 -3.91 2.01 9.33
N TYR A 81 -4.16 2.13 8.04
CA TYR A 81 -3.52 1.30 7.02
C TYR A 81 -2.15 1.85 6.68
N VAL A 82 -2.06 3.16 6.52
CA VAL A 82 -0.83 3.79 6.18
C VAL A 82 0.20 3.57 7.28
N ARG A 83 -0.23 3.84 8.49
CA ARG A 83 0.59 3.61 9.67
C ARG A 83 0.74 2.13 9.91
N PHE A 84 -0.23 1.32 9.48
CA PHE A 84 -0.12 -0.12 9.71
C PHE A 84 1.19 -0.63 9.13
N ILE A 85 1.48 -0.20 7.91
CA ILE A 85 2.73 -0.57 7.27
C ILE A 85 3.89 0.21 7.87
N ALA A 86 3.70 1.51 8.06
CA ALA A 86 4.70 2.37 8.71
C ALA A 86 5.19 1.77 10.03
N GLN A 87 4.29 1.15 10.76
CA GLN A 87 4.63 0.53 12.04
C GLN A 87 5.46 -0.73 11.78
N HIS A 88 5.03 -1.51 10.80
CA HIS A 88 5.71 -2.76 10.45
C HIS A 88 7.08 -2.49 9.82
N PHE A 89 7.18 -1.40 9.05
CA PHE A 89 8.39 -1.15 8.27
C PHE A 89 8.66 0.34 8.12
N PRO A 90 9.76 0.81 8.72
CA PRO A 90 10.28 2.19 8.54
C PRO A 90 10.43 2.58 7.06
N CYS A 91 10.34 3.88 6.78
CA CYS A 91 10.41 4.40 5.42
C CYS A 91 11.80 4.25 4.87
N ALA A 92 11.85 3.78 3.63
CA ALA A 92 13.10 3.62 2.89
C ALA A 92 13.89 4.92 2.89
N PRO A 93 15.22 4.81 2.86
CA PRO A 93 16.12 5.97 3.03
C PRO A 93 16.12 6.91 1.83
N GLU A 94 15.64 6.39 0.68
CA GLU A 94 15.42 7.15 -0.56
C GLU A 94 16.63 7.98 -1.03
N GLU A 95 17.82 7.72 -0.51
CA GLU A 95 18.97 8.53 -0.85
C GLU A 95 19.97 7.77 -1.72
N GLU A 96 20.02 6.45 -1.56
CA GLU A 96 20.95 5.64 -2.32
C GLU A 96 20.64 5.67 -3.81
N LYS A 97 19.38 5.43 -4.15
CA LYS A 97 18.96 5.37 -5.54
C LYS A 97 17.43 5.23 -5.62
N PRO A 98 16.70 6.34 -5.46
CA PRO A 98 15.23 6.33 -5.54
C PRO A 98 14.75 6.39 -6.99
N PRO A 99 13.68 5.64 -7.31
CA PRO A 99 13.06 5.68 -8.64
C PRO A 99 12.61 7.09 -8.99
N GLU A 100 11.79 7.67 -8.13
CA GLU A 100 11.47 9.08 -8.20
C GLU A 100 11.40 9.62 -6.78
N ILE A 101 10.43 9.14 -6.03
CA ILE A 101 10.26 9.53 -4.63
C ILE A 101 9.89 8.33 -3.77
N ASP A 102 9.50 7.25 -4.44
CA ASP A 102 9.18 5.97 -3.81
C ASP A 102 8.01 6.13 -2.86
N ALA A 103 7.13 7.07 -3.21
CA ALA A 103 6.01 7.44 -2.36
C ALA A 103 4.76 7.74 -3.19
N LEU A 104 4.78 8.86 -3.90
CA LEU A 104 3.63 9.28 -4.70
C LEU A 104 4.03 9.41 -6.16
N GLU A 105 4.57 8.33 -6.70
CA GLU A 105 5.05 8.32 -8.08
C GLU A 105 4.20 7.43 -8.96
N LEU A 106 4.52 7.46 -10.25
CA LEU A 106 3.78 6.71 -11.25
C LEU A 106 4.70 5.76 -12.02
N LYS A 107 5.92 6.20 -12.25
CA LYS A 107 6.89 5.41 -13.00
C LYS A 107 8.06 5.02 -12.12
N THR A 108 7.96 3.87 -11.49
CA THR A 108 9.00 3.38 -10.60
C THR A 108 10.17 2.82 -11.39
N GLN A 109 11.11 3.68 -11.73
CA GLN A 109 12.33 3.26 -12.38
C GLN A 109 13.32 2.75 -11.33
N LYS A 110 13.30 1.45 -11.12
CA LYS A 110 14.10 0.84 -10.06
C LYS A 110 15.42 0.32 -10.60
N GLY A 111 16.39 0.15 -9.71
CA GLY A 111 17.71 -0.30 -10.11
C GLY A 111 17.80 -1.81 -10.19
N PHE A 112 16.85 -2.41 -10.90
CA PHE A 112 16.83 -3.84 -11.10
C PHE A 112 16.51 -4.14 -12.56
N GLY A 1 -2.75 15.94 -14.14
CA GLY A 1 -2.93 16.21 -12.70
C GLY A 1 -3.25 14.96 -11.91
N SER A 2 -3.73 15.14 -10.69
CA SER A 2 -4.09 14.02 -9.85
C SER A 2 -5.48 14.24 -9.27
N ALA A 3 -6.32 13.22 -9.35
CA ALA A 3 -7.67 13.30 -8.81
C ALA A 3 -7.69 12.86 -7.35
N MET A 4 -6.55 12.40 -6.88
CA MET A 4 -6.43 11.92 -5.52
C MET A 4 -5.46 12.78 -4.72
N GLY A 5 -5.81 13.06 -3.47
CA GLY A 5 -4.98 13.87 -2.62
C GLY A 5 -5.40 13.77 -1.17
N HIS A 6 -5.78 12.57 -0.76
CA HIS A 6 -6.26 12.34 0.60
C HIS A 6 -5.07 12.07 1.53
N MET A 7 -4.41 13.13 1.96
CA MET A 7 -3.29 13.00 2.87
C MET A 7 -3.79 12.98 4.31
N VAL A 8 -3.26 12.05 5.08
CA VAL A 8 -3.68 11.86 6.46
C VAL A 8 -2.45 11.55 7.30
N LYS A 9 -2.35 10.34 7.78
CA LYS A 9 -1.12 9.86 8.41
C LYS A 9 -0.09 9.49 7.35
N ILE A 10 0.01 10.32 6.33
CA ILE A 10 0.94 10.09 5.26
C ILE A 10 1.84 11.29 5.10
N SER A 11 3.05 11.18 5.60
CA SER A 11 4.08 12.14 5.30
C SER A 11 4.82 11.63 4.08
N HIS A 12 5.87 12.32 3.66
CA HIS A 12 6.68 11.83 2.54
C HIS A 12 7.13 10.42 2.83
N GLU A 13 7.63 10.22 4.04
CA GLU A 13 8.15 8.95 4.47
C GLU A 13 7.05 7.90 4.59
N ASP A 14 5.84 8.30 4.96
CA ASP A 14 4.78 7.32 5.18
C ASP A 14 4.33 6.71 3.87
N THR A 15 4.15 7.53 2.84
CA THR A 15 3.80 7.02 1.52
C THR A 15 4.87 6.06 1.02
N GLN A 16 6.12 6.44 1.26
CA GLN A 16 7.26 5.59 0.93
C GLN A 16 7.15 4.27 1.68
N ARG A 17 6.74 4.36 2.95
CA ARG A 17 6.59 3.19 3.79
C ARG A 17 5.57 2.21 3.22
N ILE A 18 4.41 2.72 2.85
CA ILE A 18 3.32 1.87 2.39
C ILE A 18 3.69 1.06 1.15
N LYS A 19 4.24 1.72 0.13
CA LYS A 19 4.58 1.02 -1.10
C LYS A 19 5.68 0.00 -0.84
N THR A 20 6.74 0.45 -0.20
CA THR A 20 7.92 -0.37 -0.03
C THR A 20 7.62 -1.66 0.71
N ALA A 21 6.78 -1.58 1.74
CA ALA A 21 6.50 -2.76 2.53
C ALA A 21 5.63 -3.73 1.78
N PHE A 22 4.44 -3.29 1.40
CA PHE A 22 3.47 -4.11 0.68
C PHE A 22 4.15 -4.94 -0.43
N LEU A 23 4.85 -4.29 -1.35
CA LEU A 23 5.47 -4.99 -2.47
C LEU A 23 6.51 -6.01 -2.01
N SER A 24 7.51 -5.53 -1.26
CA SER A 24 8.64 -6.36 -0.86
C SER A 24 8.22 -7.49 0.06
N TYR A 25 7.16 -7.25 0.81
CA TYR A 25 6.67 -8.23 1.77
C TYR A 25 6.14 -9.46 1.08
N ALA A 26 5.20 -9.27 0.19
CA ALA A 26 4.55 -10.41 -0.43
C ALA A 26 5.44 -11.11 -1.44
N GLN A 27 5.69 -10.45 -2.56
CA GLN A 27 6.39 -11.08 -3.65
C GLN A 27 7.74 -10.45 -3.91
N GLY A 28 7.82 -9.16 -3.63
CA GLY A 28 8.92 -8.37 -4.13
C GLY A 28 8.62 -7.86 -5.53
N GLN A 29 7.49 -8.29 -6.09
CA GLN A 29 7.09 -7.89 -7.42
C GLN A 29 6.24 -6.61 -7.40
N ASP A 30 5.56 -6.35 -8.49
CA ASP A 30 4.70 -5.16 -8.62
C ASP A 30 3.38 -5.35 -7.88
N LYS A 31 3.15 -6.57 -7.38
CA LYS A 31 1.88 -6.90 -6.77
C LYS A 31 2.10 -7.66 -5.48
N VAL A 32 1.01 -8.01 -4.84
CA VAL A 32 1.08 -8.73 -3.58
C VAL A 32 0.15 -9.90 -3.55
N THR A 33 0.65 -11.02 -3.06
CA THR A 33 -0.18 -12.17 -2.87
C THR A 33 -1.10 -11.90 -1.69
N GLU A 34 -2.20 -12.60 -1.66
CA GLU A 34 -3.31 -12.25 -0.80
C GLU A 34 -2.95 -12.23 0.69
N ALA A 35 -1.92 -12.98 1.08
CA ALA A 35 -1.54 -13.11 2.48
C ALA A 35 -1.21 -11.76 3.10
N MET A 36 -0.28 -11.03 2.48
CA MET A 36 0.03 -9.68 2.92
C MET A 36 -1.16 -8.79 2.73
N ILE A 37 -1.99 -9.14 1.78
CA ILE A 37 -3.18 -8.36 1.51
C ILE A 37 -4.15 -8.46 2.69
N ASP A 38 -4.29 -9.67 3.22
CA ASP A 38 -5.08 -9.94 4.39
C ASP A 38 -4.57 -9.18 5.61
N GLN A 39 -3.25 -8.98 5.67
CA GLN A 39 -2.65 -8.19 6.73
C GLN A 39 -3.29 -6.81 6.74
N LEU A 40 -3.32 -6.21 5.57
CA LEU A 40 -3.86 -4.88 5.42
C LEU A 40 -5.36 -4.90 5.62
N ILE A 41 -6.06 -5.75 4.87
CA ILE A 41 -7.52 -5.78 4.90
C ILE A 41 -8.04 -6.08 6.31
N CYS A 42 -7.43 -7.03 7.01
CA CYS A 42 -7.86 -7.38 8.36
C CYS A 42 -7.44 -6.28 9.33
N GLY A 43 -6.52 -5.43 8.87
CA GLY A 43 -6.09 -4.28 9.65
C GLY A 43 -7.23 -3.38 10.11
N ALA A 44 -8.08 -2.96 9.19
CA ALA A 44 -9.19 -2.06 9.54
C ALA A 44 -10.47 -2.85 9.79
N PHE A 45 -10.81 -3.72 8.86
CA PHE A 45 -12.01 -4.54 8.99
C PHE A 45 -11.68 -6.01 9.01
N PRO A 46 -11.72 -6.58 10.19
CA PRO A 46 -11.52 -7.99 10.39
C PRO A 46 -12.81 -8.79 10.39
N GLY A 47 -12.69 -10.09 10.59
CA GLY A 47 -13.86 -10.95 10.63
C GLY A 47 -14.41 -11.21 9.25
N LEU A 48 -13.59 -11.00 8.24
CA LEU A 48 -14.01 -11.18 6.86
C LEU A 48 -13.81 -12.62 6.42
N SER A 49 -14.87 -13.25 5.96
CA SER A 49 -14.77 -14.55 5.35
C SER A 49 -14.15 -14.39 3.97
N TRP A 50 -13.64 -15.45 3.39
CA TRP A 50 -12.88 -15.32 2.15
C TRP A 50 -13.72 -14.71 1.04
N GLU A 51 -14.98 -15.13 0.92
CA GLU A 51 -15.86 -14.60 -0.10
C GLU A 51 -16.06 -13.09 0.07
N GLN A 52 -16.13 -12.65 1.32
CA GLN A 52 -16.31 -11.24 1.64
C GLN A 52 -15.05 -10.42 1.31
N LEU A 53 -13.89 -11.01 1.58
CA LEU A 53 -12.62 -10.34 1.35
C LEU A 53 -12.27 -10.35 -0.14
N GLN A 54 -12.58 -11.44 -0.82
CA GLN A 54 -12.28 -11.57 -2.23
C GLN A 54 -13.05 -10.52 -3.03
N GLU A 55 -14.32 -10.30 -2.65
CA GLU A 55 -15.15 -9.31 -3.33
C GLU A 55 -14.68 -7.89 -3.00
N LYS A 56 -14.12 -7.71 -1.81
CA LYS A 56 -13.48 -6.45 -1.44
C LYS A 56 -12.53 -6.00 -2.54
N LYS A 57 -11.67 -6.94 -2.92
CA LYS A 57 -10.61 -6.69 -3.86
C LYS A 57 -11.00 -7.05 -5.30
N LYS A 58 -12.25 -7.41 -5.51
CA LYS A 58 -12.74 -7.70 -6.86
C LYS A 58 -12.73 -6.44 -7.70
N GLY A 59 -11.98 -6.48 -8.78
CA GLY A 59 -11.84 -5.33 -9.64
C GLY A 59 -10.41 -5.13 -10.07
N ARG A 60 -9.52 -5.00 -9.09
CA ARG A 60 -8.13 -4.74 -9.39
C ARG A 60 -7.23 -5.87 -8.89
N ALA A 61 -7.58 -6.43 -7.74
CA ALA A 61 -6.86 -7.59 -7.23
C ALA A 61 -7.51 -8.85 -7.77
N ALA A 62 -8.74 -8.67 -8.24
CA ALA A 62 -9.54 -9.75 -8.77
C ALA A 62 -9.75 -10.83 -7.71
N ALA A 63 -9.11 -11.97 -7.87
CA ALA A 63 -9.15 -13.00 -6.87
C ALA A 63 -7.96 -12.87 -5.94
N ASN A 64 -6.78 -13.22 -6.46
CA ASN A 64 -5.57 -13.16 -5.67
C ASN A 64 -4.53 -12.28 -6.32
N GLY A 65 -4.11 -11.26 -5.59
CA GLY A 65 -3.06 -10.39 -6.07
C GLY A 65 -3.43 -8.93 -6.10
N TYR A 66 -3.27 -8.23 -4.97
CA TYR A 66 -3.37 -6.76 -4.98
C TYR A 66 -2.23 -6.19 -5.78
N ASP A 67 -2.40 -4.96 -6.20
CA ASP A 67 -1.42 -4.29 -6.98
C ASP A 67 -1.17 -2.93 -6.38
N ARG A 68 -0.06 -2.33 -6.72
CA ARG A 68 0.36 -1.10 -6.07
C ARG A 68 -0.72 -0.02 -6.14
N SER A 69 -1.40 0.09 -7.27
CA SER A 69 -2.41 1.13 -7.44
C SER A 69 -3.63 0.84 -6.56
N ALA A 70 -4.10 -0.40 -6.60
CA ALA A 70 -5.25 -0.81 -5.79
C ALA A 70 -4.94 -0.66 -4.32
N PHE A 71 -3.82 -1.23 -3.94
CA PHE A 71 -3.37 -1.21 -2.56
C PHE A 71 -3.24 0.22 -2.06
N PHE A 72 -2.59 1.07 -2.85
CA PHE A 72 -2.32 2.44 -2.45
C PHE A 72 -3.62 3.22 -2.29
N SER A 73 -4.57 2.96 -3.18
CA SER A 73 -5.85 3.65 -3.16
C SER A 73 -6.61 3.35 -1.86
N LEU A 74 -6.46 2.14 -1.35
CA LEU A 74 -7.10 1.75 -0.11
C LEU A 74 -6.39 2.38 1.09
N VAL A 75 -5.07 2.21 1.14
CA VAL A 75 -4.28 2.67 2.28
C VAL A 75 -4.33 4.19 2.41
N ALA A 76 -4.28 4.89 1.29
CA ALA A 76 -4.32 6.35 1.29
C ALA A 76 -5.61 6.87 1.89
N SER A 77 -6.62 6.02 1.92
CA SER A 77 -7.92 6.39 2.43
C SER A 77 -8.09 5.93 3.88
N ASP A 78 -7.14 5.12 4.36
CA ASP A 78 -7.24 4.54 5.69
C ASP A 78 -5.96 4.76 6.49
N GLU A 79 -6.03 5.63 7.49
CA GLU A 79 -4.86 5.93 8.33
C GLU A 79 -4.41 4.70 9.11
N GLN A 80 -5.32 3.80 9.42
CA GLN A 80 -4.96 2.58 10.13
C GLN A 80 -3.95 1.80 9.30
N TYR A 81 -4.06 1.96 8.00
CA TYR A 81 -3.33 1.18 7.03
C TYR A 81 -1.96 1.76 6.79
N VAL A 82 -1.89 3.08 6.66
CA VAL A 82 -0.67 3.74 6.38
C VAL A 82 0.33 3.52 7.49
N ARG A 83 -0.11 3.79 8.71
CA ARG A 83 0.70 3.53 9.90
C ARG A 83 0.83 2.05 10.18
N PHE A 84 -0.12 1.23 9.73
CA PHE A 84 0.02 -0.22 9.91
C PHE A 84 1.34 -0.66 9.28
N ILE A 85 1.55 -0.22 8.04
CA ILE A 85 2.77 -0.56 7.33
C ILE A 85 3.95 0.25 7.84
N ALA A 86 3.77 1.57 7.96
CA ALA A 86 4.81 2.46 8.47
C ALA A 86 5.39 1.98 9.80
N GLN A 87 4.54 1.40 10.64
CA GLN A 87 4.99 0.87 11.91
C GLN A 87 5.75 -0.45 11.70
N HIS A 88 5.26 -1.26 10.75
CA HIS A 88 5.91 -2.52 10.41
C HIS A 88 7.28 -2.29 9.77
N PHE A 89 7.33 -1.39 8.81
CA PHE A 89 8.53 -1.17 8.02
C PHE A 89 8.73 0.32 7.74
N PRO A 90 9.77 0.92 8.34
CA PRO A 90 10.14 2.33 8.11
C PRO A 90 10.45 2.61 6.64
N CYS A 91 10.36 3.88 6.27
CA CYS A 91 10.49 4.32 4.90
C CYS A 91 11.88 4.04 4.34
N ALA A 92 11.90 3.53 3.12
CA ALA A 92 13.13 3.25 2.41
C ALA A 92 13.72 4.54 1.84
N PRO A 93 15.02 4.56 1.48
CA PRO A 93 15.64 5.73 0.87
C PRO A 93 15.00 6.10 -0.47
N GLU A 94 15.19 7.34 -0.87
CA GLU A 94 14.56 7.89 -2.07
C GLU A 94 15.28 7.45 -3.34
N GLU A 95 15.50 6.16 -3.46
CA GLU A 95 16.22 5.61 -4.59
C GLU A 95 15.28 5.30 -5.74
N GLU A 96 15.85 4.90 -6.87
CA GLU A 96 15.07 4.63 -8.07
C GLU A 96 14.62 3.17 -8.12
N LYS A 97 15.21 2.34 -7.25
CA LYS A 97 14.76 0.96 -7.11
C LYS A 97 13.37 0.92 -6.45
N PRO A 98 13.17 1.65 -5.33
CA PRO A 98 11.83 1.91 -4.79
C PRO A 98 10.86 2.44 -5.85
N PRO A 99 9.56 2.18 -5.69
CA PRO A 99 8.53 2.56 -6.66
C PRO A 99 8.27 4.07 -6.67
N GLU A 100 8.98 4.77 -7.56
CA GLU A 100 8.85 6.22 -7.72
C GLU A 100 9.02 6.98 -6.41
N ILE A 101 10.27 7.10 -6.01
CA ILE A 101 10.67 7.81 -4.80
C ILE A 101 10.06 7.13 -3.58
N ASP A 102 9.55 5.93 -3.82
CA ASP A 102 9.05 5.00 -2.81
C ASP A 102 7.67 5.42 -2.33
N ALA A 103 7.28 6.64 -2.66
CA ALA A 103 6.02 7.21 -2.18
C ALA A 103 5.05 7.48 -3.31
N LEU A 104 5.44 8.33 -4.26
CA LEU A 104 4.56 8.75 -5.36
C LEU A 104 5.18 9.93 -6.12
N GLU A 105 6.12 10.61 -5.47
CA GLU A 105 6.62 11.88 -5.97
C GLU A 105 7.43 11.73 -7.25
N LEU A 106 7.79 12.85 -7.85
CA LEU A 106 8.47 12.85 -9.13
C LEU A 106 9.98 12.75 -8.96
N LYS A 107 10.55 13.63 -8.14
CA LYS A 107 11.99 13.67 -7.94
C LYS A 107 12.32 14.32 -6.60
N THR A 108 13.28 13.73 -5.89
CA THR A 108 13.74 14.23 -4.58
C THR A 108 12.59 14.39 -3.59
N GLN A 109 12.91 14.96 -2.43
CA GLN A 109 11.95 15.21 -1.37
C GLN A 109 12.59 16.09 -0.31
N LYS A 110 12.00 16.15 0.88
CA LYS A 110 12.55 16.97 1.95
C LYS A 110 13.76 16.30 2.57
N GLY A 111 13.65 15.00 2.79
CA GLY A 111 14.74 14.25 3.40
C GLY A 111 14.49 14.06 4.89
N PHE A 112 14.54 15.17 5.63
CA PHE A 112 14.28 15.17 7.07
C PHE A 112 15.15 14.15 7.79
N GLY A 1 -14.00 3.94 6.70
CA GLY A 1 -13.15 4.83 5.87
C GLY A 1 -13.17 4.45 4.42
N SER A 2 -12.00 4.38 3.80
CA SER A 2 -11.86 4.00 2.39
C SER A 2 -12.68 4.92 1.48
N ALA A 3 -12.77 6.19 1.84
CA ALA A 3 -13.58 7.14 1.08
C ALA A 3 -12.74 7.89 0.05
N MET A 4 -11.55 7.37 -0.21
CA MET A 4 -10.62 7.96 -1.17
C MET A 4 -10.16 9.34 -0.72
N GLY A 5 -9.82 9.46 0.56
CA GLY A 5 -9.27 10.69 1.07
C GLY A 5 -7.93 11.01 0.44
N HIS A 6 -7.66 12.29 0.22
CA HIS A 6 -6.45 12.70 -0.46
C HIS A 6 -5.33 12.99 0.55
N MET A 7 -4.44 12.01 0.72
CA MET A 7 -3.30 12.12 1.65
C MET A 7 -3.79 12.21 3.10
N VAL A 8 -3.58 11.15 3.86
CA VAL A 8 -4.08 11.07 5.21
C VAL A 8 -2.93 11.24 6.19
N LYS A 9 -2.60 10.20 6.92
CA LYS A 9 -1.39 10.20 7.74
C LYS A 9 -0.16 9.94 6.89
N ILE A 10 -0.28 10.24 5.61
CA ILE A 10 0.77 9.99 4.67
C ILE A 10 1.63 11.23 4.48
N SER A 11 2.79 11.19 5.09
CA SER A 11 3.83 12.15 4.83
C SER A 11 4.75 11.53 3.78
N HIS A 12 5.86 12.18 3.46
CA HIS A 12 6.82 11.61 2.50
C HIS A 12 7.20 10.21 2.94
N GLU A 13 7.41 10.07 4.24
CA GLU A 13 7.84 8.81 4.79
C GLU A 13 6.75 7.75 4.76
N ASP A 14 5.49 8.13 4.98
CA ASP A 14 4.46 7.10 5.07
C ASP A 14 4.18 6.50 3.71
N THR A 15 4.12 7.33 2.67
CA THR A 15 3.96 6.79 1.32
C THR A 15 5.11 5.85 0.99
N GLN A 16 6.33 6.27 1.35
CA GLN A 16 7.50 5.40 1.20
C GLN A 16 7.24 4.09 1.90
N ARG A 17 6.74 4.19 3.13
CA ARG A 17 6.48 3.04 3.97
C ARG A 17 5.49 2.10 3.30
N ILE A 18 4.34 2.63 2.90
CA ILE A 18 3.26 1.79 2.38
C ILE A 18 3.68 1.03 1.12
N LYS A 19 4.25 1.73 0.14
CA LYS A 19 4.65 1.06 -1.09
C LYS A 19 5.70 0.02 -0.80
N THR A 20 6.75 0.47 -0.12
CA THR A 20 7.94 -0.32 0.02
C THR A 20 7.64 -1.63 0.74
N ALA A 21 6.78 -1.58 1.75
CA ALA A 21 6.50 -2.76 2.53
C ALA A 21 5.62 -3.73 1.76
N PHE A 22 4.43 -3.27 1.41
CA PHE A 22 3.45 -4.08 0.69
C PHE A 22 4.12 -4.89 -0.44
N LEU A 23 4.80 -4.20 -1.35
CA LEU A 23 5.41 -4.87 -2.49
C LEU A 23 6.47 -5.89 -2.07
N SER A 24 7.48 -5.41 -1.33
CA SER A 24 8.63 -6.23 -1.00
C SER A 24 8.25 -7.40 -0.10
N TYR A 25 7.21 -7.19 0.70
CA TYR A 25 6.78 -8.19 1.65
C TYR A 25 6.24 -9.41 0.94
N ALA A 26 5.29 -9.21 0.06
CA ALA A 26 4.65 -10.34 -0.57
C ALA A 26 5.54 -11.00 -1.62
N GLN A 27 5.74 -10.30 -2.71
CA GLN A 27 6.46 -10.88 -3.83
C GLN A 27 7.77 -10.16 -4.10
N GLY A 28 7.77 -8.87 -3.81
CA GLY A 28 8.80 -8.00 -4.32
C GLY A 28 8.41 -7.39 -5.65
N GLN A 29 7.37 -7.94 -6.28
CA GLN A 29 6.95 -7.49 -7.60
C GLN A 29 5.94 -6.34 -7.53
N ASP A 30 5.29 -6.08 -8.66
CA ASP A 30 4.31 -5.00 -8.77
C ASP A 30 3.08 -5.25 -7.90
N LYS A 31 2.90 -6.49 -7.46
CA LYS A 31 1.68 -6.86 -6.78
C LYS A 31 1.99 -7.65 -5.52
N VAL A 32 0.95 -8.04 -4.83
CA VAL A 32 1.09 -8.74 -3.57
C VAL A 32 0.18 -9.95 -3.49
N THR A 33 0.75 -11.03 -3.01
CA THR A 33 -0.02 -12.21 -2.75
C THR A 33 -0.92 -11.94 -1.55
N GLU A 34 -1.98 -12.69 -1.47
CA GLU A 34 -3.10 -12.36 -0.60
C GLU A 34 -2.72 -12.28 0.89
N ALA A 35 -1.67 -12.98 1.29
CA ALA A 35 -1.26 -13.06 2.70
C ALA A 35 -0.98 -11.67 3.24
N MET A 36 -0.10 -10.93 2.57
CA MET A 36 0.20 -9.56 2.95
C MET A 36 -1.02 -8.70 2.74
N ILE A 37 -1.86 -9.13 1.82
CA ILE A 37 -3.08 -8.40 1.54
C ILE A 37 -4.02 -8.46 2.76
N ASP A 38 -4.08 -9.65 3.35
CA ASP A 38 -4.83 -9.89 4.56
C ASP A 38 -4.30 -9.08 5.73
N GLN A 39 -2.99 -8.83 5.73
CA GLN A 39 -2.37 -7.99 6.74
C GLN A 39 -3.05 -6.63 6.73
N LEU A 40 -3.14 -6.07 5.54
CA LEU A 40 -3.75 -4.78 5.38
C LEU A 40 -5.23 -4.86 5.65
N ILE A 41 -5.93 -5.73 4.91
CA ILE A 41 -7.39 -5.79 4.98
C ILE A 41 -7.89 -6.06 6.41
N CYS A 42 -7.23 -6.96 7.12
CA CYS A 42 -7.63 -7.30 8.48
C CYS A 42 -7.29 -6.16 9.43
N GLY A 43 -6.37 -5.31 8.99
CA GLY A 43 -6.01 -4.12 9.73
C GLY A 43 -7.20 -3.25 10.09
N ALA A 44 -8.05 -2.92 9.11
CA ALA A 44 -9.21 -2.08 9.36
C ALA A 44 -10.46 -2.92 9.60
N PHE A 45 -10.75 -3.83 8.68
CA PHE A 45 -11.94 -4.65 8.77
C PHE A 45 -11.61 -6.13 8.74
N PRO A 46 -11.68 -6.73 9.90
CA PRO A 46 -11.56 -8.15 10.06
C PRO A 46 -12.91 -8.87 10.04
N GLY A 47 -12.88 -10.17 10.26
CA GLY A 47 -14.09 -10.94 10.28
C GLY A 47 -14.68 -11.13 8.90
N LEU A 48 -13.81 -11.14 7.90
CA LEU A 48 -14.24 -11.30 6.52
C LEU A 48 -14.07 -12.74 6.08
N SER A 49 -15.15 -13.34 5.61
CA SER A 49 -15.06 -14.62 4.92
C SER A 49 -14.41 -14.38 3.57
N TRP A 50 -13.85 -15.40 2.94
CA TRP A 50 -13.07 -15.19 1.73
C TRP A 50 -13.91 -14.48 0.66
N GLU A 51 -15.17 -14.85 0.56
CA GLU A 51 -16.08 -14.20 -0.39
C GLU A 51 -16.13 -12.68 -0.17
N GLN A 52 -16.20 -12.28 1.09
CA GLN A 52 -16.27 -10.88 1.45
C GLN A 52 -14.94 -10.18 1.22
N LEU A 53 -13.86 -10.88 1.46
CA LEU A 53 -12.54 -10.29 1.31
C LEU A 53 -12.17 -10.19 -0.16
N GLN A 54 -12.46 -11.24 -0.91
CA GLN A 54 -12.10 -11.29 -2.32
C GLN A 54 -12.88 -10.24 -3.11
N GLU A 55 -14.09 -9.91 -2.64
CA GLU A 55 -14.85 -8.84 -3.27
C GLU A 55 -14.27 -7.48 -2.86
N LYS A 56 -13.68 -7.42 -1.66
CA LYS A 56 -13.03 -6.21 -1.18
C LYS A 56 -12.04 -5.68 -2.19
N LYS A 57 -11.13 -6.55 -2.61
CA LYS A 57 -10.04 -6.18 -3.50
C LYS A 57 -10.27 -6.67 -4.93
N LYS A 58 -11.51 -7.06 -5.21
CA LYS A 58 -11.92 -7.56 -6.54
C LYS A 58 -11.38 -6.70 -7.69
N GLY A 59 -11.31 -7.30 -8.87
CA GLY A 59 -10.86 -6.59 -10.05
C GLY A 59 -9.36 -6.43 -10.10
N ARG A 60 -8.82 -5.69 -9.15
CA ARG A 60 -7.40 -5.38 -9.11
C ARG A 60 -6.62 -6.56 -8.57
N ALA A 61 -7.05 -7.05 -7.43
CA ALA A 61 -6.50 -8.29 -6.91
C ALA A 61 -7.29 -9.44 -7.48
N ALA A 62 -8.53 -9.12 -7.84
CA ALA A 62 -9.47 -10.09 -8.39
C ALA A 62 -9.68 -11.23 -7.41
N ALA A 63 -8.91 -12.30 -7.56
CA ALA A 63 -8.89 -13.36 -6.58
C ALA A 63 -7.67 -13.20 -5.71
N ASN A 64 -6.49 -13.30 -6.32
CA ASN A 64 -5.24 -13.19 -5.60
C ASN A 64 -4.26 -12.29 -6.33
N GLY A 65 -3.83 -11.24 -5.66
CA GLY A 65 -2.81 -10.36 -6.22
C GLY A 65 -3.19 -8.90 -6.21
N TYR A 66 -3.19 -8.26 -5.04
CA TYR A 66 -3.36 -6.80 -4.99
C TYR A 66 -2.24 -6.12 -5.72
N ASP A 67 -2.55 -5.00 -6.34
CA ASP A 67 -1.60 -4.29 -7.13
C ASP A 67 -1.40 -2.93 -6.51
N ARG A 68 -0.26 -2.31 -6.77
CA ARG A 68 0.13 -1.11 -6.04
C ARG A 68 -0.90 0.00 -6.11
N SER A 69 -1.50 0.20 -7.27
CA SER A 69 -2.50 1.25 -7.45
C SER A 69 -3.74 0.94 -6.60
N ALA A 70 -4.13 -0.33 -6.59
CA ALA A 70 -5.28 -0.78 -5.81
C ALA A 70 -5.00 -0.65 -4.33
N PHE A 71 -3.88 -1.23 -3.92
CA PHE A 71 -3.47 -1.23 -2.54
C PHE A 71 -3.35 0.20 -2.03
N PHE A 72 -2.67 1.04 -2.79
CA PHE A 72 -2.45 2.42 -2.39
C PHE A 72 -3.76 3.19 -2.33
N SER A 73 -4.67 2.86 -3.23
CA SER A 73 -5.98 3.51 -3.27
C SER A 73 -6.71 3.33 -1.94
N LEU A 74 -6.56 2.15 -1.36
CA LEU A 74 -7.20 1.84 -0.09
C LEU A 74 -6.47 2.52 1.07
N VAL A 75 -5.14 2.37 1.09
CA VAL A 75 -4.32 2.87 2.20
C VAL A 75 -4.33 4.38 2.26
N ALA A 76 -4.27 5.03 1.09
CA ALA A 76 -4.19 6.49 1.02
C ALA A 76 -5.36 7.17 1.71
N SER A 77 -6.44 6.42 1.89
CA SER A 77 -7.62 6.95 2.52
C SER A 77 -7.69 6.52 3.99
N ASP A 78 -7.01 5.43 4.32
CA ASP A 78 -7.11 4.84 5.64
C ASP A 78 -5.80 4.95 6.41
N GLU A 79 -5.75 5.86 7.37
CA GLU A 79 -4.56 6.09 8.18
C GLU A 79 -4.19 4.86 8.99
N GLN A 80 -5.19 4.04 9.33
CA GLN A 80 -4.94 2.79 10.03
C GLN A 80 -3.95 1.97 9.24
N TYR A 81 -4.07 2.09 7.93
CA TYR A 81 -3.36 1.27 6.99
C TYR A 81 -1.98 1.82 6.71
N VAL A 82 -1.90 3.14 6.59
CA VAL A 82 -0.67 3.80 6.32
C VAL A 82 0.32 3.57 7.44
N ARG A 83 -0.15 3.84 8.64
CA ARG A 83 0.62 3.58 9.85
C ARG A 83 0.76 2.09 10.08
N PHE A 84 -0.20 1.30 9.60
CA PHE A 84 -0.12 -0.14 9.78
C PHE A 84 1.18 -0.65 9.18
N ILE A 85 1.46 -0.18 7.97
CA ILE A 85 2.68 -0.57 7.30
C ILE A 85 3.88 0.16 7.89
N ALA A 86 3.73 1.46 8.13
CA ALA A 86 4.75 2.26 8.82
C ALA A 86 5.22 1.59 10.11
N GLN A 87 4.27 0.97 10.80
CA GLN A 87 4.54 0.29 12.05
C GLN A 87 5.35 -0.97 11.78
N HIS A 88 5.00 -1.66 10.71
CA HIS A 88 5.73 -2.87 10.30
C HIS A 88 7.11 -2.54 9.74
N PHE A 89 7.17 -1.60 8.81
CA PHE A 89 8.38 -1.34 8.06
C PHE A 89 8.58 0.16 7.80
N PRO A 90 9.61 0.75 8.43
CA PRO A 90 10.00 2.15 8.23
C PRO A 90 10.22 2.52 6.76
N CYS A 91 10.12 3.81 6.46
CA CYS A 91 10.18 4.32 5.09
C CYS A 91 11.52 4.05 4.43
N ALA A 92 11.46 3.36 3.31
CA ALA A 92 12.66 3.00 2.55
C ALA A 92 12.53 3.43 1.09
N PRO A 93 13.66 3.72 0.43
CA PRO A 93 13.69 4.19 -0.96
C PRO A 93 13.58 3.06 -1.97
N GLU A 94 12.41 2.48 -2.06
CA GLU A 94 12.18 1.37 -2.97
C GLU A 94 10.88 1.53 -3.76
N GLU A 95 10.83 2.57 -4.59
CA GLU A 95 9.75 2.77 -5.52
C GLU A 95 9.55 1.56 -6.43
N GLU A 96 10.60 1.24 -7.18
CA GLU A 96 10.53 0.18 -8.17
C GLU A 96 11.89 -0.49 -8.29
N LYS A 97 12.83 0.25 -8.84
CA LYS A 97 14.20 -0.20 -8.98
C LYS A 97 15.15 0.99 -8.95
N PRO A 98 14.86 2.09 -9.68
CA PRO A 98 15.57 3.35 -9.52
C PRO A 98 14.87 4.23 -8.48
N PRO A 99 15.43 4.33 -7.27
CA PRO A 99 14.84 5.11 -6.18
C PRO A 99 14.71 6.59 -6.53
N GLU A 100 13.53 7.14 -6.33
CA GLU A 100 13.26 8.53 -6.64
C GLU A 100 12.87 9.28 -5.37
N ILE A 101 11.57 9.45 -5.16
CA ILE A 101 11.06 9.94 -3.90
C ILE A 101 10.36 8.81 -3.19
N ASP A 102 9.94 7.83 -4.00
CA ASP A 102 9.40 6.56 -3.53
C ASP A 102 8.13 6.78 -2.74
N ALA A 103 7.46 7.89 -3.05
CA ALA A 103 6.29 8.32 -2.31
C ALA A 103 5.49 9.34 -3.09
N LEU A 104 4.18 9.10 -3.17
CA LEU A 104 3.22 10.09 -3.65
C LEU A 104 3.31 10.32 -5.16
N GLU A 105 4.27 9.64 -5.81
CA GLU A 105 4.47 9.76 -7.25
C GLU A 105 4.90 11.16 -7.63
N LEU A 106 4.90 11.45 -8.93
CA LEU A 106 5.24 12.77 -9.43
C LEU A 106 6.67 13.12 -9.07
N LYS A 107 7.02 14.39 -9.15
CA LYS A 107 8.34 14.85 -8.74
C LYS A 107 8.31 16.34 -8.49
N THR A 108 9.14 16.78 -7.56
CA THR A 108 9.22 18.19 -7.23
C THR A 108 10.34 18.85 -8.05
N GLN A 109 10.07 20.01 -8.60
CA GLN A 109 11.05 20.73 -9.39
C GLN A 109 11.35 22.07 -8.76
N LYS A 110 12.47 22.67 -9.14
CA LYS A 110 12.87 23.95 -8.58
C LYS A 110 13.57 24.80 -9.65
N GLY A 111 13.36 26.11 -9.58
CA GLY A 111 13.94 27.01 -10.54
C GLY A 111 15.31 27.51 -10.13
N PHE A 112 16.23 26.58 -9.94
CA PHE A 112 17.59 26.92 -9.54
C PHE A 112 18.58 26.07 -10.34
N GLY A 1 -13.96 24.15 3.38
CA GLY A 1 -13.46 23.93 2.00
C GLY A 1 -12.00 23.54 1.99
N SER A 2 -11.22 24.22 1.16
CA SER A 2 -9.79 23.94 1.07
C SER A 2 -9.00 24.92 1.93
N ALA A 3 -8.43 24.41 3.02
CA ALA A 3 -7.63 25.25 3.91
C ALA A 3 -6.17 24.78 3.93
N MET A 4 -5.92 23.72 4.69
CA MET A 4 -4.57 23.18 4.83
C MET A 4 -4.64 21.82 5.50
N GLY A 5 -3.49 21.19 5.64
CA GLY A 5 -3.44 19.89 6.28
C GLY A 5 -2.55 18.92 5.54
N HIS A 6 -2.87 17.65 5.63
CA HIS A 6 -2.09 16.61 4.96
C HIS A 6 -3.02 15.69 4.19
N MET A 7 -2.45 14.88 3.30
CA MET A 7 -3.22 13.91 2.53
C MET A 7 -3.96 12.99 3.47
N VAL A 8 -3.18 12.19 4.14
CA VAL A 8 -3.66 11.35 5.24
C VAL A 8 -2.57 11.38 6.30
N LYS A 9 -2.32 10.25 6.89
CA LYS A 9 -1.18 10.09 7.77
C LYS A 9 0.07 9.82 6.93
N ILE A 10 0.14 10.48 5.78
CA ILE A 10 1.14 10.20 4.79
C ILE A 10 2.01 11.43 4.54
N SER A 11 3.20 11.42 5.09
CA SER A 11 4.24 12.35 4.68
C SER A 11 5.01 11.71 3.52
N HIS A 12 6.10 12.34 3.08
CA HIS A 12 6.93 11.75 2.03
C HIS A 12 7.39 10.37 2.49
N GLU A 13 7.81 10.34 3.74
CA GLU A 13 8.31 9.12 4.35
C GLU A 13 7.21 8.08 4.46
N ASP A 14 5.98 8.52 4.69
CA ASP A 14 4.90 7.59 4.95
C ASP A 14 4.49 6.86 3.68
N THR A 15 4.39 7.58 2.57
CA THR A 15 4.06 6.94 1.31
C THR A 15 5.13 5.92 0.96
N GLN A 16 6.39 6.26 1.26
CA GLN A 16 7.50 5.36 0.99
C GLN A 16 7.32 4.03 1.70
N ARG A 17 6.95 4.04 2.98
CA ARG A 17 6.80 2.79 3.73
C ARG A 17 5.68 1.95 3.19
N ILE A 18 4.50 2.54 3.02
CA ILE A 18 3.33 1.77 2.59
C ILE A 18 3.58 0.98 1.32
N LYS A 19 4.09 1.65 0.29
CA LYS A 19 4.31 0.98 -0.99
C LYS A 19 5.41 -0.04 -0.85
N THR A 20 6.50 0.40 -0.23
CA THR A 20 7.70 -0.39 -0.20
C THR A 20 7.48 -1.70 0.54
N ALA A 21 6.69 -1.65 1.60
CA ALA A 21 6.47 -2.82 2.42
C ALA A 21 5.56 -3.78 1.71
N PHE A 22 4.40 -3.29 1.32
CA PHE A 22 3.41 -4.06 0.59
C PHE A 22 4.06 -4.96 -0.48
N LEU A 23 4.77 -4.37 -1.43
CA LEU A 23 5.38 -5.12 -2.53
C LEU A 23 6.43 -6.12 -2.04
N SER A 24 7.44 -5.58 -1.35
CA SER A 24 8.61 -6.34 -0.93
C SER A 24 8.25 -7.48 0.00
N TYR A 25 7.19 -7.28 0.75
CA TYR A 25 6.75 -8.23 1.74
C TYR A 25 6.18 -9.46 1.08
N ALA A 26 5.27 -9.27 0.13
CA ALA A 26 4.60 -10.41 -0.43
C ALA A 26 5.52 -11.24 -1.30
N GLN A 27 5.91 -10.72 -2.45
CA GLN A 27 6.81 -11.44 -3.32
C GLN A 27 8.12 -10.69 -3.51
N GLY A 28 8.02 -9.37 -3.45
CA GLY A 28 9.06 -8.54 -4.01
C GLY A 28 8.66 -8.07 -5.40
N GLN A 29 7.61 -8.66 -5.96
CA GLN A 29 7.06 -8.26 -7.26
C GLN A 29 6.27 -6.96 -7.16
N ASP A 30 5.48 -6.68 -8.21
CA ASP A 30 4.80 -5.39 -8.35
C ASP A 30 3.36 -5.46 -7.85
N LYS A 31 2.97 -6.60 -7.29
CA LYS A 31 1.65 -6.79 -6.72
C LYS A 31 1.83 -7.53 -5.42
N VAL A 32 0.74 -7.93 -4.77
CA VAL A 32 0.87 -8.68 -3.52
C VAL A 32 -0.05 -9.89 -3.44
N THR A 33 0.50 -10.96 -2.88
CA THR A 33 -0.22 -12.18 -2.65
C THR A 33 -1.19 -12.04 -1.47
N GLU A 34 -1.95 -13.07 -1.20
CA GLU A 34 -3.03 -13.01 -0.21
C GLU A 34 -2.59 -12.54 1.18
N ALA A 35 -1.38 -12.90 1.60
CA ALA A 35 -0.97 -12.79 2.99
C ALA A 35 -0.85 -11.33 3.42
N MET A 36 -0.05 -10.59 2.68
CA MET A 36 0.16 -9.19 2.93
C MET A 36 -1.12 -8.41 2.65
N ILE A 37 -1.93 -8.94 1.76
CA ILE A 37 -3.20 -8.31 1.45
C ILE A 37 -4.16 -8.46 2.61
N ASP A 38 -4.10 -9.63 3.24
CA ASP A 38 -4.88 -9.94 4.41
C ASP A 38 -4.39 -9.10 5.60
N GLN A 39 -3.10 -8.81 5.62
CA GLN A 39 -2.52 -7.95 6.64
C GLN A 39 -3.25 -6.61 6.65
N LEU A 40 -3.34 -6.03 5.46
CA LEU A 40 -4.00 -4.77 5.29
C LEU A 40 -5.49 -4.91 5.55
N ILE A 41 -6.15 -5.78 4.82
CA ILE A 41 -7.61 -5.87 4.90
C ILE A 41 -8.10 -6.26 6.30
N CYS A 42 -7.47 -7.25 6.91
CA CYS A 42 -7.89 -7.69 8.23
C CYS A 42 -7.45 -6.67 9.28
N GLY A 43 -6.55 -5.78 8.88
CA GLY A 43 -6.08 -4.71 9.75
C GLY A 43 -7.21 -3.88 10.36
N ALA A 44 -8.08 -3.33 9.52
CA ALA A 44 -9.16 -2.47 10.00
C ALA A 44 -10.44 -3.27 10.22
N PHE A 45 -10.81 -4.07 9.24
CA PHE A 45 -11.99 -4.92 9.35
C PHE A 45 -11.64 -6.38 9.25
N PRO A 46 -11.67 -7.04 10.38
CA PRO A 46 -11.40 -8.46 10.47
C PRO A 46 -12.65 -9.33 10.35
N GLY A 47 -13.78 -8.72 10.03
CA GLY A 47 -15.02 -9.46 9.93
C GLY A 47 -15.34 -9.86 8.51
N LEU A 48 -14.31 -9.91 7.68
CA LEU A 48 -14.49 -10.30 6.29
C LEU A 48 -14.10 -11.76 6.09
N SER A 49 -15.03 -12.54 5.58
CA SER A 49 -14.74 -13.92 5.20
C SER A 49 -14.08 -13.92 3.83
N TRP A 50 -13.44 -15.02 3.44
CA TRP A 50 -12.68 -15.03 2.19
C TRP A 50 -13.58 -14.69 1.00
N GLU A 51 -14.84 -15.10 1.05
CA GLU A 51 -15.80 -14.74 0.01
C GLU A 51 -15.99 -13.22 -0.07
N GLN A 52 -16.32 -12.62 1.05
CA GLN A 52 -16.51 -11.16 1.12
C GLN A 52 -15.20 -10.43 0.83
N LEU A 53 -14.10 -11.03 1.23
CA LEU A 53 -12.81 -10.40 1.08
C LEU A 53 -12.33 -10.49 -0.38
N GLN A 54 -12.58 -11.62 -1.01
CA GLN A 54 -12.17 -11.81 -2.39
C GLN A 54 -12.86 -10.80 -3.31
N GLU A 55 -14.15 -10.56 -3.04
CA GLU A 55 -14.92 -9.58 -3.80
C GLU A 55 -14.49 -8.17 -3.44
N LYS A 56 -14.02 -7.99 -2.21
CA LYS A 56 -13.43 -6.72 -1.76
C LYS A 56 -12.47 -6.18 -2.79
N LYS A 57 -11.49 -6.99 -3.14
CA LYS A 57 -10.42 -6.55 -4.01
C LYS A 57 -10.61 -7.05 -5.45
N LYS A 58 -11.80 -7.55 -5.74
CA LYS A 58 -12.16 -7.94 -7.11
C LYS A 58 -12.00 -6.77 -8.07
N GLY A 59 -11.66 -7.06 -9.31
CA GLY A 59 -11.43 -6.03 -10.29
C GLY A 59 -9.98 -5.85 -10.59
N ARG A 60 -9.20 -5.69 -9.54
CA ARG A 60 -7.81 -5.36 -9.69
C ARG A 60 -6.91 -6.44 -9.12
N ALA A 61 -7.28 -6.97 -7.96
CA ALA A 61 -6.55 -8.07 -7.38
C ALA A 61 -7.19 -9.37 -7.80
N ALA A 62 -8.37 -9.24 -8.40
CA ALA A 62 -9.17 -10.38 -8.83
C ALA A 62 -9.50 -11.28 -7.64
N ALA A 63 -8.79 -12.39 -7.50
CA ALA A 63 -8.89 -13.18 -6.29
C ALA A 63 -7.92 -12.63 -5.27
N ASN A 64 -6.64 -12.71 -5.62
CA ASN A 64 -5.59 -12.13 -4.82
C ASN A 64 -4.49 -11.59 -5.72
N GLY A 65 -4.01 -10.41 -5.38
CA GLY A 65 -2.99 -9.75 -6.19
C GLY A 65 -3.18 -8.26 -6.23
N TYR A 66 -3.25 -7.64 -5.06
CA TYR A 66 -3.37 -6.19 -4.99
C TYR A 66 -2.15 -5.58 -5.60
N ASP A 67 -2.35 -4.66 -6.49
CA ASP A 67 -1.27 -4.04 -7.16
C ASP A 67 -1.03 -2.70 -6.52
N ARG A 68 0.08 -2.10 -6.85
CA ARG A 68 0.50 -0.87 -6.20
C ARG A 68 -0.59 0.20 -6.27
N SER A 69 -1.28 0.30 -7.39
CA SER A 69 -2.32 1.31 -7.55
C SER A 69 -3.55 0.97 -6.73
N ALA A 70 -3.96 -0.30 -6.74
CA ALA A 70 -5.15 -0.73 -6.01
C ALA A 70 -4.95 -0.60 -4.51
N PHE A 71 -3.87 -1.21 -4.04
CA PHE A 71 -3.60 -1.28 -2.63
C PHE A 71 -3.32 0.11 -2.08
N PHE A 72 -2.60 0.94 -2.83
CA PHE A 72 -2.29 2.30 -2.37
C PHE A 72 -3.56 3.12 -2.25
N SER A 73 -4.44 2.97 -3.24
CA SER A 73 -5.68 3.72 -3.28
C SER A 73 -6.50 3.50 -2.02
N LEU A 74 -6.46 2.27 -1.51
CA LEU A 74 -7.18 1.95 -0.28
C LEU A 74 -6.47 2.55 0.93
N VAL A 75 -5.15 2.37 1.03
CA VAL A 75 -4.40 2.85 2.19
C VAL A 75 -4.48 4.37 2.28
N ALA A 76 -4.54 5.03 1.13
CA ALA A 76 -4.68 6.48 1.08
C ALA A 76 -6.03 6.95 1.59
N SER A 77 -6.82 6.01 2.10
CA SER A 77 -8.08 6.35 2.72
C SER A 77 -8.07 5.96 4.21
N ASP A 78 -7.17 5.05 4.58
CA ASP A 78 -7.16 4.50 5.94
C ASP A 78 -5.86 4.80 6.68
N GLU A 79 -5.97 5.62 7.73
CA GLU A 79 -4.84 5.94 8.59
C GLU A 79 -4.31 4.71 9.29
N GLN A 80 -5.21 3.82 9.69
CA GLN A 80 -4.83 2.60 10.38
C GLN A 80 -3.88 1.81 9.51
N TYR A 81 -4.14 1.87 8.22
CA TYR A 81 -3.40 1.12 7.22
C TYR A 81 -2.11 1.82 6.86
N VAL A 82 -2.17 3.14 6.73
CA VAL A 82 -0.99 3.92 6.42
C VAL A 82 0.07 3.68 7.49
N ARG A 83 -0.34 3.83 8.73
CA ARG A 83 0.55 3.56 9.84
C ARG A 83 0.77 2.08 10.01
N PHE A 84 -0.19 1.25 9.59
CA PHE A 84 -0.06 -0.20 9.81
C PHE A 84 1.24 -0.69 9.19
N ILE A 85 1.51 -0.21 7.99
CA ILE A 85 2.75 -0.57 7.33
C ILE A 85 3.92 0.20 7.94
N ALA A 86 3.74 1.51 8.09
CA ALA A 86 4.76 2.37 8.70
C ALA A 86 5.27 1.81 10.02
N GLN A 87 4.38 1.19 10.78
CA GLN A 87 4.71 0.64 12.07
C GLN A 87 5.42 -0.70 11.92
N HIS A 88 4.94 -1.53 10.99
CA HIS A 88 5.52 -2.86 10.83
C HIS A 88 6.74 -2.82 9.91
N PHE A 89 6.95 -1.68 9.24
CA PHE A 89 8.11 -1.49 8.40
C PHE A 89 8.38 0.00 8.18
N PRO A 90 9.48 0.51 8.76
CA PRO A 90 9.90 1.91 8.58
C PRO A 90 10.25 2.24 7.13
N CYS A 91 10.04 3.50 6.77
CA CYS A 91 10.34 3.99 5.43
C CYS A 91 11.83 3.97 5.18
N ALA A 92 12.18 3.54 3.99
CA ALA A 92 13.58 3.43 3.61
C ALA A 92 14.18 4.80 3.35
N PRO A 93 15.45 4.97 3.75
CA PRO A 93 16.17 6.23 3.60
C PRO A 93 16.53 6.52 2.15
N GLU A 94 17.19 5.57 1.51
CA GLU A 94 17.62 5.70 0.12
C GLU A 94 18.39 6.99 -0.11
N GLU A 95 19.48 7.14 0.65
CA GLU A 95 20.31 8.36 0.62
C GLU A 95 19.53 9.58 1.11
N GLU A 96 20.25 10.63 1.48
CA GLU A 96 19.62 11.83 2.02
C GLU A 96 19.78 13.02 1.09
N LYS A 97 19.82 12.74 -0.21
CA LYS A 97 19.91 13.80 -1.21
C LYS A 97 18.95 13.58 -2.38
N PRO A 98 19.00 12.42 -3.09
CA PRO A 98 18.13 12.19 -4.26
C PRO A 98 16.66 12.04 -3.88
N PRO A 99 15.78 12.72 -4.65
CA PRO A 99 14.33 12.57 -4.51
C PRO A 99 13.79 11.44 -5.37
N GLU A 100 12.47 11.47 -5.64
CA GLU A 100 11.78 10.45 -6.44
C GLU A 100 12.26 9.04 -6.09
N ILE A 101 11.86 8.60 -4.92
CA ILE A 101 12.35 7.36 -4.36
C ILE A 101 11.38 6.22 -4.60
N ASP A 102 10.18 6.34 -4.05
CA ASP A 102 9.22 5.25 -4.10
C ASP A 102 7.81 5.79 -3.93
N ALA A 103 7.65 6.62 -2.89
CA ALA A 103 6.39 7.30 -2.62
C ALA A 103 5.86 8.06 -3.83
N LEU A 104 6.38 9.25 -4.03
CA LEU A 104 5.93 10.12 -5.10
C LEU A 104 7.09 10.91 -5.68
N GLU A 105 7.60 11.86 -4.89
CA GLU A 105 8.69 12.72 -5.32
C GLU A 105 9.13 13.57 -4.13
N LEU A 106 10.22 14.32 -4.31
CA LEU A 106 10.81 15.16 -3.26
C LEU A 106 11.33 14.32 -2.09
N LYS A 107 11.98 14.99 -1.15
CA LYS A 107 12.49 14.36 0.05
C LYS A 107 12.91 15.42 1.05
N THR A 108 12.37 15.34 2.25
CA THR A 108 12.71 16.28 3.30
C THR A 108 13.97 15.83 4.03
N GLN A 109 15.11 15.99 3.37
CA GLN A 109 16.42 15.54 3.87
C GLN A 109 16.49 14.02 3.85
N LYS A 110 15.86 13.41 4.83
CA LYS A 110 15.84 11.97 4.96
C LYS A 110 14.75 11.54 5.94
N GLY A 111 14.16 10.39 5.68
CA GLY A 111 13.15 9.86 6.58
C GLY A 111 13.65 8.64 7.30
N PHE A 112 14.65 8.83 8.15
CA PHE A 112 15.32 7.72 8.80
C PHE A 112 15.59 8.05 10.26
N GLY A 1 -6.15 23.93 0.56
CA GLY A 1 -7.61 24.09 0.39
C GLY A 1 -8.32 22.76 0.20
N SER A 2 -9.54 22.81 -0.28
CA SER A 2 -10.34 21.60 -0.46
C SER A 2 -10.52 21.25 -1.93
N ALA A 3 -9.41 21.19 -2.66
CA ALA A 3 -9.45 20.75 -4.04
C ALA A 3 -9.23 19.25 -4.10
N MET A 4 -8.19 18.81 -3.41
CA MET A 4 -7.91 17.41 -3.21
C MET A 4 -7.09 17.22 -1.96
N GLY A 5 -5.80 17.50 -2.05
CA GLY A 5 -4.91 17.39 -0.90
C GLY A 5 -5.09 16.06 -0.18
N HIS A 6 -5.01 14.97 -0.93
CA HIS A 6 -5.26 13.65 -0.38
C HIS A 6 -4.10 13.22 0.50
N MET A 7 -4.12 13.69 1.73
CA MET A 7 -3.06 13.41 2.68
C MET A 7 -3.64 13.22 4.08
N VAL A 8 -3.14 12.23 4.78
CA VAL A 8 -3.62 11.91 6.10
C VAL A 8 -2.40 11.61 6.99
N LYS A 9 -2.31 10.41 7.51
CA LYS A 9 -1.09 9.97 8.16
C LYS A 9 -0.10 9.50 7.09
N ILE A 10 0.09 10.33 6.09
CA ILE A 10 1.01 10.04 5.02
C ILE A 10 1.95 11.22 4.81
N SER A 11 3.16 11.10 5.31
CA SER A 11 4.22 12.00 4.96
C SER A 11 5.01 11.38 3.81
N HIS A 12 6.07 12.02 3.37
CA HIS A 12 6.91 11.46 2.32
C HIS A 12 7.34 10.06 2.71
N GLU A 13 7.73 9.95 3.97
CA GLU A 13 8.18 8.71 4.54
C GLU A 13 7.06 7.68 4.56
N ASP A 14 5.84 8.10 4.87
CA ASP A 14 4.75 7.16 5.04
C ASP A 14 4.35 6.55 3.70
N THR A 15 4.26 7.37 2.67
CA THR A 15 3.92 6.86 1.35
C THR A 15 4.99 5.88 0.88
N GLN A 16 6.25 6.22 1.14
CA GLN A 16 7.36 5.32 0.87
C GLN A 16 7.17 4.03 1.64
N ARG A 17 6.75 4.17 2.88
CA ARG A 17 6.53 3.03 3.77
C ARG A 17 5.49 2.09 3.20
N ILE A 18 4.32 2.61 2.88
CA ILE A 18 3.20 1.79 2.45
C ILE A 18 3.54 0.96 1.23
N LYS A 19 4.06 1.60 0.19
CA LYS A 19 4.36 0.89 -1.04
C LYS A 19 5.53 -0.06 -0.84
N THR A 20 6.57 0.44 -0.20
CA THR A 20 7.80 -0.34 -0.06
C THR A 20 7.55 -1.64 0.69
N ALA A 21 6.74 -1.60 1.74
CA ALA A 21 6.51 -2.77 2.53
C ALA A 21 5.64 -3.75 1.76
N PHE A 22 4.48 -3.28 1.35
CA PHE A 22 3.53 -4.05 0.57
C PHE A 22 4.25 -4.89 -0.50
N LEU A 23 5.01 -4.25 -1.36
CA LEU A 23 5.67 -4.94 -2.48
C LEU A 23 6.66 -6.00 -1.99
N SER A 24 7.66 -5.56 -1.20
CA SER A 24 8.76 -6.42 -0.79
C SER A 24 8.27 -7.55 0.10
N TYR A 25 7.19 -7.29 0.81
CA TYR A 25 6.65 -8.25 1.74
C TYR A 25 6.12 -9.47 1.03
N ALA A 26 5.23 -9.26 0.08
CA ALA A 26 4.64 -10.41 -0.59
C ALA A 26 5.61 -11.10 -1.55
N GLN A 27 5.92 -10.46 -2.67
CA GLN A 27 6.82 -11.08 -3.63
C GLN A 27 8.11 -10.30 -3.80
N GLY A 28 7.99 -8.98 -3.66
CA GLY A 28 9.01 -8.10 -4.16
C GLY A 28 8.60 -7.46 -5.48
N GLN A 29 7.58 -8.01 -6.14
CA GLN A 29 7.08 -7.45 -7.40
C GLN A 29 6.28 -6.17 -7.15
N ASP A 30 5.55 -5.73 -8.19
CA ASP A 30 4.75 -4.51 -8.11
C ASP A 30 3.36 -4.77 -7.56
N LYS A 31 3.18 -5.94 -6.96
CA LYS A 31 1.89 -6.34 -6.47
C LYS A 31 2.04 -7.03 -5.13
N VAL A 32 0.96 -7.60 -4.63
CA VAL A 32 1.01 -8.42 -3.44
C VAL A 32 0.22 -9.70 -3.60
N THR A 33 0.82 -10.82 -3.17
CA THR A 33 0.07 -12.03 -3.03
C THR A 33 -0.80 -11.90 -1.78
N GLU A 34 -1.90 -12.59 -1.75
CA GLU A 34 -3.01 -12.24 -0.86
C GLU A 34 -2.63 -12.19 0.64
N ALA A 35 -1.65 -12.97 1.04
CA ALA A 35 -1.22 -13.01 2.44
C ALA A 35 -1.01 -11.61 3.00
N MET A 36 -0.22 -10.80 2.30
CA MET A 36 0.04 -9.44 2.73
C MET A 36 -1.21 -8.59 2.62
N ILE A 37 -2.10 -9.00 1.72
CA ILE A 37 -3.35 -8.28 1.53
C ILE A 37 -4.28 -8.49 2.72
N ASP A 38 -4.23 -9.69 3.30
CA ASP A 38 -4.99 -10.03 4.47
C ASP A 38 -4.57 -9.18 5.65
N GLN A 39 -3.25 -8.98 5.76
CA GLN A 39 -2.70 -8.18 6.84
C GLN A 39 -3.29 -6.79 6.78
N LEU A 40 -3.34 -6.25 5.56
CA LEU A 40 -3.88 -4.93 5.36
C LEU A 40 -5.36 -4.91 5.72
N ILE A 41 -6.13 -5.77 5.09
CA ILE A 41 -7.59 -5.75 5.25
C ILE A 41 -8.01 -5.96 6.71
N CYS A 42 -7.37 -6.90 7.39
CA CYS A 42 -7.69 -7.18 8.79
C CYS A 42 -7.13 -6.08 9.68
N GLY A 43 -6.28 -5.27 9.09
CA GLY A 43 -5.76 -4.09 9.76
C GLY A 43 -6.87 -3.16 10.25
N ALA A 44 -7.81 -2.81 9.36
CA ALA A 44 -8.90 -1.92 9.74
C ALA A 44 -10.08 -2.73 10.25
N PHE A 45 -10.62 -3.55 9.37
CA PHE A 45 -11.77 -4.38 9.69
C PHE A 45 -11.28 -5.71 10.25
N PRO A 46 -12.16 -6.52 10.83
CA PRO A 46 -11.75 -7.79 11.43
C PRO A 46 -11.45 -8.89 10.41
N GLY A 47 -11.50 -10.14 10.86
CA GLY A 47 -11.31 -11.27 9.98
C GLY A 47 -12.50 -11.48 9.07
N LEU A 48 -12.50 -10.75 7.98
CA LEU A 48 -13.54 -10.90 6.95
C LEU A 48 -13.57 -12.32 6.43
N SER A 49 -14.77 -12.81 6.14
CA SER A 49 -14.91 -14.04 5.40
C SER A 49 -14.38 -13.77 4.01
N TRP A 50 -13.77 -14.79 3.41
CA TRP A 50 -13.07 -14.63 2.14
C TRP A 50 -14.01 -14.12 1.06
N GLU A 51 -15.29 -14.43 1.18
CA GLU A 51 -16.30 -13.89 0.28
C GLU A 51 -16.28 -12.37 0.31
N GLN A 52 -16.47 -11.82 1.51
CA GLN A 52 -16.54 -10.38 1.71
C GLN A 52 -15.18 -9.74 1.40
N LEU A 53 -14.12 -10.48 1.65
CA LEU A 53 -12.80 -9.94 1.45
C LEU A 53 -12.47 -9.90 -0.03
N GLN A 54 -12.75 -11.00 -0.74
CA GLN A 54 -12.41 -11.11 -2.15
C GLN A 54 -13.06 -9.98 -2.95
N GLU A 55 -14.27 -9.60 -2.57
CA GLU A 55 -14.97 -8.50 -3.21
C GLU A 55 -14.42 -7.15 -2.75
N LYS A 56 -13.91 -7.09 -1.51
CA LYS A 56 -13.29 -5.86 -0.99
C LYS A 56 -12.28 -5.33 -1.98
N LYS A 57 -11.38 -6.20 -2.38
CA LYS A 57 -10.27 -5.83 -3.24
C LYS A 57 -10.49 -6.28 -4.68
N LYS A 58 -11.74 -6.66 -4.98
CA LYS A 58 -12.13 -7.04 -6.34
C LYS A 58 -11.57 -6.08 -7.38
N GLY A 59 -10.98 -6.63 -8.42
CA GLY A 59 -10.32 -5.84 -9.43
C GLY A 59 -9.02 -6.48 -9.84
N ARG A 60 -7.92 -5.98 -9.27
CA ARG A 60 -6.61 -6.54 -9.55
C ARG A 60 -6.37 -7.75 -8.66
N ALA A 61 -7.01 -7.73 -7.50
CA ALA A 61 -6.84 -8.80 -6.52
C ALA A 61 -8.11 -9.63 -6.49
N ALA A 62 -8.86 -9.51 -7.56
CA ALA A 62 -10.07 -10.28 -7.78
C ALA A 62 -9.85 -11.76 -7.51
N ALA A 63 -8.86 -12.32 -8.18
CA ALA A 63 -8.44 -13.68 -7.90
C ALA A 63 -7.46 -13.67 -6.74
N ASN A 64 -6.24 -13.22 -7.03
CA ASN A 64 -5.23 -13.04 -5.99
C ASN A 64 -4.09 -12.17 -6.49
N GLY A 65 -4.11 -10.90 -6.11
CA GLY A 65 -3.00 -10.02 -6.47
C GLY A 65 -3.32 -8.55 -6.37
N TYR A 66 -3.32 -8.00 -5.16
CA TYR A 66 -3.39 -6.53 -5.03
C TYR A 66 -2.18 -5.92 -5.69
N ASP A 67 -2.32 -4.72 -6.20
CA ASP A 67 -1.25 -4.10 -6.94
C ASP A 67 -1.00 -2.73 -6.36
N ARG A 68 0.13 -2.13 -6.70
CA ARG A 68 0.53 -0.89 -6.06
C ARG A 68 -0.53 0.21 -6.20
N SER A 69 -1.26 0.20 -7.31
CA SER A 69 -2.32 1.16 -7.53
C SER A 69 -3.52 0.85 -6.64
N ALA A 70 -3.97 -0.40 -6.65
CA ALA A 70 -5.13 -0.83 -5.88
C ALA A 70 -4.86 -0.73 -4.40
N PHE A 71 -3.70 -1.23 -4.00
CA PHE A 71 -3.29 -1.23 -2.62
C PHE A 71 -3.25 0.20 -2.09
N PHE A 72 -2.66 1.09 -2.85
CA PHE A 72 -2.50 2.46 -2.43
C PHE A 72 -3.85 3.17 -2.35
N SER A 73 -4.75 2.78 -3.25
CA SER A 73 -6.09 3.35 -3.29
C SER A 73 -6.80 3.13 -1.95
N LEU A 74 -6.64 1.94 -1.38
CA LEU A 74 -7.25 1.62 -0.11
C LEU A 74 -6.51 2.28 1.05
N VAL A 75 -5.19 2.09 1.11
CA VAL A 75 -4.39 2.56 2.23
C VAL A 75 -4.44 4.08 2.35
N ALA A 76 -4.36 4.77 1.22
CA ALA A 76 -4.30 6.22 1.21
C ALA A 76 -5.58 6.84 1.78
N SER A 77 -6.60 6.04 1.94
CA SER A 77 -7.86 6.52 2.48
C SER A 77 -8.01 6.07 3.94
N ASP A 78 -7.13 5.19 4.38
CA ASP A 78 -7.21 4.61 5.71
C ASP A 78 -5.93 4.82 6.51
N GLU A 79 -6.01 5.69 7.52
CA GLU A 79 -4.88 5.98 8.40
C GLU A 79 -4.42 4.73 9.16
N GLN A 80 -5.36 3.84 9.45
CA GLN A 80 -5.01 2.59 10.10
C GLN A 80 -4.06 1.79 9.21
N TYR A 81 -4.21 1.99 7.91
CA TYR A 81 -3.51 1.21 6.92
C TYR A 81 -2.14 1.79 6.64
N VAL A 82 -2.07 3.11 6.52
CA VAL A 82 -0.84 3.76 6.27
C VAL A 82 0.13 3.53 7.42
N ARG A 83 -0.40 3.74 8.61
CA ARG A 83 0.31 3.50 9.83
C ARG A 83 0.57 2.03 10.07
N PHE A 84 -0.32 1.17 9.57
CA PHE A 84 -0.14 -0.27 9.76
C PHE A 84 1.19 -0.69 9.18
N ILE A 85 1.46 -0.22 7.97
CA ILE A 85 2.71 -0.55 7.31
C ILE A 85 3.87 0.26 7.88
N ALA A 86 3.65 1.56 8.04
CA ALA A 86 4.64 2.46 8.63
C ALA A 86 5.21 1.92 9.94
N GLN A 87 4.38 1.24 10.72
CA GLN A 87 4.83 0.63 11.97
C GLN A 87 5.57 -0.67 11.68
N HIS A 88 5.03 -1.47 10.76
CA HIS A 88 5.66 -2.74 10.37
C HIS A 88 7.06 -2.50 9.80
N PHE A 89 7.17 -1.49 8.95
CA PHE A 89 8.42 -1.20 8.26
C PHE A 89 8.55 0.29 7.98
N PRO A 90 9.67 0.89 8.42
CA PRO A 90 10.00 2.30 8.14
C PRO A 90 10.26 2.53 6.66
N CYS A 91 10.25 3.80 6.25
CA CYS A 91 10.35 4.14 4.83
C CYS A 91 11.71 3.79 4.29
N ALA A 92 11.71 2.92 3.31
CA ALA A 92 12.94 2.36 2.75
C ALA A 92 13.78 3.42 2.06
N PRO A 93 15.10 3.22 2.06
CA PRO A 93 16.03 4.12 1.37
C PRO A 93 16.05 3.85 -0.14
N GLU A 94 16.37 4.86 -0.91
CA GLU A 94 16.42 4.72 -2.35
C GLU A 94 17.87 4.70 -2.80
N GLU A 95 18.49 3.53 -2.74
CA GLU A 95 19.88 3.37 -3.13
C GLU A 95 20.01 3.26 -4.65
N GLU A 96 19.55 2.14 -5.18
CA GLU A 96 19.59 1.90 -6.62
C GLU A 96 18.75 0.67 -6.96
N LYS A 97 17.44 0.84 -6.84
CA LYS A 97 16.50 -0.25 -7.15
C LYS A 97 15.07 0.29 -7.31
N PRO A 98 14.55 1.08 -6.34
CA PRO A 98 13.17 1.61 -6.43
C PRO A 98 12.94 2.45 -7.68
N PRO A 99 11.68 2.54 -8.15
CA PRO A 99 11.32 3.33 -9.34
C PRO A 99 11.87 4.75 -9.26
N GLU A 100 11.60 5.41 -8.13
CA GLU A 100 12.03 6.78 -7.93
C GLU A 100 12.05 7.12 -6.43
N ILE A 101 10.90 6.95 -5.78
CA ILE A 101 10.78 7.25 -4.35
C ILE A 101 9.94 6.18 -3.66
N ASP A 102 8.94 5.67 -4.39
CA ASP A 102 7.97 4.68 -3.89
C ASP A 102 6.98 5.33 -2.93
N ALA A 103 6.81 6.62 -3.07
CA ALA A 103 5.78 7.34 -2.34
C ALA A 103 4.71 7.81 -3.30
N LEU A 104 5.11 8.74 -4.16
CA LEU A 104 4.20 9.32 -5.13
C LEU A 104 4.77 9.12 -6.52
N GLU A 105 5.01 7.86 -6.86
CA GLU A 105 5.67 7.52 -8.12
C GLU A 105 4.75 7.78 -9.31
N LEU A 106 5.33 7.84 -10.50
CA LEU A 106 4.55 8.04 -11.71
C LEU A 106 3.56 6.88 -11.90
N LYS A 107 4.10 5.69 -12.13
CA LYS A 107 3.28 4.51 -12.31
C LYS A 107 4.13 3.25 -12.15
N THR A 108 4.86 2.90 -13.19
CA THR A 108 5.75 1.75 -13.15
C THR A 108 7.02 2.05 -13.95
N GLN A 109 7.52 3.26 -13.76
CA GLN A 109 8.71 3.72 -14.47
C GLN A 109 9.86 3.89 -13.50
N LYS A 110 11.02 3.39 -13.88
CA LYS A 110 12.22 3.54 -13.07
C LYS A 110 13.24 4.35 -13.85
N GLY A 111 13.31 4.12 -15.15
CA GLY A 111 14.22 4.89 -15.99
C GLY A 111 15.65 4.46 -15.81
N PHE A 112 15.94 3.21 -16.14
CA PHE A 112 17.28 2.68 -16.04
C PHE A 112 17.89 2.51 -17.43
N GLY A 1 0.99 19.61 -5.40
CA GLY A 1 0.23 20.03 -4.20
C GLY A 1 -1.21 20.36 -4.53
N SER A 2 -1.84 21.18 -3.70
CA SER A 2 -3.23 21.58 -3.88
C SER A 2 -4.15 20.37 -3.95
N ALA A 3 -4.55 19.87 -2.78
CA ALA A 3 -5.42 18.71 -2.66
C ALA A 3 -4.73 17.45 -3.19
N MET A 4 -4.10 16.71 -2.29
CA MET A 4 -3.34 15.53 -2.66
C MET A 4 -4.27 14.39 -3.07
N GLY A 5 -5.36 14.23 -2.34
CA GLY A 5 -6.35 13.22 -2.65
C GLY A 5 -5.87 11.82 -2.29
N HIS A 6 -4.66 11.74 -1.77
CA HIS A 6 -4.04 10.45 -1.46
C HIS A 6 -3.27 10.56 -0.15
N MET A 7 -3.63 11.51 0.69
CA MET A 7 -2.87 11.79 1.89
C MET A 7 -3.76 11.95 3.11
N VAL A 8 -3.34 11.33 4.21
CA VAL A 8 -4.04 11.45 5.49
C VAL A 8 -3.04 11.44 6.61
N LYS A 9 -2.40 10.32 6.70
CA LYS A 9 -1.37 10.08 7.68
C LYS A 9 -0.07 9.78 6.98
N ILE A 10 0.09 10.45 5.84
CA ILE A 10 1.14 10.13 4.91
C ILE A 10 2.06 11.32 4.70
N SER A 11 3.23 11.25 5.30
CA SER A 11 4.29 12.17 4.97
C SER A 11 5.16 11.51 3.91
N HIS A 12 6.29 12.12 3.56
CA HIS A 12 7.21 11.52 2.58
C HIS A 12 7.52 10.10 2.97
N GLU A 13 7.89 9.95 4.23
CA GLU A 13 8.31 8.69 4.76
C GLU A 13 7.18 7.66 4.73
N ASP A 14 5.94 8.10 4.95
CA ASP A 14 4.86 7.15 5.11
C ASP A 14 4.46 6.52 3.79
N THR A 15 4.38 7.32 2.72
CA THR A 15 4.07 6.77 1.41
C THR A 15 5.17 5.82 0.96
N GLN A 16 6.42 6.20 1.25
CA GLN A 16 7.56 5.34 0.97
C GLN A 16 7.39 4.02 1.71
N ARG A 17 6.90 4.13 2.95
CA ARG A 17 6.65 2.97 3.79
C ARG A 17 5.62 2.05 3.16
N ILE A 18 4.46 2.59 2.81
CA ILE A 18 3.36 1.77 2.32
C ILE A 18 3.75 1.01 1.05
N LYS A 19 4.33 1.70 0.08
CA LYS A 19 4.72 1.05 -1.17
C LYS A 19 5.76 0.00 -0.89
N THR A 20 6.79 0.42 -0.18
CA THR A 20 7.97 -0.38 -0.04
C THR A 20 7.65 -1.70 0.65
N ALA A 21 6.82 -1.64 1.68
CA ALA A 21 6.53 -2.81 2.46
C ALA A 21 5.63 -3.76 1.70
N PHE A 22 4.47 -3.27 1.33
CA PHE A 22 3.47 -4.06 0.60
C PHE A 22 4.11 -4.91 -0.51
N LEU A 23 4.77 -4.28 -1.48
CA LEU A 23 5.35 -5.00 -2.62
C LEU A 23 6.41 -6.02 -2.19
N SER A 24 7.43 -5.52 -1.49
CA SER A 24 8.60 -6.32 -1.14
C SER A 24 8.24 -7.45 -0.19
N TYR A 25 7.22 -7.21 0.60
CA TYR A 25 6.78 -8.17 1.60
C TYR A 25 6.23 -9.40 0.95
N ALA A 26 5.32 -9.24 0.02
CA ALA A 26 4.67 -10.38 -0.57
C ALA A 26 5.60 -11.17 -1.46
N GLN A 27 5.95 -10.60 -2.62
CA GLN A 27 6.88 -11.28 -3.51
C GLN A 27 8.15 -10.48 -3.70
N GLY A 28 8.00 -9.16 -3.66
CA GLY A 28 9.01 -8.31 -4.26
C GLY A 28 8.56 -7.78 -5.61
N GLN A 29 7.52 -8.42 -6.18
CA GLN A 29 6.99 -8.03 -7.48
C GLN A 29 6.13 -6.77 -7.40
N ASP A 30 5.39 -6.49 -8.48
CA ASP A 30 4.64 -5.24 -8.61
C ASP A 30 3.24 -5.35 -8.00
N LYS A 31 2.91 -6.52 -7.51
CA LYS A 31 1.63 -6.75 -6.85
C LYS A 31 1.91 -7.41 -5.53
N VAL A 32 0.87 -7.86 -4.85
CA VAL A 32 1.04 -8.58 -3.62
C VAL A 32 0.18 -9.81 -3.54
N THR A 33 0.80 -10.89 -3.10
CA THR A 33 0.07 -12.10 -2.82
C THR A 33 -0.80 -11.87 -1.61
N GLU A 34 -1.83 -12.66 -1.50
CA GLU A 34 -2.94 -12.31 -0.61
C GLU A 34 -2.56 -12.20 0.88
N ALA A 35 -1.50 -12.87 1.30
CA ALA A 35 -1.11 -12.89 2.71
C ALA A 35 -0.83 -11.49 3.23
N MET A 36 -0.04 -10.74 2.48
CA MET A 36 0.24 -9.37 2.83
C MET A 36 -1.01 -8.53 2.65
N ILE A 37 -1.87 -8.99 1.76
CA ILE A 37 -3.10 -8.28 1.52
C ILE A 37 -4.03 -8.44 2.72
N ASP A 38 -3.94 -9.61 3.35
CA ASP A 38 -4.65 -9.92 4.56
C ASP A 38 -4.22 -9.03 5.72
N GLN A 39 -2.92 -8.72 5.83
CA GLN A 39 -2.46 -7.86 6.92
C GLN A 39 -3.18 -6.53 6.84
N LEU A 40 -3.25 -6.00 5.63
CA LEU A 40 -3.91 -4.74 5.41
C LEU A 40 -5.41 -4.89 5.59
N ILE A 41 -6.02 -5.77 4.84
CA ILE A 41 -7.48 -5.89 4.83
C ILE A 41 -8.02 -6.25 6.22
N CYS A 42 -7.37 -7.17 6.90
CA CYS A 42 -7.82 -7.60 8.22
C CYS A 42 -7.56 -6.52 9.26
N GLY A 43 -6.65 -5.60 8.92
CA GLY A 43 -6.36 -4.48 9.78
C GLY A 43 -7.59 -3.67 10.17
N ALA A 44 -8.29 -3.14 9.17
CA ALA A 44 -9.44 -2.28 9.43
C ALA A 44 -10.73 -3.10 9.55
N PHE A 45 -10.94 -3.98 8.58
CA PHE A 45 -12.12 -4.85 8.63
C PHE A 45 -11.73 -6.31 8.61
N PRO A 46 -11.70 -6.88 9.78
CA PRO A 46 -11.42 -8.28 9.96
C PRO A 46 -12.67 -9.14 9.95
N GLY A 47 -12.47 -10.46 9.97
CA GLY A 47 -13.59 -11.39 10.00
C GLY A 47 -14.14 -11.67 8.61
N LEU A 48 -13.30 -11.47 7.60
CA LEU A 48 -13.72 -11.72 6.23
C LEU A 48 -13.41 -13.14 5.81
N SER A 49 -14.43 -13.86 5.36
CA SER A 49 -14.23 -15.16 4.75
C SER A 49 -13.66 -14.94 3.36
N TRP A 50 -13.06 -15.96 2.76
CA TRP A 50 -12.39 -15.79 1.48
C TRP A 50 -13.31 -15.18 0.43
N GLU A 51 -14.53 -15.71 0.34
CA GLU A 51 -15.51 -15.21 -0.61
C GLU A 51 -15.79 -13.72 -0.38
N GLN A 52 -15.89 -13.34 0.88
CA GLN A 52 -16.17 -11.96 1.26
C GLN A 52 -14.98 -11.05 0.92
N LEU A 53 -13.78 -11.57 1.09
CA LEU A 53 -12.57 -10.81 0.84
C LEU A 53 -12.29 -10.70 -0.65
N GLN A 54 -12.50 -11.80 -1.37
CA GLN A 54 -12.23 -11.83 -2.79
C GLN A 54 -13.08 -10.78 -3.51
N GLU A 55 -14.33 -10.63 -3.05
CA GLU A 55 -15.23 -9.64 -3.62
C GLU A 55 -14.89 -8.24 -3.11
N LYS A 56 -14.34 -8.17 -1.88
CA LYS A 56 -13.88 -6.91 -1.30
C LYS A 56 -13.07 -6.09 -2.30
N LYS A 57 -12.01 -6.71 -2.80
CA LYS A 57 -11.08 -6.01 -3.65
C LYS A 57 -11.12 -6.50 -5.10
N LYS A 58 -12.18 -7.23 -5.44
CA LYS A 58 -12.34 -7.81 -6.78
C LYS A 58 -12.19 -6.76 -7.90
N GLY A 59 -12.37 -5.49 -7.56
CA GLY A 59 -12.24 -4.43 -8.53
C GLY A 59 -10.93 -4.47 -9.27
N ARG A 60 -9.82 -4.48 -8.54
CA ARG A 60 -8.52 -4.46 -9.18
C ARG A 60 -7.61 -5.56 -8.65
N ALA A 61 -7.98 -6.16 -7.53
CA ALA A 61 -7.20 -7.25 -6.97
C ALA A 61 -7.83 -8.57 -7.36
N ALA A 62 -8.95 -8.47 -8.07
CA ALA A 62 -9.71 -9.64 -8.48
C ALA A 62 -10.00 -10.51 -7.27
N ALA A 63 -9.94 -11.82 -7.43
CA ALA A 63 -10.04 -12.73 -6.30
C ALA A 63 -8.93 -12.39 -5.30
N ASN A 64 -7.69 -12.53 -5.74
CA ASN A 64 -6.54 -12.22 -4.90
C ASN A 64 -5.41 -11.62 -5.72
N GLY A 65 -4.58 -10.83 -5.05
CA GLY A 65 -3.50 -10.14 -5.73
C GLY A 65 -3.72 -8.66 -5.84
N TYR A 66 -3.51 -7.93 -4.74
CA TYR A 66 -3.51 -6.46 -4.83
C TYR A 66 -2.35 -6.00 -5.64
N ASP A 67 -2.49 -4.83 -6.19
CA ASP A 67 -1.44 -4.21 -6.94
C ASP A 67 -1.23 -2.83 -6.38
N ARG A 68 -0.14 -2.21 -6.77
CA ARG A 68 0.27 -0.95 -6.18
C ARG A 68 -0.86 0.07 -6.18
N SER A 69 -1.58 0.19 -7.28
CA SER A 69 -2.64 1.20 -7.38
C SER A 69 -3.84 0.82 -6.51
N ALA A 70 -4.24 -0.45 -6.57
CA ALA A 70 -5.40 -0.92 -5.81
C ALA A 70 -5.18 -0.77 -4.32
N PHE A 71 -4.07 -1.34 -3.88
CA PHE A 71 -3.73 -1.38 -2.48
C PHE A 71 -3.45 0.03 -1.95
N PHE A 72 -2.72 0.83 -2.73
CA PHE A 72 -2.39 2.19 -2.30
C PHE A 72 -3.65 3.04 -2.19
N SER A 73 -4.58 2.81 -3.12
CA SER A 73 -5.84 3.55 -3.13
C SER A 73 -6.59 3.33 -1.82
N LEU A 74 -6.52 2.11 -1.30
CA LEU A 74 -7.17 1.78 -0.04
C LEU A 74 -6.45 2.44 1.14
N VAL A 75 -5.12 2.29 1.18
CA VAL A 75 -4.33 2.82 2.29
C VAL A 75 -4.39 4.35 2.32
N ALA A 76 -4.43 4.97 1.15
CA ALA A 76 -4.48 6.42 1.03
C ALA A 76 -5.83 6.96 1.50
N SER A 77 -6.72 6.07 1.90
CA SER A 77 -8.00 6.46 2.44
C SER A 77 -8.11 6.04 3.91
N ASP A 78 -7.19 5.19 4.35
CA ASP A 78 -7.23 4.64 5.69
C ASP A 78 -5.90 4.82 6.42
N GLU A 79 -5.92 5.71 7.42
CA GLU A 79 -4.71 6.05 8.16
C GLU A 79 -4.16 4.84 8.91
N GLN A 80 -5.05 4.01 9.45
CA GLN A 80 -4.62 2.85 10.24
C GLN A 80 -3.89 1.86 9.35
N TYR A 81 -4.18 1.96 8.07
CA TYR A 81 -3.52 1.18 7.04
C TYR A 81 -2.16 1.78 6.72
N VAL A 82 -2.14 3.11 6.59
CA VAL A 82 -0.91 3.84 6.36
C VAL A 82 0.08 3.57 7.48
N ARG A 83 -0.40 3.72 8.70
CA ARG A 83 0.40 3.47 9.88
C ARG A 83 0.62 1.99 10.06
N PHE A 84 -0.28 1.16 9.54
CA PHE A 84 -0.11 -0.29 9.67
C PHE A 84 1.25 -0.65 9.12
N ILE A 85 1.52 -0.17 7.91
CA ILE A 85 2.79 -0.46 7.28
C ILE A 85 3.92 0.36 7.88
N ALA A 86 3.69 1.65 8.06
CA ALA A 86 4.69 2.55 8.64
C ALA A 86 5.19 2.04 9.99
N GLN A 87 4.28 1.51 10.79
CA GLN A 87 4.62 1.05 12.12
C GLN A 87 5.31 -0.30 12.07
N HIS A 88 5.00 -1.10 11.05
CA HIS A 88 5.64 -2.41 10.93
C HIS A 88 6.86 -2.36 10.01
N PHE A 89 7.10 -1.22 9.36
CA PHE A 89 8.24 -1.09 8.47
C PHE A 89 8.60 0.38 8.22
N PRO A 90 9.78 0.80 8.72
CA PRO A 90 10.39 2.12 8.46
C PRO A 90 10.45 2.47 6.97
N CYS A 91 10.50 3.77 6.67
CA CYS A 91 10.45 4.27 5.31
C CYS A 91 11.74 4.04 4.54
N ALA A 92 11.65 3.16 3.58
CA ALA A 92 12.71 2.93 2.62
C ALA A 92 12.14 2.98 1.20
N PRO A 93 12.96 3.30 0.22
CA PRO A 93 12.56 3.24 -1.19
C PRO A 93 12.69 1.83 -1.74
N GLU A 94 11.83 1.48 -2.69
CA GLU A 94 11.89 0.16 -3.30
C GLU A 94 12.45 0.30 -4.70
N GLU A 95 12.48 1.52 -5.18
CA GLU A 95 13.08 1.85 -6.45
C GLU A 95 13.99 3.05 -6.28
N GLU A 96 15.26 2.87 -6.59
CA GLU A 96 16.22 3.96 -6.55
C GLU A 96 16.22 4.72 -7.87
N LYS A 97 15.47 4.18 -8.82
CA LYS A 97 15.31 4.78 -10.14
C LYS A 97 14.69 6.19 -10.07
N PRO A 98 13.56 6.40 -9.33
CA PRO A 98 12.97 7.73 -9.18
C PRO A 98 13.94 8.72 -8.51
N PRO A 99 14.26 9.83 -9.20
CA PRO A 99 15.17 10.85 -8.67
C PRO A 99 14.67 11.50 -7.38
N GLU A 100 13.36 11.47 -7.16
CA GLU A 100 12.79 12.03 -5.94
C GLU A 100 13.02 11.09 -4.76
N ILE A 101 12.09 10.17 -4.51
CA ILE A 101 12.23 9.20 -3.43
C ILE A 101 11.66 7.84 -3.83
N ASP A 102 10.35 7.75 -3.86
CA ASP A 102 9.64 6.50 -4.14
C ASP A 102 8.15 6.74 -3.98
N ALA A 103 7.79 7.25 -2.79
CA ALA A 103 6.43 7.66 -2.45
C ALA A 103 5.75 8.37 -3.61
N LEU A 104 6.10 9.63 -3.79
CA LEU A 104 5.55 10.44 -4.85
C LEU A 104 6.61 11.41 -5.37
N GLU A 105 6.76 12.52 -4.67
CA GLU A 105 7.77 13.51 -4.98
C GLU A 105 8.29 14.10 -3.69
N LEU A 106 9.32 14.92 -3.78
CA LEU A 106 9.82 15.63 -2.62
C LEU A 106 9.03 16.91 -2.44
N LYS A 107 9.23 17.82 -3.39
CA LYS A 107 8.59 19.12 -3.39
C LYS A 107 9.21 19.92 -4.53
N THR A 108 10.48 19.62 -4.78
CA THR A 108 11.25 20.24 -5.84
C THR A 108 12.57 19.48 -5.96
N GLN A 109 13.29 19.70 -7.05
CA GLN A 109 14.55 19.02 -7.24
C GLN A 109 15.61 19.65 -6.35
N LYS A 110 15.74 19.11 -5.16
CA LYS A 110 16.59 19.68 -4.12
C LYS A 110 17.83 18.83 -3.92
N GLY A 111 17.64 17.56 -3.59
CA GLY A 111 18.77 16.67 -3.36
C GLY A 111 19.64 17.16 -2.22
N PHE A 112 19.03 17.35 -1.06
CA PHE A 112 19.75 17.80 0.12
C PHE A 112 19.24 17.06 1.35
N GLY A 1 3.65 3.71 -11.70
CA GLY A 1 2.27 3.88 -11.18
C GLY A 1 2.18 5.00 -10.18
N SER A 2 1.24 5.91 -10.40
CA SER A 2 1.07 7.06 -9.52
C SER A 2 0.48 6.64 -8.17
N ALA A 3 1.10 7.10 -7.10
CA ALA A 3 0.57 6.90 -5.77
C ALA A 3 0.10 8.24 -5.20
N MET A 4 -1.12 8.62 -5.57
CA MET A 4 -1.64 9.93 -5.21
C MET A 4 -2.26 9.90 -3.81
N GLY A 5 -1.46 10.30 -2.82
CA GLY A 5 -1.96 10.36 -1.46
C GLY A 5 -1.50 11.63 -0.76
N HIS A 6 -0.89 11.46 0.41
CA HIS A 6 -0.37 12.59 1.20
C HIS A 6 -1.51 13.53 1.61
N MET A 7 -2.59 12.92 2.11
CA MET A 7 -3.73 13.67 2.59
C MET A 7 -4.32 13.00 3.83
N VAL A 8 -3.44 12.49 4.69
CA VAL A 8 -3.85 11.80 5.90
C VAL A 8 -2.59 11.52 6.73
N LYS A 9 -2.49 10.37 7.36
CA LYS A 9 -1.26 9.99 8.04
C LYS A 9 -0.19 9.59 7.03
N ILE A 10 0.00 10.40 5.99
CA ILE A 10 0.98 10.12 4.98
C ILE A 10 1.91 11.31 4.80
N SER A 11 3.08 11.21 5.37
CA SER A 11 4.15 12.15 5.11
C SER A 11 5.00 11.57 4.00
N HIS A 12 6.13 12.20 3.67
CA HIS A 12 7.03 11.63 2.67
C HIS A 12 7.33 10.21 3.03
N GLU A 13 7.75 10.04 4.27
CA GLU A 13 8.16 8.76 4.80
C GLU A 13 7.04 7.74 4.73
N ASP A 14 5.81 8.15 5.03
CA ASP A 14 4.73 7.19 5.15
C ASP A 14 4.36 6.59 3.81
N THR A 15 4.25 7.42 2.78
CA THR A 15 3.98 6.91 1.44
C THR A 15 5.07 5.96 1.00
N GLN A 16 6.32 6.32 1.28
CA GLN A 16 7.46 5.47 0.97
C GLN A 16 7.31 4.16 1.73
N ARG A 17 6.85 4.26 2.97
CA ARG A 17 6.65 3.10 3.82
C ARG A 17 5.63 2.14 3.23
N ILE A 18 4.46 2.65 2.89
CA ILE A 18 3.38 1.80 2.40
C ILE A 18 3.79 1.05 1.14
N LYS A 19 4.33 1.77 0.16
CA LYS A 19 4.72 1.14 -1.08
C LYS A 19 5.76 0.09 -0.83
N THR A 20 6.81 0.48 -0.14
CA THR A 20 7.99 -0.33 -0.02
C THR A 20 7.67 -1.66 0.66
N ALA A 21 6.86 -1.61 1.71
CA ALA A 21 6.60 -2.79 2.49
C ALA A 21 5.69 -3.75 1.74
N PHE A 22 4.53 -3.25 1.36
CA PHE A 22 3.54 -4.03 0.62
C PHE A 22 4.19 -4.88 -0.47
N LEU A 23 4.91 -4.25 -1.39
CA LEU A 23 5.53 -4.96 -2.50
C LEU A 23 6.53 -6.04 -2.03
N SER A 24 7.55 -5.59 -1.27
CA SER A 24 8.65 -6.46 -0.88
C SER A 24 8.20 -7.58 0.01
N TYR A 25 7.16 -7.31 0.77
CA TYR A 25 6.67 -8.24 1.74
C TYR A 25 6.06 -9.45 1.08
N ALA A 26 5.19 -9.25 0.10
CA ALA A 26 4.56 -10.38 -0.53
C ALA A 26 5.53 -11.15 -1.43
N GLN A 27 5.87 -10.56 -2.57
CA GLN A 27 6.78 -11.22 -3.49
C GLN A 27 8.06 -10.44 -3.69
N GLY A 28 7.93 -9.12 -3.59
CA GLY A 28 8.92 -8.23 -4.14
C GLY A 28 8.45 -7.65 -5.47
N GLN A 29 7.40 -8.26 -6.05
CA GLN A 29 6.83 -7.82 -7.31
C GLN A 29 5.93 -6.58 -7.13
N ASP A 30 5.23 -6.21 -8.22
CA ASP A 30 4.45 -4.97 -8.27
C ASP A 30 3.06 -5.11 -7.67
N LYS A 31 2.75 -6.28 -7.15
CA LYS A 31 1.45 -6.53 -6.55
C LYS A 31 1.67 -7.33 -5.28
N VAL A 32 0.62 -7.78 -4.64
CA VAL A 32 0.79 -8.57 -3.43
C VAL A 32 -0.11 -9.79 -3.39
N THR A 33 0.48 -10.88 -2.92
CA THR A 33 -0.24 -12.11 -2.72
C THR A 33 -1.27 -11.96 -1.60
N GLU A 34 -2.05 -12.97 -1.38
CA GLU A 34 -3.16 -12.89 -0.44
C GLU A 34 -2.70 -12.59 0.99
N ALA A 35 -1.50 -13.04 1.34
CA ALA A 35 -1.04 -13.04 2.72
C ALA A 35 -0.85 -11.63 3.26
N MET A 36 -0.02 -10.86 2.57
CA MET A 36 0.20 -9.47 2.95
C MET A 36 -1.06 -8.69 2.76
N ILE A 37 -1.90 -9.16 1.86
CA ILE A 37 -3.15 -8.49 1.60
C ILE A 37 -4.10 -8.66 2.79
N ASP A 38 -4.02 -9.82 3.43
CA ASP A 38 -4.80 -10.11 4.60
C ASP A 38 -4.39 -9.21 5.75
N GLN A 39 -3.10 -8.96 5.85
CA GLN A 39 -2.58 -8.10 6.91
C GLN A 39 -3.23 -6.73 6.81
N LEU A 40 -3.27 -6.20 5.59
CA LEU A 40 -3.87 -4.91 5.36
C LEU A 40 -5.37 -4.98 5.58
N ILE A 41 -6.02 -5.88 4.86
CA ILE A 41 -7.49 -5.95 4.88
C ILE A 41 -8.03 -6.19 6.30
N CYS A 42 -7.37 -7.08 7.04
CA CYS A 42 -7.80 -7.39 8.40
C CYS A 42 -7.47 -6.23 9.33
N GLY A 43 -6.54 -5.40 8.89
CA GLY A 43 -6.16 -4.20 9.64
C GLY A 43 -7.34 -3.31 9.99
N ALA A 44 -8.17 -2.99 8.99
CA ALA A 44 -9.32 -2.13 9.22
C ALA A 44 -10.57 -2.96 9.46
N PHE A 45 -10.86 -3.87 8.55
CA PHE A 45 -12.03 -4.72 8.67
C PHE A 45 -11.68 -6.19 8.69
N PRO A 46 -11.73 -6.74 9.88
CA PRO A 46 -11.51 -8.15 10.10
C PRO A 46 -12.80 -8.95 10.07
N GLY A 47 -12.72 -10.22 10.47
CA GLY A 47 -13.88 -11.08 10.51
C GLY A 47 -14.37 -11.43 9.12
N LEU A 48 -13.45 -11.43 8.16
CA LEU A 48 -13.79 -11.70 6.78
C LEU A 48 -13.49 -13.14 6.40
N SER A 49 -14.51 -13.83 5.92
CA SER A 49 -14.30 -15.12 5.29
C SER A 49 -13.65 -14.88 3.95
N TRP A 50 -12.99 -15.89 3.38
CA TRP A 50 -12.24 -15.68 2.14
C TRP A 50 -13.13 -15.09 1.06
N GLU A 51 -14.34 -15.62 0.93
CA GLU A 51 -15.30 -15.13 -0.05
C GLU A 51 -15.51 -13.62 0.08
N GLN A 52 -15.60 -13.16 1.32
CA GLN A 52 -15.81 -11.74 1.59
C GLN A 52 -14.57 -10.90 1.30
N LEU A 53 -13.41 -11.46 1.56
CA LEU A 53 -12.17 -10.73 1.37
C LEU A 53 -11.82 -10.66 -0.11
N GLN A 54 -12.04 -11.75 -0.81
CA GLN A 54 -11.73 -11.81 -2.22
C GLN A 54 -12.63 -10.86 -3.02
N GLU A 55 -13.89 -10.73 -2.57
CA GLU A 55 -14.83 -9.81 -3.22
C GLU A 55 -14.45 -8.37 -2.89
N LYS A 56 -13.86 -8.17 -1.70
CA LYS A 56 -13.32 -6.86 -1.31
C LYS A 56 -12.46 -6.33 -2.43
N LYS A 57 -11.59 -7.19 -2.91
CA LYS A 57 -10.57 -6.81 -3.87
C LYS A 57 -10.98 -7.09 -5.31
N LYS A 58 -12.15 -7.71 -5.51
CA LYS A 58 -12.61 -8.05 -6.84
C LYS A 58 -12.67 -6.83 -7.75
N GLY A 59 -11.79 -6.80 -8.73
CA GLY A 59 -11.73 -5.70 -9.66
C GLY A 59 -10.31 -5.26 -9.91
N ARG A 60 -9.47 -5.35 -8.89
CA ARG A 60 -8.10 -4.86 -9.03
C ARG A 60 -7.15 -5.59 -8.10
N ALA A 61 -7.29 -6.89 -8.01
CA ALA A 61 -6.33 -7.70 -7.27
C ALA A 61 -6.15 -9.05 -7.92
N ALA A 62 -6.86 -9.26 -9.03
CA ALA A 62 -6.87 -10.52 -9.76
C ALA A 62 -7.09 -11.69 -8.80
N ALA A 63 -7.97 -11.46 -7.81
CA ALA A 63 -8.14 -12.33 -6.65
C ALA A 63 -6.88 -12.31 -5.78
N ASN A 64 -5.79 -12.83 -6.32
CA ASN A 64 -4.51 -12.80 -5.65
C ASN A 64 -3.54 -11.96 -6.44
N GLY A 65 -3.11 -10.87 -5.81
CA GLY A 65 -2.27 -9.90 -6.47
C GLY A 65 -2.78 -8.49 -6.36
N TYR A 66 -2.80 -7.94 -5.14
CA TYR A 66 -3.19 -6.54 -4.94
C TYR A 66 -2.14 -5.65 -5.53
N ASP A 67 -2.50 -4.95 -6.58
CA ASP A 67 -1.57 -4.13 -7.29
C ASP A 67 -1.40 -2.81 -6.58
N ARG A 68 -0.28 -2.20 -6.85
CA ARG A 68 0.17 -1.01 -6.16
C ARG A 68 -0.81 0.16 -6.30
N SER A 69 -1.61 0.17 -7.36
CA SER A 69 -2.65 1.18 -7.51
C SER A 69 -3.81 0.87 -6.57
N ALA A 70 -4.27 -0.38 -6.60
CA ALA A 70 -5.39 -0.82 -5.76
C ALA A 70 -5.04 -0.73 -4.30
N PHE A 71 -3.89 -1.27 -3.96
CA PHE A 71 -3.42 -1.29 -2.60
C PHE A 71 -3.31 0.14 -2.08
N PHE A 72 -2.69 1.01 -2.85
CA PHE A 72 -2.40 2.35 -2.38
C PHE A 72 -3.67 3.16 -2.19
N SER A 73 -4.60 3.04 -3.12
CA SER A 73 -5.83 3.82 -3.08
C SER A 73 -6.66 3.49 -1.84
N LEU A 74 -6.59 2.24 -1.41
CA LEU A 74 -7.25 1.81 -0.18
C LEU A 74 -6.53 2.38 1.05
N VAL A 75 -5.21 2.28 1.05
CA VAL A 75 -4.40 2.71 2.20
C VAL A 75 -4.43 4.23 2.37
N ALA A 76 -4.39 4.95 1.25
CA ALA A 76 -4.34 6.41 1.26
C ALA A 76 -5.56 7.03 1.95
N SER A 77 -6.65 6.27 2.02
CA SER A 77 -7.87 6.76 2.65
C SER A 77 -7.98 6.23 4.07
N ASP A 78 -7.23 5.17 4.36
CA ASP A 78 -7.29 4.51 5.65
C ASP A 78 -5.98 4.71 6.42
N GLU A 79 -5.99 5.61 7.39
CA GLU A 79 -4.79 5.94 8.14
C GLU A 79 -4.27 4.74 8.92
N GLN A 80 -5.16 3.88 9.40
CA GLN A 80 -4.73 2.72 10.14
C GLN A 80 -3.92 1.81 9.24
N TYR A 81 -4.14 1.98 7.94
CA TYR A 81 -3.47 1.18 6.92
C TYR A 81 -2.09 1.75 6.62
N VAL A 82 -2.01 3.06 6.47
CA VAL A 82 -0.76 3.72 6.18
C VAL A 82 0.21 3.50 7.33
N ARG A 83 -0.28 3.78 8.52
CA ARG A 83 0.46 3.61 9.74
C ARG A 83 0.68 2.13 10.05
N PHE A 84 -0.22 1.27 9.57
CA PHE A 84 -0.04 -0.18 9.75
C PHE A 84 1.30 -0.60 9.17
N ILE A 85 1.54 -0.17 7.94
CA ILE A 85 2.79 -0.51 7.26
C ILE A 85 3.95 0.30 7.82
N ALA A 86 3.75 1.60 7.98
CA ALA A 86 4.75 2.48 8.58
C ALA A 86 5.27 1.93 9.91
N GLN A 87 4.39 1.30 10.68
CA GLN A 87 4.78 0.72 11.95
C GLN A 87 5.54 -0.59 11.73
N HIS A 88 5.17 -1.33 10.70
CA HIS A 88 5.84 -2.57 10.36
C HIS A 88 7.21 -2.32 9.73
N PHE A 89 7.29 -1.30 8.88
CA PHE A 89 8.47 -1.07 8.07
C PHE A 89 8.72 0.42 7.86
N PRO A 90 9.84 0.93 8.40
CA PRO A 90 10.33 2.29 8.17
C PRO A 90 10.45 2.64 6.67
N CYS A 91 10.45 3.94 6.38
CA CYS A 91 10.41 4.42 5.00
C CYS A 91 11.69 4.14 4.25
N ALA A 92 11.61 3.18 3.36
CA ALA A 92 12.72 2.78 2.52
C ALA A 92 12.32 2.76 1.06
N PRO A 93 13.28 2.86 0.13
CA PRO A 93 13.00 2.74 -1.30
C PRO A 93 12.90 1.27 -1.74
N GLU A 94 12.23 1.05 -2.87
CA GLU A 94 12.07 -0.29 -3.39
C GLU A 94 12.25 -0.25 -4.90
N GLU A 95 12.58 -1.40 -5.47
CA GLU A 95 12.82 -1.57 -6.91
C GLU A 95 14.19 -1.01 -7.30
N GLU A 96 14.76 -1.58 -8.35
CA GLU A 96 16.08 -1.18 -8.82
C GLU A 96 16.00 0.08 -9.66
N LYS A 97 14.80 0.37 -10.15
CA LYS A 97 14.55 1.59 -10.90
C LYS A 97 14.72 2.78 -9.98
N PRO A 98 15.59 3.75 -10.35
CA PRO A 98 16.00 4.88 -9.49
C PRO A 98 14.84 5.58 -8.80
N PRO A 99 14.65 5.31 -7.50
CA PRO A 99 13.58 5.91 -6.71
C PRO A 99 13.97 7.30 -6.24
N GLU A 100 13.37 8.32 -6.84
CA GLU A 100 13.63 9.70 -6.47
C GLU A 100 13.13 9.97 -5.05
N ILE A 101 11.82 9.87 -4.87
CA ILE A 101 11.23 9.96 -3.54
C ILE A 101 10.61 8.62 -3.16
N ASP A 102 9.90 8.04 -4.13
CA ASP A 102 9.31 6.70 -4.01
C ASP A 102 8.15 6.73 -3.02
N ALA A 103 7.42 7.82 -3.03
CA ALA A 103 6.24 7.98 -2.18
C ALA A 103 5.01 8.16 -3.06
N LEU A 104 4.93 9.30 -3.72
CA LEU A 104 3.86 9.55 -4.66
C LEU A 104 4.28 9.06 -6.04
N GLU A 105 5.38 9.63 -6.51
CA GLU A 105 6.01 9.20 -7.75
C GLU A 105 7.51 9.51 -7.69
N LEU A 106 8.15 9.58 -8.85
CA LEU A 106 9.57 9.89 -8.91
C LEU A 106 9.77 11.40 -8.84
N LYS A 107 9.49 12.10 -9.92
CA LYS A 107 9.71 13.53 -9.98
C LYS A 107 8.43 14.26 -10.37
N THR A 108 7.48 14.31 -9.44
CA THR A 108 6.23 15.03 -9.64
C THR A 108 5.34 14.90 -8.41
N GLN A 109 4.58 15.97 -8.14
CA GLN A 109 3.56 15.94 -7.11
C GLN A 109 2.20 15.78 -7.78
N LYS A 110 2.20 15.80 -9.10
CA LYS A 110 0.98 15.73 -9.88
C LYS A 110 0.78 14.30 -10.36
N GLY A 111 0.30 13.45 -9.47
CA GLY A 111 0.06 12.06 -9.82
C GLY A 111 -1.17 11.91 -10.70
N PHE A 112 -0.94 11.74 -11.99
CA PHE A 112 -2.01 11.59 -12.96
C PHE A 112 -1.47 11.01 -14.25
N GLY A 1 -0.27 16.88 9.12
CA GLY A 1 0.62 17.69 8.27
C GLY A 1 -0.04 18.97 7.82
N SER A 2 0.19 19.35 6.57
CA SER A 2 -0.42 20.54 6.00
C SER A 2 -0.96 20.19 4.61
N ALA A 3 -1.93 19.29 4.58
CA ALA A 3 -2.52 18.85 3.33
C ALA A 3 -3.79 19.62 3.00
N MET A 4 -4.24 19.51 1.76
CA MET A 4 -5.40 20.25 1.30
C MET A 4 -6.21 19.43 0.29
N GLY A 5 -6.17 18.12 0.44
CA GLY A 5 -6.86 17.26 -0.50
C GLY A 5 -7.40 15.99 0.14
N HIS A 6 -6.87 14.86 -0.28
CA HIS A 6 -7.30 13.57 0.25
C HIS A 6 -6.13 12.86 0.92
N MET A 7 -5.14 13.63 1.32
CA MET A 7 -3.96 13.11 2.00
C MET A 7 -4.29 12.93 3.50
N VAL A 8 -3.52 12.09 4.18
CA VAL A 8 -3.81 11.76 5.56
C VAL A 8 -2.49 11.63 6.33
N LYS A 9 -2.33 10.57 7.09
CA LYS A 9 -1.09 10.33 7.84
C LYS A 9 0.06 9.95 6.90
N ILE A 10 0.01 10.43 5.67
CA ILE A 10 1.01 10.08 4.70
C ILE A 10 1.91 11.26 4.39
N SER A 11 3.12 11.18 4.88
CA SER A 11 4.18 12.09 4.49
C SER A 11 5.11 11.35 3.55
N HIS A 12 6.25 11.94 3.17
CA HIS A 12 7.20 11.26 2.28
C HIS A 12 7.52 9.90 2.83
N GLU A 13 7.67 9.87 4.14
CA GLU A 13 8.03 8.66 4.85
C GLU A 13 6.93 7.61 4.78
N ASP A 14 5.67 8.02 4.93
CA ASP A 14 4.60 7.04 5.03
C ASP A 14 4.23 6.43 3.69
N THR A 15 4.17 7.23 2.62
CA THR A 15 3.92 6.67 1.31
C THR A 15 5.04 5.72 0.93
N GLN A 16 6.25 6.12 1.28
CA GLN A 16 7.42 5.32 1.09
C GLN A 16 7.26 3.99 1.83
N ARG A 17 6.76 4.09 3.05
CA ARG A 17 6.49 2.92 3.88
C ARG A 17 5.45 2.01 3.23
N ILE A 18 4.30 2.57 2.86
CA ILE A 18 3.21 1.76 2.36
C ILE A 18 3.61 0.96 1.12
N LYS A 19 4.21 1.61 0.13
CA LYS A 19 4.62 0.90 -1.07
C LYS A 19 5.66 -0.12 -0.72
N THR A 20 6.69 0.35 -0.04
CA THR A 20 7.88 -0.44 0.16
C THR A 20 7.57 -1.74 0.89
N ALA A 21 6.69 -1.66 1.88
CA ALA A 21 6.37 -2.83 2.66
C ALA A 21 5.50 -3.78 1.88
N PHE A 22 4.35 -3.30 1.46
CA PHE A 22 3.38 -4.07 0.69
C PHE A 22 4.07 -4.92 -0.39
N LEU A 23 4.80 -4.28 -1.30
CA LEU A 23 5.45 -4.99 -2.41
C LEU A 23 6.45 -6.04 -1.92
N SER A 24 7.43 -5.58 -1.13
CA SER A 24 8.55 -6.40 -0.71
C SER A 24 8.08 -7.55 0.18
N TYR A 25 7.01 -7.31 0.90
CA TYR A 25 6.49 -8.27 1.85
C TYR A 25 5.92 -9.48 1.16
N ALA A 26 5.09 -9.26 0.15
CA ALA A 26 4.48 -10.41 -0.52
C ALA A 26 5.47 -11.17 -1.40
N GLN A 27 5.87 -10.57 -2.51
CA GLN A 27 6.82 -11.24 -3.38
C GLN A 27 8.12 -10.47 -3.50
N GLY A 28 8.01 -9.15 -3.41
CA GLY A 28 9.06 -8.29 -3.91
C GLY A 28 8.70 -7.73 -5.29
N GLN A 29 7.66 -8.29 -5.91
CA GLN A 29 7.19 -7.82 -7.22
C GLN A 29 6.40 -6.51 -7.11
N ASP A 30 5.70 -6.15 -8.19
CA ASP A 30 4.94 -4.89 -8.26
C ASP A 30 3.53 -5.06 -7.72
N LYS A 31 3.24 -6.22 -7.19
CA LYS A 31 1.92 -6.53 -6.67
C LYS A 31 2.06 -7.20 -5.33
N VAL A 32 0.96 -7.70 -4.80
CA VAL A 32 1.01 -8.51 -3.60
C VAL A 32 0.14 -9.73 -3.69
N THR A 33 0.70 -10.85 -3.26
CA THR A 33 -0.06 -12.06 -3.10
C THR A 33 -0.97 -11.88 -1.88
N GLU A 34 -2.04 -12.63 -1.85
CA GLU A 34 -3.14 -12.32 -0.94
C GLU A 34 -2.75 -12.28 0.53
N ALA A 35 -1.68 -13.00 0.88
CA ALA A 35 -1.22 -13.11 2.26
C ALA A 35 -1.00 -11.73 2.88
N MET A 36 -0.20 -10.93 2.21
CA MET A 36 0.04 -9.57 2.63
C MET A 36 -1.18 -8.73 2.43
N ILE A 37 -2.05 -9.16 1.53
CA ILE A 37 -3.29 -8.43 1.33
C ILE A 37 -4.18 -8.56 2.56
N ASP A 38 -4.20 -9.76 3.14
CA ASP A 38 -4.82 -10.00 4.42
C ASP A 38 -4.14 -9.18 5.51
N GLN A 39 -2.84 -8.96 5.36
CA GLN A 39 -2.08 -8.16 6.32
C GLN A 39 -2.73 -6.79 6.47
N LEU A 40 -2.95 -6.16 5.33
CA LEU A 40 -3.56 -4.85 5.31
C LEU A 40 -5.03 -4.94 5.64
N ILE A 41 -5.76 -5.74 4.89
CA ILE A 41 -7.22 -5.80 5.03
C ILE A 41 -7.64 -6.17 6.46
N CYS A 42 -6.89 -7.06 7.11
CA CYS A 42 -7.21 -7.46 8.47
C CYS A 42 -6.85 -6.34 9.44
N GLY A 43 -5.95 -5.47 8.99
CA GLY A 43 -5.57 -4.29 9.76
C GLY A 43 -6.77 -3.46 10.22
N ALA A 44 -7.67 -3.11 9.30
CA ALA A 44 -8.85 -2.33 9.68
C ALA A 44 -10.04 -3.25 9.95
N PHE A 45 -10.37 -4.10 8.99
CA PHE A 45 -11.52 -4.99 9.13
C PHE A 45 -11.15 -6.44 8.94
N PRO A 46 -11.06 -7.16 10.03
CA PRO A 46 -10.80 -8.58 10.01
C PRO A 46 -12.06 -9.43 9.92
N GLY A 47 -13.22 -8.78 9.94
CA GLY A 47 -14.47 -9.49 9.90
C GLY A 47 -14.88 -9.90 8.51
N LEU A 48 -14.15 -9.42 7.52
CA LEU A 48 -14.45 -9.76 6.13
C LEU A 48 -14.29 -11.25 5.89
N SER A 49 -15.36 -11.86 5.39
CA SER A 49 -15.27 -13.23 4.93
C SER A 49 -14.64 -13.21 3.54
N TRP A 50 -14.03 -14.31 3.12
CA TRP A 50 -13.25 -14.26 1.88
C TRP A 50 -14.11 -13.83 0.69
N GLU A 51 -15.37 -14.22 0.68
CA GLU A 51 -16.26 -13.82 -0.40
C GLU A 51 -16.41 -12.29 -0.44
N GLN A 52 -16.68 -11.70 0.72
CA GLN A 52 -16.79 -10.25 0.83
C GLN A 52 -15.44 -9.58 0.56
N LEU A 53 -14.37 -10.26 0.92
CA LEU A 53 -13.05 -9.70 0.77
C LEU A 53 -12.62 -9.73 -0.69
N GLN A 54 -12.95 -10.81 -1.37
CA GLN A 54 -12.56 -10.96 -2.77
C GLN A 54 -13.22 -9.86 -3.60
N GLU A 55 -14.48 -9.56 -3.31
CA GLU A 55 -15.17 -8.48 -4.00
C GLU A 55 -14.60 -7.12 -3.59
N LYS A 56 -14.09 -7.04 -2.35
CA LYS A 56 -13.41 -5.83 -1.88
C LYS A 56 -12.41 -5.36 -2.91
N LYS A 57 -11.59 -6.28 -3.37
CA LYS A 57 -10.49 -5.94 -4.26
C LYS A 57 -10.75 -6.35 -5.72
N LYS A 58 -11.98 -6.74 -6.05
CA LYS A 58 -12.30 -7.12 -7.42
C LYS A 58 -12.14 -5.94 -8.37
N GLY A 59 -11.83 -6.24 -9.63
CA GLY A 59 -11.56 -5.21 -10.60
C GLY A 59 -10.08 -5.01 -10.79
N ARG A 60 -9.31 -5.49 -9.84
CA ARG A 60 -7.90 -5.20 -9.83
C ARG A 60 -7.09 -6.32 -9.15
N ALA A 61 -7.65 -6.85 -8.08
CA ALA A 61 -7.03 -7.94 -7.37
C ALA A 61 -7.90 -9.16 -7.53
N ALA A 62 -8.59 -9.15 -8.67
CA ALA A 62 -9.41 -10.25 -9.16
C ALA A 62 -8.95 -11.59 -8.62
N ALA A 63 -9.76 -12.18 -7.75
CA ALA A 63 -9.40 -13.38 -7.01
C ALA A 63 -8.18 -13.11 -6.13
N ASN A 64 -6.99 -13.21 -6.71
CA ASN A 64 -5.76 -13.02 -5.95
C ASN A 64 -4.74 -12.18 -6.70
N GLY A 65 -4.49 -10.99 -6.16
CA GLY A 65 -3.38 -10.18 -6.65
C GLY A 65 -3.61 -8.69 -6.53
N TYR A 66 -3.48 -8.13 -5.32
CA TYR A 66 -3.48 -6.66 -5.17
C TYR A 66 -2.26 -6.10 -5.86
N ASP A 67 -2.41 -4.90 -6.37
CA ASP A 67 -1.34 -4.22 -7.03
C ASP A 67 -1.18 -2.86 -6.39
N ARG A 68 -0.13 -2.16 -6.73
CA ARG A 68 0.18 -0.92 -6.02
C ARG A 68 -0.87 0.15 -6.26
N SER A 69 -1.59 0.06 -7.38
CA SER A 69 -2.65 1.00 -7.69
C SER A 69 -3.86 0.75 -6.76
N ALA A 70 -4.28 -0.50 -6.67
CA ALA A 70 -5.44 -0.86 -5.85
C ALA A 70 -5.12 -0.69 -4.38
N PHE A 71 -3.99 -1.24 -4.00
CA PHE A 71 -3.55 -1.22 -2.62
C PHE A 71 -3.44 0.22 -2.11
N PHE A 72 -2.86 1.08 -2.92
CA PHE A 72 -2.66 2.47 -2.52
C PHE A 72 -3.98 3.19 -2.37
N SER A 73 -4.93 2.85 -3.23
CA SER A 73 -6.25 3.47 -3.21
C SER A 73 -6.93 3.24 -1.87
N LEU A 74 -6.70 2.06 -1.29
CA LEU A 74 -7.26 1.74 0.02
C LEU A 74 -6.50 2.46 1.14
N VAL A 75 -5.17 2.29 1.16
CA VAL A 75 -4.35 2.82 2.25
C VAL A 75 -4.40 4.34 2.29
N ALA A 76 -4.39 4.98 1.12
CA ALA A 76 -4.37 6.43 1.05
C ALA A 76 -5.64 7.04 1.63
N SER A 77 -6.66 6.22 1.83
CA SER A 77 -7.91 6.68 2.38
C SER A 77 -8.05 6.23 3.84
N ASP A 78 -7.11 5.41 4.29
CA ASP A 78 -7.14 4.87 5.65
C ASP A 78 -5.81 5.05 6.35
N GLU A 79 -5.74 6.05 7.23
CA GLU A 79 -4.52 6.33 8.00
C GLU A 79 -4.13 5.11 8.82
N GLN A 80 -5.12 4.34 9.26
CA GLN A 80 -4.86 3.15 10.07
C GLN A 80 -3.96 2.20 9.30
N TYR A 81 -4.10 2.27 7.98
CA TYR A 81 -3.37 1.40 7.09
C TYR A 81 -1.99 1.94 6.81
N VAL A 82 -1.91 3.25 6.64
CA VAL A 82 -0.67 3.90 6.37
C VAL A 82 0.29 3.70 7.54
N ARG A 83 -0.20 3.97 8.73
CA ARG A 83 0.53 3.69 9.95
C ARG A 83 0.64 2.21 10.22
N PHE A 84 -0.32 1.42 9.74
CA PHE A 84 -0.22 -0.03 9.93
C PHE A 84 1.10 -0.51 9.34
N ILE A 85 1.39 -0.05 8.13
CA ILE A 85 2.63 -0.42 7.48
C ILE A 85 3.80 0.36 8.09
N ALA A 86 3.64 1.67 8.23
CA ALA A 86 4.67 2.51 8.85
C ALA A 86 5.16 1.96 10.18
N GLN A 87 4.23 1.46 10.98
CA GLN A 87 4.56 0.97 12.30
C GLN A 87 5.31 -0.36 12.20
N HIS A 88 4.92 -1.19 11.24
CA HIS A 88 5.55 -2.51 11.10
C HIS A 88 6.79 -2.43 10.20
N PHE A 89 6.97 -1.31 9.51
CA PHE A 89 8.10 -1.14 8.61
C PHE A 89 8.41 0.34 8.40
N PRO A 90 9.50 0.82 9.02
CA PRO A 90 9.99 2.19 8.86
C PRO A 90 10.25 2.58 7.41
N CYS A 91 10.15 3.88 7.12
CA CYS A 91 10.39 4.39 5.78
C CYS A 91 11.85 4.29 5.43
N ALA A 92 12.09 3.86 4.21
CA ALA A 92 13.43 3.79 3.66
C ALA A 92 14.01 5.20 3.53
N PRO A 93 15.33 5.33 3.54
CA PRO A 93 16.01 6.62 3.39
C PRO A 93 16.05 7.10 1.94
N GLU A 94 15.07 6.67 1.16
CA GLU A 94 14.99 6.96 -0.27
C GLU A 94 16.24 6.43 -0.98
N GLU A 95 16.57 5.19 -0.67
CA GLU A 95 17.73 4.51 -1.25
C GLU A 95 17.28 3.25 -1.99
N GLU A 96 18.21 2.32 -2.18
CA GLU A 96 17.90 1.02 -2.82
C GLU A 96 17.48 1.23 -4.28
N LYS A 97 18.12 2.20 -4.93
CA LYS A 97 17.82 2.55 -6.32
C LYS A 97 16.35 2.95 -6.48
N PRO A 98 16.00 4.15 -6.00
CA PRO A 98 14.62 4.64 -6.03
C PRO A 98 14.17 4.99 -7.44
N PRO A 99 13.04 4.40 -7.90
CA PRO A 99 12.45 4.73 -9.19
C PRO A 99 12.11 6.21 -9.27
N GLU A 100 11.75 6.78 -8.13
CA GLU A 100 11.56 8.21 -7.97
C GLU A 100 11.85 8.61 -6.54
N ILE A 101 10.87 8.39 -5.66
CA ILE A 101 11.04 8.70 -4.23
C ILE A 101 10.46 7.58 -3.36
N ASP A 102 9.97 6.54 -4.02
CA ASP A 102 9.44 5.34 -3.35
C ASP A 102 8.16 5.67 -2.58
N ALA A 103 7.63 6.85 -2.84
CA ALA A 103 6.45 7.32 -2.14
C ALA A 103 5.35 7.68 -3.14
N LEU A 104 4.55 8.69 -2.79
CA LEU A 104 3.47 9.18 -3.65
C LEU A 104 3.93 9.51 -5.07
N GLU A 105 5.22 9.85 -5.20
CA GLU A 105 5.80 10.25 -6.49
C GLU A 105 5.19 11.58 -6.93
N LEU A 106 5.28 11.87 -8.21
CA LEU A 106 4.65 13.06 -8.76
C LEU A 106 3.22 12.75 -9.14
N LYS A 107 2.41 12.40 -8.14
CA LYS A 107 1.04 11.92 -8.33
C LYS A 107 1.06 10.54 -8.99
N THR A 108 1.40 10.52 -10.26
CA THR A 108 1.53 9.29 -11.03
C THR A 108 2.41 9.58 -12.24
N GLN A 109 3.53 8.89 -12.36
CA GLN A 109 4.49 9.18 -13.42
C GLN A 109 4.03 8.62 -14.75
N LYS A 110 3.11 9.33 -15.39
CA LYS A 110 2.65 8.99 -16.72
C LYS A 110 2.11 10.24 -17.40
N GLY A 111 2.05 10.22 -18.72
CA GLY A 111 1.56 11.35 -19.46
C GLY A 111 0.10 11.24 -19.79
N PHE A 112 -0.68 10.80 -18.82
CA PHE A 112 -2.12 10.60 -19.02
C PHE A 112 -2.88 11.22 -17.85
N GLY A 1 3.86 8.54 -10.17
CA GLY A 1 2.39 8.73 -10.07
C GLY A 1 1.62 7.57 -10.65
N SER A 2 2.04 6.36 -10.31
CA SER A 2 1.36 5.15 -10.76
C SER A 2 0.00 5.04 -10.08
N ALA A 3 -0.06 5.50 -8.84
CA ALA A 3 -1.29 5.51 -8.08
C ALA A 3 -1.49 6.89 -7.47
N MET A 4 -2.72 7.39 -7.54
CA MET A 4 -3.04 8.70 -7.00
C MET A 4 -3.27 8.65 -5.50
N GLY A 5 -2.81 9.66 -4.80
CA GLY A 5 -2.83 9.64 -3.35
C GLY A 5 -3.94 10.47 -2.76
N HIS A 6 -4.12 10.31 -1.45
CA HIS A 6 -5.12 11.07 -0.71
C HIS A 6 -4.49 11.54 0.60
N MET A 7 -4.71 12.81 0.93
CA MET A 7 -4.14 13.38 2.14
C MET A 7 -4.73 12.74 3.39
N VAL A 8 -3.85 12.22 4.22
CA VAL A 8 -4.23 11.56 5.45
C VAL A 8 -2.95 11.44 6.27
N LYS A 9 -2.74 10.35 6.97
CA LYS A 9 -1.45 10.13 7.61
C LYS A 9 -0.42 9.71 6.57
N ILE A 10 -0.27 10.51 5.52
CA ILE A 10 0.72 10.26 4.50
C ILE A 10 1.59 11.50 4.28
N SER A 11 2.77 11.45 4.86
CA SER A 11 3.81 12.41 4.58
C SER A 11 4.74 11.79 3.54
N HIS A 12 5.86 12.43 3.22
CA HIS A 12 6.83 11.86 2.29
C HIS A 12 7.21 10.47 2.77
N GLU A 13 7.60 10.43 4.03
CA GLU A 13 8.01 9.20 4.69
C GLU A 13 6.89 8.16 4.67
N ASP A 14 5.65 8.61 4.83
CA ASP A 14 4.55 7.67 4.99
C ASP A 14 4.29 6.92 3.71
N THR A 15 4.19 7.62 2.60
CA THR A 15 3.94 6.97 1.32
C THR A 15 5.04 5.97 1.01
N GLN A 16 6.27 6.33 1.36
CA GLN A 16 7.43 5.48 1.11
C GLN A 16 7.29 4.12 1.79
N ARG A 17 6.91 4.10 3.07
CA ARG A 17 6.82 2.84 3.79
C ARG A 17 5.74 1.94 3.23
N ILE A 18 4.57 2.52 2.98
CA ILE A 18 3.45 1.73 2.49
C ILE A 18 3.79 0.94 1.23
N LYS A 19 4.37 1.61 0.24
CA LYS A 19 4.73 0.93 -1.00
C LYS A 19 5.74 -0.15 -0.73
N THR A 20 6.85 0.27 -0.13
CA THR A 20 8.01 -0.57 -0.02
C THR A 20 7.68 -1.87 0.72
N ALA A 21 6.84 -1.77 1.74
CA ALA A 21 6.53 -2.94 2.53
C ALA A 21 5.62 -3.88 1.77
N PHE A 22 4.46 -3.38 1.38
CA PHE A 22 3.48 -4.16 0.63
C PHE A 22 4.14 -5.01 -0.46
N LEU A 23 4.85 -4.39 -1.39
CA LEU A 23 5.46 -5.11 -2.52
C LEU A 23 6.49 -6.15 -2.04
N SER A 24 7.49 -5.66 -1.30
CA SER A 24 8.62 -6.47 -0.88
C SER A 24 8.20 -7.61 0.02
N TYR A 25 7.13 -7.38 0.76
CA TYR A 25 6.65 -8.34 1.74
C TYR A 25 6.06 -9.56 1.08
N ALA A 26 5.21 -9.36 0.08
CA ALA A 26 4.57 -10.50 -0.53
C ALA A 26 5.53 -11.29 -1.40
N GLN A 27 5.94 -10.73 -2.52
CA GLN A 27 6.87 -11.43 -3.39
C GLN A 27 8.17 -10.68 -3.53
N GLY A 28 8.09 -9.37 -3.46
CA GLY A 28 9.15 -8.53 -3.98
C GLY A 28 8.79 -7.98 -5.35
N GLN A 29 7.74 -8.56 -5.96
CA GLN A 29 7.28 -8.13 -7.27
C GLN A 29 6.45 -6.84 -7.21
N ASP A 30 5.74 -6.55 -8.30
CA ASP A 30 5.01 -5.28 -8.44
C ASP A 30 3.59 -5.39 -7.90
N LYS A 31 3.26 -6.53 -7.35
CA LYS A 31 1.93 -6.77 -6.80
C LYS A 31 2.09 -7.43 -5.45
N VAL A 32 1.00 -7.86 -4.86
CA VAL A 32 1.08 -8.61 -3.63
C VAL A 32 0.18 -9.82 -3.61
N THR A 33 0.74 -10.93 -3.16
CA THR A 33 -0.03 -12.11 -2.94
C THR A 33 -0.96 -11.86 -1.76
N GLU A 34 -2.03 -12.60 -1.73
CA GLU A 34 -3.17 -12.28 -0.88
C GLU A 34 -2.82 -12.23 0.61
N ALA A 35 -1.78 -12.96 1.00
CA ALA A 35 -1.37 -13.08 2.40
C ALA A 35 -1.10 -11.71 3.01
N MET A 36 -0.22 -10.96 2.37
CA MET A 36 0.09 -9.62 2.80
C MET A 36 -1.12 -8.73 2.63
N ILE A 37 -1.97 -9.11 1.70
CA ILE A 37 -3.18 -8.35 1.46
C ILE A 37 -4.14 -8.48 2.64
N ASP A 38 -4.23 -9.69 3.17
CA ASP A 38 -4.98 -9.99 4.36
C ASP A 38 -4.47 -9.18 5.56
N GLN A 39 -3.17 -8.96 5.61
CA GLN A 39 -2.57 -8.14 6.65
C GLN A 39 -3.22 -6.75 6.65
N LEU A 40 -3.25 -6.16 5.48
CA LEU A 40 -3.80 -4.84 5.33
C LEU A 40 -5.30 -4.87 5.59
N ILE A 41 -6.00 -5.76 4.92
CA ILE A 41 -7.47 -5.83 5.03
C ILE A 41 -7.93 -6.10 6.47
N CYS A 42 -7.27 -7.01 7.16
CA CYS A 42 -7.61 -7.32 8.55
C CYS A 42 -7.15 -6.21 9.48
N GLY A 43 -6.32 -5.35 8.94
CA GLY A 43 -5.90 -4.16 9.65
C GLY A 43 -7.07 -3.30 10.15
N ALA A 44 -7.95 -2.89 9.23
CA ALA A 44 -9.09 -2.05 9.59
C ALA A 44 -10.31 -2.91 9.86
N PHE A 45 -10.66 -3.68 8.86
CA PHE A 45 -11.79 -4.60 8.95
C PHE A 45 -11.32 -5.87 9.61
N PRO A 46 -12.23 -6.75 10.03
CA PRO A 46 -11.82 -7.97 10.70
C PRO A 46 -11.23 -9.03 9.76
N GLY A 47 -10.97 -10.20 10.32
CA GLY A 47 -10.47 -11.31 9.54
C GLY A 47 -11.53 -11.86 8.63
N LEU A 48 -11.74 -11.15 7.53
CA LEU A 48 -12.76 -11.49 6.56
C LEU A 48 -12.54 -12.88 5.97
N SER A 49 -13.63 -13.61 5.80
CA SER A 49 -13.59 -14.86 5.09
C SER A 49 -13.30 -14.58 3.63
N TRP A 50 -12.80 -15.54 2.88
CA TRP A 50 -12.35 -15.26 1.53
C TRP A 50 -13.47 -14.68 0.68
N GLU A 51 -14.69 -15.11 0.93
CA GLU A 51 -15.84 -14.59 0.18
C GLU A 51 -15.98 -13.08 0.38
N GLN A 52 -16.02 -12.66 1.63
CA GLN A 52 -16.17 -11.24 1.95
C GLN A 52 -14.91 -10.46 1.64
N LEU A 53 -13.77 -11.11 1.74
CA LEU A 53 -12.52 -10.43 1.51
C LEU A 53 -12.31 -10.23 0.01
N GLN A 54 -12.69 -11.23 -0.79
CA GLN A 54 -12.51 -11.14 -2.23
C GLN A 54 -13.36 -10.01 -2.79
N GLU A 55 -14.56 -9.82 -2.25
CA GLU A 55 -15.43 -8.73 -2.69
C GLU A 55 -14.85 -7.39 -2.25
N LYS A 56 -14.10 -7.39 -1.15
CA LYS A 56 -13.42 -6.18 -0.70
C LYS A 56 -12.54 -5.60 -1.79
N LYS A 57 -11.63 -6.43 -2.29
CA LYS A 57 -10.62 -5.98 -3.25
C LYS A 57 -10.99 -6.32 -4.69
N LYS A 58 -12.24 -6.75 -4.89
CA LYS A 58 -12.71 -7.15 -6.22
C LYS A 58 -12.47 -6.04 -7.24
N GLY A 59 -12.13 -6.45 -8.46
CA GLY A 59 -11.93 -5.50 -9.54
C GLY A 59 -10.48 -5.33 -9.89
N ARG A 60 -9.63 -5.23 -8.87
CA ARG A 60 -8.25 -4.88 -9.11
C ARG A 60 -7.29 -5.86 -8.44
N ALA A 61 -7.79 -6.70 -7.56
CA ALA A 61 -6.94 -7.67 -6.89
C ALA A 61 -7.08 -9.04 -7.54
N ALA A 62 -7.92 -9.09 -8.58
CA ALA A 62 -8.06 -10.27 -9.43
C ALA A 62 -8.07 -11.57 -8.63
N ALA A 63 -8.93 -11.60 -7.61
CA ALA A 63 -8.99 -12.69 -6.64
C ALA A 63 -7.71 -12.75 -5.82
N ASN A 64 -6.60 -13.07 -6.45
CA ASN A 64 -5.32 -13.13 -5.75
C ASN A 64 -4.28 -12.28 -6.46
N GLY A 65 -3.88 -11.21 -5.79
CA GLY A 65 -2.89 -10.32 -6.35
C GLY A 65 -3.30 -8.86 -6.31
N TYR A 66 -3.23 -8.24 -5.14
CA TYR A 66 -3.34 -6.78 -5.07
C TYR A 66 -2.17 -6.15 -5.79
N ASP A 67 -2.30 -4.90 -6.11
CA ASP A 67 -1.26 -4.20 -6.80
C ASP A 67 -1.26 -2.77 -6.32
N ARG A 68 -0.15 -2.09 -6.59
CA ARG A 68 0.15 -0.83 -5.93
C ARG A 68 -0.91 0.23 -6.18
N SER A 69 -1.64 0.14 -7.28
CA SER A 69 -2.70 1.09 -7.57
C SER A 69 -3.90 0.84 -6.65
N ALA A 70 -4.32 -0.42 -6.58
CA ALA A 70 -5.45 -0.81 -5.75
C ALA A 70 -5.11 -0.67 -4.28
N PHE A 71 -3.95 -1.21 -3.94
CA PHE A 71 -3.49 -1.21 -2.57
C PHE A 71 -3.36 0.22 -2.06
N PHE A 72 -2.72 1.09 -2.84
CA PHE A 72 -2.47 2.44 -2.40
C PHE A 72 -3.76 3.23 -2.28
N SER A 73 -4.70 2.95 -3.15
CA SER A 73 -5.99 3.62 -3.14
C SER A 73 -6.74 3.33 -1.83
N LEU A 74 -6.55 2.13 -1.31
CA LEU A 74 -7.15 1.74 -0.05
C LEU A 74 -6.41 2.38 1.12
N VAL A 75 -5.09 2.26 1.12
CA VAL A 75 -4.27 2.75 2.22
C VAL A 75 -4.35 4.27 2.35
N ALA A 76 -4.38 4.97 1.22
CA ALA A 76 -4.44 6.42 1.20
C ALA A 76 -5.77 6.94 1.78
N SER A 77 -6.71 6.03 1.94
CA SER A 77 -8.00 6.38 2.49
C SER A 77 -8.09 5.93 3.94
N ASP A 78 -7.12 5.13 4.39
CA ASP A 78 -7.17 4.56 5.72
C ASP A 78 -5.88 4.79 6.51
N GLU A 79 -5.98 5.63 7.53
CA GLU A 79 -4.84 5.94 8.39
C GLU A 79 -4.35 4.71 9.14
N GLN A 80 -5.26 3.80 9.46
CA GLN A 80 -4.87 2.57 10.12
C GLN A 80 -3.91 1.81 9.23
N TYR A 81 -4.05 2.02 7.93
CA TYR A 81 -3.36 1.26 6.92
C TYR A 81 -1.99 1.83 6.64
N VAL A 82 -1.92 3.15 6.49
CA VAL A 82 -0.69 3.79 6.19
C VAL A 82 0.31 3.57 7.32
N ARG A 83 -0.16 3.84 8.52
CA ARG A 83 0.62 3.62 9.71
C ARG A 83 0.78 2.14 10.00
N PHE A 84 -0.17 1.32 9.53
CA PHE A 84 -0.03 -0.13 9.76
C PHE A 84 1.30 -0.60 9.20
N ILE A 85 1.61 -0.15 7.99
CA ILE A 85 2.86 -0.50 7.36
C ILE A 85 4.00 0.28 7.98
N ALA A 86 3.80 1.58 8.14
CA ALA A 86 4.78 2.45 8.79
C ALA A 86 5.24 1.88 10.13
N GLN A 87 4.31 1.29 10.84
CA GLN A 87 4.57 0.75 12.16
C GLN A 87 5.34 -0.56 12.08
N HIS A 88 4.99 -1.38 11.09
CA HIS A 88 5.60 -2.69 10.96
C HIS A 88 6.84 -2.65 10.07
N PHE A 89 7.07 -1.51 9.41
CA PHE A 89 8.21 -1.36 8.54
C PHE A 89 8.51 0.13 8.26
N PRO A 90 9.63 0.63 8.79
CA PRO A 90 10.12 1.99 8.50
C PRO A 90 10.20 2.28 7.00
N CYS A 91 10.10 3.57 6.66
CA CYS A 91 10.03 3.99 5.26
C CYS A 91 11.36 3.86 4.57
N ALA A 92 11.34 3.13 3.46
CA ALA A 92 12.52 2.94 2.63
C ALA A 92 12.32 3.57 1.26
N PRO A 93 13.43 3.96 0.60
CA PRO A 93 13.39 4.60 -0.72
C PRO A 93 13.35 3.60 -1.88
N GLU A 94 13.08 2.34 -1.54
CA GLU A 94 13.06 1.23 -2.48
C GLU A 94 14.46 0.94 -3.04
N GLU A 95 14.92 -0.28 -2.80
CA GLU A 95 16.18 -0.78 -3.34
C GLU A 95 17.38 -0.02 -2.79
N GLU A 96 17.72 1.12 -3.38
CA GLU A 96 18.93 1.83 -3.01
C GLU A 96 18.98 3.23 -3.62
N LYS A 97 18.73 3.34 -4.92
CA LYS A 97 18.82 4.62 -5.61
C LYS A 97 17.43 5.18 -5.91
N PRO A 98 16.98 6.17 -5.11
CA PRO A 98 15.70 6.82 -5.31
C PRO A 98 15.79 7.99 -6.29
N PRO A 99 14.77 8.14 -7.15
CA PRO A 99 14.69 9.28 -8.08
C PRO A 99 14.31 10.57 -7.35
N GLU A 100 13.83 10.40 -6.13
CA GLU A 100 13.42 11.49 -5.27
C GLU A 100 13.30 10.95 -3.85
N ILE A 101 12.36 10.03 -3.69
CA ILE A 101 12.20 9.28 -2.46
C ILE A 101 11.72 7.87 -2.79
N ASP A 102 10.47 7.80 -3.24
CA ASP A 102 9.82 6.59 -3.73
C ASP A 102 8.32 6.84 -3.70
N ALA A 103 7.92 7.60 -2.69
CA ALA A 103 6.57 8.09 -2.59
C ALA A 103 6.21 8.87 -3.84
N LEU A 104 5.12 8.46 -4.49
CA LEU A 104 4.67 9.05 -5.74
C LEU A 104 5.75 8.97 -6.82
N GLU A 105 6.74 8.11 -6.57
CA GLU A 105 7.86 7.86 -7.48
C GLU A 105 8.72 9.11 -7.68
N LEU A 106 8.33 9.93 -8.65
CA LEU A 106 9.05 11.16 -8.96
C LEU A 106 8.11 12.10 -9.69
N LYS A 107 7.50 11.59 -10.75
CA LYS A 107 6.49 12.32 -11.48
C LYS A 107 5.15 12.14 -10.79
N THR A 108 4.56 13.24 -10.33
CA THR A 108 3.27 13.20 -9.67
C THR A 108 2.18 12.74 -10.63
N GLN A 109 2.37 13.05 -11.90
CA GLN A 109 1.45 12.66 -12.95
C GLN A 109 2.22 12.44 -14.24
N LYS A 110 1.58 11.85 -15.23
CA LYS A 110 2.21 11.59 -16.52
C LYS A 110 1.85 12.68 -17.51
N GLY A 111 1.67 13.89 -17.03
CA GLY A 111 1.25 14.99 -17.88
C GLY A 111 -0.23 14.94 -18.22
N PHE A 112 -0.86 13.83 -17.88
CA PHE A 112 -2.26 13.62 -18.17
C PHE A 112 -2.97 13.12 -16.92
N GLY A 1 -2.59 19.94 6.15
CA GLY A 1 -3.63 20.92 5.77
C GLY A 1 -4.88 20.25 5.24
N SER A 2 -5.98 20.98 5.20
CA SER A 2 -7.23 20.45 4.69
C SER A 2 -7.94 21.48 3.80
N ALA A 3 -7.24 22.56 3.47
CA ALA A 3 -7.78 23.59 2.61
C ALA A 3 -7.65 23.17 1.16
N MET A 4 -8.67 22.49 0.65
CA MET A 4 -8.62 21.88 -0.67
C MET A 4 -7.52 20.82 -0.70
N GLY A 5 -7.77 19.72 -0.02
CA GLY A 5 -6.80 18.66 0.07
C GLY A 5 -7.22 17.59 1.04
N HIS A 6 -6.72 16.38 0.85
CA HIS A 6 -7.10 15.26 1.70
C HIS A 6 -5.87 14.60 2.29
N MET A 7 -5.11 15.37 3.06
CA MET A 7 -3.93 14.87 3.74
C MET A 7 -4.33 14.01 4.93
N VAL A 8 -3.51 13.03 5.28
CA VAL A 8 -3.84 12.13 6.36
C VAL A 8 -2.53 11.74 7.04
N LYS A 9 -2.45 10.56 7.61
CA LYS A 9 -1.20 10.11 8.21
C LYS A 9 -0.20 9.69 7.11
N ILE A 10 -0.08 10.50 6.05
CA ILE A 10 0.86 10.21 4.99
C ILE A 10 1.78 11.40 4.76
N SER A 11 2.99 11.31 5.27
CA SER A 11 4.03 12.22 4.90
C SER A 11 4.88 11.56 3.83
N HIS A 12 5.94 12.21 3.38
CA HIS A 12 6.79 11.64 2.33
C HIS A 12 7.24 10.26 2.75
N GLU A 13 7.62 10.16 4.00
CA GLU A 13 8.11 8.92 4.55
C GLU A 13 7.01 7.86 4.60
N ASP A 14 5.78 8.26 4.90
CA ASP A 14 4.71 7.28 5.09
C ASP A 14 4.34 6.62 3.78
N THR A 15 4.22 7.40 2.72
CA THR A 15 3.91 6.83 1.41
C THR A 15 5.03 5.92 0.95
N GLN A 16 6.28 6.33 1.22
CA GLN A 16 7.44 5.48 0.95
C GLN A 16 7.31 4.18 1.73
N ARG A 17 6.82 4.30 2.97
CA ARG A 17 6.62 3.16 3.84
C ARG A 17 5.62 2.19 3.25
N ILE A 18 4.44 2.69 2.90
CA ILE A 18 3.34 1.83 2.47
C ILE A 18 3.71 1.01 1.24
N LYS A 19 4.22 1.66 0.20
CA LYS A 19 4.53 0.93 -1.02
C LYS A 19 5.58 -0.11 -0.76
N THR A 20 6.66 0.34 -0.14
CA THR A 20 7.85 -0.44 -0.05
C THR A 20 7.61 -1.74 0.71
N ALA A 21 6.80 -1.67 1.77
CA ALA A 21 6.54 -2.84 2.57
C ALA A 21 5.63 -3.79 1.82
N PHE A 22 4.47 -3.29 1.42
CA PHE A 22 3.49 -4.07 0.68
C PHE A 22 4.15 -4.93 -0.41
N LEU A 23 4.86 -4.30 -1.33
CA LEU A 23 5.48 -5.03 -2.45
C LEU A 23 6.49 -6.07 -1.98
N SER A 24 7.50 -5.59 -1.24
CA SER A 24 8.63 -6.42 -0.81
C SER A 24 8.17 -7.55 0.09
N TYR A 25 7.09 -7.31 0.80
CA TYR A 25 6.60 -8.26 1.77
C TYR A 25 6.02 -9.48 1.09
N ALA A 26 5.17 -9.28 0.10
CA ALA A 26 4.56 -10.43 -0.53
C ALA A 26 5.55 -11.19 -1.42
N GLN A 27 5.91 -10.61 -2.55
CA GLN A 27 6.84 -11.25 -3.47
C GLN A 27 8.10 -10.43 -3.63
N GLY A 28 7.93 -9.11 -3.53
CA GLY A 28 8.92 -8.20 -4.04
C GLY A 28 8.51 -7.66 -5.40
N GLN A 29 7.49 -8.27 -6.00
CA GLN A 29 6.96 -7.81 -7.29
C GLN A 29 6.14 -6.51 -7.14
N ASP A 30 5.48 -6.13 -8.24
CA ASP A 30 4.70 -4.88 -8.29
C ASP A 30 3.30 -5.07 -7.73
N LYS A 31 3.04 -6.24 -7.16
CA LYS A 31 1.75 -6.54 -6.59
C LYS A 31 1.94 -7.26 -5.28
N VAL A 32 0.87 -7.73 -4.69
CA VAL A 32 0.95 -8.55 -3.49
C VAL A 32 0.04 -9.74 -3.54
N THR A 33 0.55 -10.85 -3.03
CA THR A 33 -0.21 -12.06 -2.87
C THR A 33 -1.29 -11.90 -1.80
N GLU A 34 -2.12 -12.89 -1.63
CA GLU A 34 -3.23 -12.82 -0.69
C GLU A 34 -2.76 -12.56 0.75
N ALA A 35 -1.56 -13.03 1.08
CA ALA A 35 -1.10 -13.09 2.46
C ALA A 35 -0.95 -11.69 3.06
N MET A 36 -0.14 -10.87 2.42
CA MET A 36 0.04 -9.51 2.86
C MET A 36 -1.22 -8.71 2.64
N ILE A 37 -2.03 -9.16 1.68
CA ILE A 37 -3.28 -8.48 1.41
C ILE A 37 -4.26 -8.67 2.57
N ASP A 38 -4.19 -9.83 3.21
CA ASP A 38 -4.98 -10.12 4.38
C ASP A 38 -4.54 -9.27 5.55
N GLN A 39 -3.24 -9.07 5.66
CA GLN A 39 -2.66 -8.27 6.73
C GLN A 39 -3.30 -6.91 6.77
N LEU A 40 -3.32 -6.26 5.62
CA LEU A 40 -3.86 -4.94 5.51
C LEU A 40 -5.37 -4.97 5.70
N ILE A 41 -6.04 -5.79 4.92
CA ILE A 41 -7.51 -5.82 4.93
C ILE A 41 -8.06 -6.14 6.32
N CYS A 42 -7.45 -7.10 7.00
CA CYS A 42 -7.89 -7.48 8.33
C CYS A 42 -7.49 -6.39 9.33
N GLY A 43 -6.52 -5.57 8.90
CA GLY A 43 -6.05 -4.46 9.71
C GLY A 43 -7.16 -3.52 10.16
N ALA A 44 -7.97 -3.03 9.21
CA ALA A 44 -9.04 -2.11 9.57
C ALA A 44 -10.34 -2.85 9.84
N PHE A 45 -10.74 -3.73 8.93
CA PHE A 45 -11.96 -4.50 9.11
C PHE A 45 -11.67 -5.98 9.20
N PRO A 46 -11.73 -6.49 10.41
CA PRO A 46 -11.57 -7.90 10.66
C PRO A 46 -12.88 -8.66 10.63
N GLY A 47 -12.79 -9.98 10.57
CA GLY A 47 -13.96 -10.82 10.56
C GLY A 47 -14.50 -11.03 9.16
N LEU A 48 -13.61 -10.97 8.17
CA LEU A 48 -14.01 -11.16 6.79
C LEU A 48 -13.73 -12.58 6.34
N SER A 49 -14.75 -13.26 5.85
CA SER A 49 -14.56 -14.53 5.18
C SER A 49 -13.99 -14.26 3.80
N TRP A 50 -13.40 -15.26 3.14
CA TRP A 50 -12.72 -15.01 1.88
C TRP A 50 -13.67 -14.41 0.84
N GLU A 51 -14.94 -14.82 0.87
CA GLU A 51 -15.94 -14.26 -0.03
C GLU A 51 -16.08 -12.75 0.16
N GLN A 52 -16.16 -12.35 1.42
CA GLN A 52 -16.31 -10.94 1.77
C GLN A 52 -15.03 -10.17 1.51
N LEU A 53 -13.91 -10.81 1.71
CA LEU A 53 -12.63 -10.16 1.53
C LEU A 53 -12.31 -10.02 0.04
N GLN A 54 -12.68 -11.04 -0.73
CA GLN A 54 -12.41 -11.04 -2.17
C GLN A 54 -13.20 -9.91 -2.84
N GLU A 55 -14.40 -9.64 -2.32
CA GLU A 55 -15.20 -8.54 -2.84
C GLU A 55 -14.64 -7.20 -2.38
N LYS A 56 -13.96 -7.20 -1.23
CA LYS A 56 -13.30 -6.01 -0.71
C LYS A 56 -12.36 -5.40 -1.75
N LYS A 57 -11.45 -6.23 -2.25
CA LYS A 57 -10.40 -5.76 -3.14
C LYS A 57 -10.68 -6.14 -4.60
N LYS A 58 -11.91 -6.55 -4.87
CA LYS A 58 -12.32 -6.96 -6.23
C LYS A 58 -12.03 -5.88 -7.26
N GLY A 59 -12.16 -6.25 -8.53
CA GLY A 59 -11.88 -5.34 -9.61
C GLY A 59 -10.43 -5.34 -9.99
N ARG A 60 -9.60 -4.99 -9.03
CA ARG A 60 -8.19 -4.79 -9.30
C ARG A 60 -7.34 -5.93 -8.72
N ALA A 61 -7.68 -6.38 -7.52
CA ALA A 61 -6.96 -7.51 -6.94
C ALA A 61 -7.62 -8.80 -7.36
N ALA A 62 -8.93 -8.70 -7.63
CA ALA A 62 -9.73 -9.85 -8.04
C ALA A 62 -9.61 -10.94 -6.98
N ALA A 63 -9.49 -12.19 -7.43
CA ALA A 63 -9.27 -13.30 -6.50
C ALA A 63 -7.82 -13.32 -6.04
N ASN A 64 -7.39 -12.17 -5.52
CA ASN A 64 -6.11 -11.99 -4.84
C ASN A 64 -5.02 -11.55 -5.79
N GLY A 65 -4.33 -10.51 -5.36
CA GLY A 65 -3.31 -9.87 -6.17
C GLY A 65 -3.49 -8.36 -6.20
N TYR A 66 -3.38 -7.73 -5.03
CA TYR A 66 -3.43 -6.27 -4.97
C TYR A 66 -2.22 -5.71 -5.63
N ASP A 67 -2.43 -4.72 -6.44
CA ASP A 67 -1.35 -4.09 -7.13
C ASP A 67 -1.08 -2.78 -6.45
N ARG A 68 0.00 -2.13 -6.82
CA ARG A 68 0.41 -0.91 -6.14
C ARG A 68 -0.69 0.15 -6.18
N SER A 69 -1.40 0.26 -7.29
CA SER A 69 -2.45 1.27 -7.40
C SER A 69 -3.67 0.90 -6.54
N ALA A 70 -4.07 -0.36 -6.60
CA ALA A 70 -5.24 -0.83 -5.85
C ALA A 70 -5.04 -0.72 -4.36
N PHE A 71 -3.94 -1.30 -3.90
CA PHE A 71 -3.65 -1.36 -2.50
C PHE A 71 -3.37 0.03 -1.95
N PHE A 72 -2.65 0.84 -2.71
CA PHE A 72 -2.36 2.21 -2.29
C PHE A 72 -3.64 3.04 -2.20
N SER A 73 -4.56 2.77 -3.12
CA SER A 73 -5.84 3.48 -3.15
C SER A 73 -6.60 3.26 -1.84
N LEU A 74 -6.50 2.05 -1.29
CA LEU A 74 -7.14 1.73 -0.03
C LEU A 74 -6.39 2.40 1.13
N VAL A 75 -5.08 2.24 1.17
CA VAL A 75 -4.28 2.76 2.27
C VAL A 75 -4.33 4.28 2.35
N ALA A 76 -4.32 4.93 1.19
CA ALA A 76 -4.37 6.39 1.12
C ALA A 76 -5.69 6.93 1.65
N SER A 77 -6.64 6.04 1.88
CA SER A 77 -7.94 6.41 2.38
C SER A 77 -8.09 5.98 3.84
N ASP A 78 -7.12 5.22 4.34
CA ASP A 78 -7.18 4.65 5.68
C ASP A 78 -5.89 4.88 6.44
N GLU A 79 -5.94 5.77 7.43
CA GLU A 79 -4.76 6.08 8.23
C GLU A 79 -4.30 4.86 9.02
N GLN A 80 -5.23 3.97 9.37
CA GLN A 80 -4.87 2.76 10.11
C GLN A 80 -3.92 1.93 9.27
N TYR A 81 -4.06 2.08 7.97
CA TYR A 81 -3.36 1.28 7.00
C TYR A 81 -1.98 1.84 6.73
N VAL A 82 -1.91 3.16 6.61
CA VAL A 82 -0.67 3.81 6.33
C VAL A 82 0.32 3.58 7.46
N ARG A 83 -0.14 3.84 8.67
CA ARG A 83 0.62 3.57 9.87
C ARG A 83 0.76 2.09 10.13
N PHE A 84 -0.18 1.29 9.63
CA PHE A 84 -0.03 -0.16 9.78
C PHE A 84 1.30 -0.58 9.19
N ILE A 85 1.56 -0.14 7.98
CA ILE A 85 2.80 -0.47 7.31
C ILE A 85 3.96 0.36 7.87
N ALA A 86 3.76 1.66 8.01
CA ALA A 86 4.76 2.55 8.60
C ALA A 86 5.27 2.01 9.94
N GLN A 87 4.38 1.41 10.69
CA GLN A 87 4.71 0.83 11.99
C GLN A 87 5.57 -0.41 11.81
N HIS A 88 5.21 -1.21 10.80
CA HIS A 88 5.90 -2.46 10.54
C HIS A 88 7.24 -2.23 9.82
N PHE A 89 7.31 -1.19 9.01
CA PHE A 89 8.48 -0.96 8.18
C PHE A 89 8.69 0.52 7.88
N PRO A 90 9.78 1.10 8.39
CA PRO A 90 10.23 2.46 8.05
C PRO A 90 10.32 2.71 6.54
N CYS A 91 10.31 3.98 6.15
CA CYS A 91 10.25 4.39 4.75
C CYS A 91 11.49 3.96 3.99
N ALA A 92 11.24 3.47 2.79
CA ALA A 92 12.29 2.96 1.90
C ALA A 92 13.38 4.00 1.65
N PRO A 93 14.60 3.53 1.42
CA PRO A 93 15.76 4.39 1.17
C PRO A 93 15.79 4.97 -0.24
N GLU A 94 14.97 5.96 -0.48
CA GLU A 94 14.95 6.68 -1.75
C GLU A 94 16.13 7.64 -1.85
N GLU A 95 17.30 7.18 -1.42
CA GLU A 95 18.53 7.93 -1.55
C GLU A 95 19.55 7.17 -2.37
N GLU A 96 19.37 5.85 -2.46
CA GLU A 96 20.31 5.00 -3.17
C GLU A 96 20.09 5.06 -4.68
N LYS A 97 18.86 4.78 -5.11
CA LYS A 97 18.52 4.90 -6.52
C LYS A 97 17.08 5.38 -6.68
N PRO A 98 16.81 6.64 -6.28
CA PRO A 98 15.47 7.19 -6.32
C PRO A 98 15.09 7.73 -7.69
N PRO A 99 14.01 7.22 -8.29
CA PRO A 99 13.46 7.77 -9.52
C PRO A 99 12.81 9.13 -9.26
N GLU A 100 12.35 9.29 -8.03
CA GLU A 100 11.73 10.53 -7.60
C GLU A 100 11.62 10.53 -6.07
N ILE A 101 10.54 9.95 -5.57
CA ILE A 101 10.32 9.83 -4.13
C ILE A 101 9.68 8.49 -3.81
N ASP A 102 9.21 7.80 -4.86
CA ASP A 102 8.47 6.54 -4.75
C ASP A 102 7.09 6.78 -4.13
N ALA A 103 7.10 7.36 -2.94
CA ALA A 103 5.91 7.71 -2.18
C ALA A 103 4.78 8.21 -3.06
N LEU A 104 4.90 9.43 -3.56
CA LEU A 104 3.87 10.01 -4.38
C LEU A 104 4.26 9.96 -5.85
N GLU A 105 4.76 8.80 -6.29
CA GLU A 105 5.10 8.59 -7.69
C GLU A 105 3.81 8.28 -8.48
N LEU A 106 2.82 9.13 -8.27
CA LEU A 106 1.49 8.99 -8.84
C LEU A 106 0.59 10.05 -8.26
N LYS A 107 0.26 9.89 -6.97
CA LYS A 107 -0.63 10.80 -6.24
C LYS A 107 -2.02 10.84 -6.88
N THR A 108 -2.14 11.63 -7.94
CA THR A 108 -3.40 11.78 -8.64
C THR A 108 -3.15 11.85 -10.15
N GLN A 109 -3.78 10.96 -10.89
CA GLN A 109 -3.64 10.95 -12.34
C GLN A 109 -4.21 12.25 -12.91
N LYS A 110 -3.31 13.06 -13.46
CA LYS A 110 -3.65 14.40 -13.93
C LYS A 110 -4.30 15.20 -12.82
N GLY A 111 -3.52 15.54 -11.80
CA GLY A 111 -4.01 16.33 -10.69
C GLY A 111 -4.03 17.82 -11.03
N PHE A 112 -4.39 18.11 -12.27
CA PHE A 112 -4.44 19.47 -12.77
C PHE A 112 -5.89 19.92 -12.88
N GLY A 1 -3.90 10.36 -11.38
CA GLY A 1 -2.72 9.59 -10.92
C GLY A 1 -2.86 9.12 -9.50
N SER A 2 -2.33 7.95 -9.20
CA SER A 2 -2.44 7.36 -7.87
C SER A 2 -1.52 8.09 -6.87
N ALA A 3 -0.63 8.91 -7.40
CA ALA A 3 0.32 9.67 -6.58
C ALA A 3 -0.39 10.71 -5.72
N MET A 4 -1.67 10.93 -5.97
CA MET A 4 -2.46 11.89 -5.20
C MET A 4 -3.81 11.30 -4.83
N GLY A 5 -3.80 10.07 -4.35
CA GLY A 5 -5.05 9.41 -3.98
C GLY A 5 -5.48 9.74 -2.56
N HIS A 6 -5.47 11.03 -2.23
CA HIS A 6 -5.80 11.52 -0.89
C HIS A 6 -4.66 11.26 0.09
N MET A 7 -4.42 12.22 0.98
CA MET A 7 -3.39 12.09 2.00
C MET A 7 -4.01 12.17 3.39
N VAL A 8 -3.32 11.64 4.37
CA VAL A 8 -3.79 11.67 5.75
C VAL A 8 -2.58 11.56 6.69
N LYS A 9 -2.40 10.41 7.29
CA LYS A 9 -1.16 10.11 7.98
C LYS A 9 -0.10 9.71 6.95
N ILE A 10 0.02 10.51 5.90
CA ILE A 10 0.89 10.21 4.80
C ILE A 10 1.72 11.42 4.42
N SER A 11 2.96 11.43 4.84
CA SER A 11 3.93 12.38 4.34
C SER A 11 4.78 11.69 3.27
N HIS A 12 5.83 12.35 2.79
CA HIS A 12 6.71 11.74 1.79
C HIS A 12 7.20 10.40 2.31
N GLU A 13 7.72 10.44 3.52
CA GLU A 13 8.23 9.25 4.19
C GLU A 13 7.14 8.21 4.37
N ASP A 14 5.93 8.64 4.69
CA ASP A 14 4.86 7.71 4.99
C ASP A 14 4.40 7.00 3.75
N THR A 15 4.24 7.74 2.67
CA THR A 15 3.82 7.16 1.41
C THR A 15 4.79 6.04 1.01
N GLN A 16 6.07 6.29 1.24
CA GLN A 16 7.12 5.37 0.85
C GLN A 16 7.04 4.05 1.60
N ARG A 17 6.81 4.11 2.92
CA ARG A 17 6.76 2.87 3.70
C ARG A 17 5.66 1.97 3.22
N ILE A 18 4.48 2.54 3.02
CA ILE A 18 3.33 1.76 2.57
C ILE A 18 3.66 0.97 1.31
N LYS A 19 4.19 1.66 0.31
CA LYS A 19 4.53 1.01 -0.94
C LYS A 19 5.58 -0.03 -0.72
N THR A 20 6.67 0.41 -0.10
CA THR A 20 7.86 -0.38 -0.04
C THR A 20 7.62 -1.69 0.71
N ALA A 21 6.81 -1.64 1.75
CA ALA A 21 6.56 -2.81 2.56
C ALA A 21 5.67 -3.78 1.83
N PHE A 22 4.49 -3.32 1.46
CA PHE A 22 3.51 -4.14 0.76
C PHE A 22 4.14 -4.96 -0.36
N LEU A 23 4.89 -4.32 -1.25
CA LEU A 23 5.50 -5.01 -2.37
C LEU A 23 6.51 -6.07 -1.92
N SER A 24 7.53 -5.62 -1.17
CA SER A 24 8.63 -6.48 -0.76
C SER A 24 8.17 -7.61 0.13
N TYR A 25 7.11 -7.35 0.87
CA TYR A 25 6.59 -8.29 1.83
C TYR A 25 6.04 -9.52 1.14
N ALA A 26 5.12 -9.32 0.21
CA ALA A 26 4.51 -10.47 -0.44
C ALA A 26 5.42 -11.11 -1.46
N GLN A 27 5.63 -10.43 -2.58
CA GLN A 27 6.33 -11.03 -3.71
C GLN A 27 7.67 -10.38 -3.97
N GLY A 28 7.75 -9.09 -3.67
CA GLY A 28 8.83 -8.29 -4.17
C GLY A 28 8.49 -7.70 -5.53
N GLN A 29 7.37 -8.16 -6.10
CA GLN A 29 6.92 -7.67 -7.41
C GLN A 29 6.10 -6.41 -7.27
N ASP A 30 5.39 -6.03 -8.33
CA ASP A 30 4.56 -4.83 -8.32
C ASP A 30 3.23 -5.07 -7.62
N LYS A 31 2.98 -6.31 -7.21
CA LYS A 31 1.71 -6.66 -6.63
C LYS A 31 1.92 -7.60 -5.46
N VAL A 32 0.85 -8.00 -4.81
CA VAL A 32 0.93 -8.78 -3.59
C VAL A 32 -0.03 -9.96 -3.57
N THR A 33 0.46 -11.06 -2.99
CA THR A 33 -0.34 -12.24 -2.79
C THR A 33 -1.40 -12.02 -1.71
N GLU A 34 -2.26 -13.01 -1.52
CA GLU A 34 -3.35 -12.90 -0.56
C GLU A 34 -2.86 -12.60 0.87
N ALA A 35 -1.66 -13.07 1.18
CA ALA A 35 -1.17 -13.08 2.56
C ALA A 35 -0.98 -11.68 3.11
N MET A 36 -0.17 -10.88 2.42
CA MET A 36 0.06 -9.52 2.82
C MET A 36 -1.20 -8.70 2.61
N ILE A 37 -2.01 -9.15 1.68
CA ILE A 37 -3.25 -8.45 1.39
C ILE A 37 -4.21 -8.58 2.57
N ASP A 38 -4.21 -9.75 3.18
CA ASP A 38 -5.03 -10.03 4.35
C ASP A 38 -4.55 -9.23 5.53
N GLN A 39 -3.24 -9.05 5.63
CA GLN A 39 -2.66 -8.30 6.74
C GLN A 39 -3.25 -6.89 6.73
N LEU A 40 -3.29 -6.30 5.54
CA LEU A 40 -3.84 -4.98 5.39
C LEU A 40 -5.35 -5.01 5.57
N ILE A 41 -6.05 -5.83 4.79
CA ILE A 41 -7.51 -5.86 4.81
C ILE A 41 -8.06 -6.17 6.20
N CYS A 42 -7.53 -7.19 6.84
CA CYS A 42 -8.00 -7.58 8.17
C CYS A 42 -7.52 -6.56 9.20
N GLY A 43 -6.55 -5.76 8.79
CA GLY A 43 -6.05 -4.67 9.61
C GLY A 43 -7.16 -3.74 10.11
N ALA A 44 -7.99 -3.23 9.20
CA ALA A 44 -9.07 -2.35 9.60
C ALA A 44 -10.34 -3.13 9.85
N PHE A 45 -10.77 -3.91 8.86
CA PHE A 45 -11.98 -4.70 8.99
C PHE A 45 -11.69 -6.17 8.98
N PRO A 46 -11.75 -6.76 10.15
CA PRO A 46 -11.66 -8.18 10.32
C PRO A 46 -13.03 -8.86 10.31
N GLY A 47 -13.05 -10.13 10.72
CA GLY A 47 -14.29 -10.88 10.72
C GLY A 47 -14.76 -11.18 9.31
N LEU A 48 -13.81 -11.17 8.38
CA LEU A 48 -14.13 -11.41 6.99
C LEU A 48 -13.84 -12.86 6.61
N SER A 49 -14.85 -13.53 6.09
CA SER A 49 -14.64 -14.82 5.46
C SER A 49 -13.92 -14.60 4.13
N TRP A 50 -13.24 -15.59 3.60
CA TRP A 50 -12.38 -15.36 2.44
C TRP A 50 -13.17 -14.78 1.26
N GLU A 51 -14.40 -15.23 1.08
CA GLU A 51 -15.22 -14.72 -0.03
C GLU A 51 -15.58 -13.24 0.18
N GLN A 52 -15.88 -12.87 1.41
CA GLN A 52 -16.16 -11.47 1.73
C GLN A 52 -14.90 -10.62 1.53
N LEU A 53 -13.76 -11.21 1.82
CA LEU A 53 -12.51 -10.51 1.65
C LEU A 53 -12.13 -10.43 0.17
N GLN A 54 -12.37 -11.51 -0.56
CA GLN A 54 -12.00 -11.58 -1.98
C GLN A 54 -12.71 -10.49 -2.77
N GLU A 55 -13.96 -10.21 -2.40
CA GLU A 55 -14.73 -9.15 -3.04
C GLU A 55 -14.28 -7.78 -2.57
N LYS A 56 -13.76 -7.72 -1.33
CA LYS A 56 -13.19 -6.48 -0.80
C LYS A 56 -12.17 -5.89 -1.77
N LYS A 57 -11.21 -6.70 -2.17
CA LYS A 57 -10.08 -6.26 -2.98
C LYS A 57 -10.16 -6.77 -4.41
N LYS A 58 -11.33 -7.29 -4.80
CA LYS A 58 -11.54 -7.79 -6.16
C LYS A 58 -11.13 -6.77 -7.21
N GLY A 59 -10.84 -7.25 -8.40
CA GLY A 59 -10.29 -6.40 -9.44
C GLY A 59 -8.84 -6.71 -9.69
N ARG A 60 -7.99 -6.42 -8.71
CA ARG A 60 -6.57 -6.67 -8.84
C ARG A 60 -6.16 -7.88 -8.01
N ALA A 61 -6.64 -7.94 -6.76
CA ALA A 61 -6.24 -8.98 -5.85
C ALA A 61 -7.33 -10.04 -5.77
N ALA A 62 -8.23 -9.95 -6.73
CA ALA A 62 -9.29 -10.93 -6.89
C ALA A 62 -8.73 -12.35 -6.92
N ALA A 63 -7.86 -12.61 -7.88
CA ALA A 63 -7.20 -13.89 -7.99
C ALA A 63 -5.83 -13.83 -7.35
N ASN A 64 -5.71 -12.93 -6.38
CA ASN A 64 -4.49 -12.74 -5.60
C ASN A 64 -3.44 -11.98 -6.38
N GLY A 65 -3.39 -10.71 -6.09
CA GLY A 65 -2.44 -9.83 -6.73
C GLY A 65 -2.79 -8.36 -6.58
N TYR A 66 -2.82 -7.86 -5.35
CA TYR A 66 -3.12 -6.45 -5.12
C TYR A 66 -2.03 -5.61 -5.71
N ASP A 67 -2.40 -4.79 -6.66
CA ASP A 67 -1.48 -3.95 -7.34
C ASP A 67 -1.28 -2.69 -6.55
N ARG A 68 -0.13 -2.11 -6.72
CA ARG A 68 0.32 -0.99 -5.92
C ARG A 68 -0.61 0.21 -6.02
N SER A 69 -1.35 0.31 -7.12
CA SER A 69 -2.36 1.34 -7.25
C SER A 69 -3.56 1.03 -6.36
N ALA A 70 -4.04 -0.21 -6.44
CA ALA A 70 -5.20 -0.65 -5.67
C ALA A 70 -4.90 -0.62 -4.20
N PHE A 71 -3.75 -1.18 -3.84
CA PHE A 71 -3.32 -1.23 -2.46
C PHE A 71 -3.20 0.18 -1.92
N PHE A 72 -2.52 1.06 -2.66
CA PHE A 72 -2.31 2.42 -2.18
C PHE A 72 -3.63 3.18 -2.10
N SER A 73 -4.53 2.89 -3.02
CA SER A 73 -5.82 3.56 -3.06
C SER A 73 -6.59 3.32 -1.76
N LEU A 74 -6.47 2.11 -1.23
CA LEU A 74 -7.14 1.73 0.01
C LEU A 74 -6.42 2.33 1.22
N VAL A 75 -5.10 2.26 1.21
CA VAL A 75 -4.30 2.70 2.35
C VAL A 75 -4.31 4.23 2.48
N ALA A 76 -4.31 4.92 1.34
CA ALA A 76 -4.26 6.38 1.32
C ALA A 76 -5.48 6.99 2.00
N SER A 77 -6.59 6.28 1.99
CA SER A 77 -7.81 6.75 2.60
C SER A 77 -7.93 6.27 4.04
N ASP A 78 -7.12 5.30 4.40
CA ASP A 78 -7.20 4.69 5.72
C ASP A 78 -5.89 4.85 6.48
N GLU A 79 -5.85 5.80 7.41
CA GLU A 79 -4.62 6.12 8.14
C GLU A 79 -4.15 4.95 8.98
N GLN A 80 -5.05 4.10 9.43
CA GLN A 80 -4.65 2.96 10.25
C GLN A 80 -3.84 2.00 9.38
N TYR A 81 -4.05 2.11 8.08
CA TYR A 81 -3.39 1.27 7.11
C TYR A 81 -2.01 1.79 6.79
N VAL A 82 -1.90 3.12 6.65
CA VAL A 82 -0.64 3.72 6.35
C VAL A 82 0.34 3.49 7.48
N ARG A 83 -0.11 3.78 8.68
CA ARG A 83 0.65 3.49 9.89
C ARG A 83 0.74 2.00 10.15
N PHE A 84 -0.22 1.22 9.65
CA PHE A 84 -0.12 -0.23 9.79
C PHE A 84 1.20 -0.69 9.19
N ILE A 85 1.49 -0.20 8.00
CA ILE A 85 2.76 -0.50 7.35
C ILE A 85 3.90 0.32 7.93
N ALA A 86 3.72 1.62 8.05
CA ALA A 86 4.73 2.49 8.65
C ALA A 86 5.25 1.95 9.97
N GLN A 87 4.34 1.43 10.78
CA GLN A 87 4.70 0.83 12.07
C GLN A 87 5.41 -0.50 11.84
N HIS A 88 4.90 -1.24 10.86
CA HIS A 88 5.43 -2.55 10.49
C HIS A 88 6.84 -2.42 9.92
N PHE A 89 7.01 -1.46 9.05
CA PHE A 89 8.24 -1.30 8.29
C PHE A 89 8.46 0.17 7.97
N PRO A 90 9.53 0.77 8.52
CA PRO A 90 9.92 2.15 8.22
C PRO A 90 10.20 2.36 6.75
N CYS A 91 9.96 3.58 6.27
CA CYS A 91 10.21 3.94 4.88
C CYS A 91 11.62 3.57 4.48
N ALA A 92 11.71 2.85 3.39
CA ALA A 92 12.97 2.28 2.94
C ALA A 92 13.94 3.35 2.47
N PRO A 93 15.24 3.09 2.66
CA PRO A 93 16.31 3.99 2.26
C PRO A 93 16.66 3.86 0.78
N GLU A 94 15.62 3.75 -0.03
CA GLU A 94 15.78 3.67 -1.47
C GLU A 94 16.10 5.06 -1.99
N GLU A 95 17.36 5.22 -2.32
CA GLU A 95 17.95 6.53 -2.57
C GLU A 95 17.55 7.14 -3.93
N GLU A 96 18.23 6.71 -4.99
CA GLU A 96 18.10 7.39 -6.28
C GLU A 96 17.61 6.46 -7.39
N LYS A 97 17.81 5.16 -7.20
CA LYS A 97 17.44 4.17 -8.22
C LYS A 97 15.94 4.19 -8.53
N PRO A 98 15.04 4.29 -7.52
CA PRO A 98 13.60 4.46 -7.77
C PRO A 98 13.30 5.74 -8.55
N PRO A 99 12.08 5.85 -9.12
CA PRO A 99 11.66 7.00 -9.93
C PRO A 99 12.16 8.35 -9.41
N GLU A 100 11.96 8.59 -8.12
CA GLU A 100 12.46 9.79 -7.48
C GLU A 100 13.15 9.43 -6.17
N ILE A 101 12.36 9.19 -5.14
CA ILE A 101 12.86 8.66 -3.88
C ILE A 101 12.21 7.31 -3.65
N ASP A 102 10.90 7.32 -3.50
CA ASP A 102 10.08 6.11 -3.50
C ASP A 102 8.61 6.48 -3.65
N ALA A 103 8.16 7.46 -2.87
CA ALA A 103 6.77 7.84 -2.84
C ALA A 103 6.37 8.61 -4.09
N LEU A 104 5.15 8.36 -4.53
CA LEU A 104 4.48 9.13 -5.58
C LEU A 104 5.03 8.77 -6.97
N GLU A 105 6.34 8.53 -7.01
CA GLU A 105 7.05 8.02 -8.19
C GLU A 105 6.93 8.94 -9.41
N LEU A 106 5.78 8.92 -10.06
CA LEU A 106 5.58 9.66 -11.29
C LEU A 106 5.59 11.16 -11.04
N LYS A 107 4.86 11.61 -10.04
CA LYS A 107 4.75 13.03 -9.77
C LYS A 107 4.69 13.32 -8.27
N THR A 108 5.77 13.89 -7.75
CA THR A 108 5.78 14.41 -6.39
C THR A 108 5.11 15.77 -6.35
N GLN A 109 5.24 16.50 -7.46
CA GLN A 109 4.55 17.77 -7.63
C GLN A 109 3.06 17.51 -7.83
N LYS A 110 2.24 18.50 -7.51
CA LYS A 110 0.79 18.35 -7.65
C LYS A 110 0.38 18.45 -9.12
N GLY A 111 0.62 17.38 -9.86
CA GLY A 111 0.22 17.33 -11.24
C GLY A 111 -1.24 16.94 -11.39
N PHE A 112 -2.12 17.89 -11.14
CA PHE A 112 -3.56 17.65 -11.23
C PHE A 112 -4.17 18.60 -12.25
N GLY A 1 -9.81 9.72 7.06
CA GLY A 1 -9.18 11.06 7.10
C GLY A 1 -10.20 12.17 7.05
N SER A 2 -9.73 13.41 7.15
CA SER A 2 -10.63 14.55 7.21
C SER A 2 -11.19 14.91 5.83
N ALA A 3 -10.35 14.78 4.80
CA ALA A 3 -10.76 15.15 3.45
C ALA A 3 -10.04 14.32 2.40
N MET A 4 -10.77 13.40 1.77
CA MET A 4 -10.25 12.57 0.68
C MET A 4 -9.10 11.67 1.15
N GLY A 5 -8.57 10.89 0.22
CA GLY A 5 -7.49 9.98 0.53
C GLY A 5 -6.23 10.29 -0.23
N HIS A 6 -5.77 11.52 -0.14
CA HIS A 6 -4.49 11.91 -0.71
C HIS A 6 -3.50 12.25 0.40
N MET A 7 -4.04 12.67 1.53
CA MET A 7 -3.26 12.99 2.70
C MET A 7 -4.10 12.79 3.96
N VAL A 8 -3.58 11.99 4.89
CA VAL A 8 -4.26 11.75 6.15
C VAL A 8 -3.25 11.58 7.27
N LYS A 9 -2.56 10.49 7.23
CA LYS A 9 -1.41 10.23 8.08
C LYS A 9 -0.26 9.79 7.18
N ILE A 10 -0.08 10.55 6.13
CA ILE A 10 0.88 10.22 5.10
C ILE A 10 1.84 11.38 4.90
N SER A 11 3.04 11.24 5.44
CA SER A 11 4.10 12.16 5.15
C SER A 11 4.92 11.60 4.00
N HIS A 12 6.04 12.23 3.64
CA HIS A 12 6.89 11.71 2.58
C HIS A 12 7.28 10.28 2.91
N GLU A 13 7.62 10.10 4.16
CA GLU A 13 8.07 8.83 4.66
C GLU A 13 6.93 7.80 4.67
N ASP A 14 5.72 8.22 5.04
CA ASP A 14 4.64 7.27 5.20
C ASP A 14 4.26 6.64 3.87
N THR A 15 4.13 7.45 2.83
CA THR A 15 3.81 6.93 1.51
C THR A 15 4.89 5.98 1.04
N GLN A 16 6.16 6.35 1.31
CA GLN A 16 7.28 5.47 1.01
C GLN A 16 7.10 4.14 1.72
N ARG A 17 6.70 4.23 2.98
CA ARG A 17 6.53 3.06 3.84
C ARG A 17 5.50 2.11 3.26
N ILE A 18 4.31 2.64 2.97
CA ILE A 18 3.21 1.80 2.54
C ILE A 18 3.55 1.00 1.29
N LYS A 19 4.06 1.68 0.26
CA LYS A 19 4.38 1.02 -0.99
C LYS A 19 5.46 -0.01 -0.76
N THR A 20 6.53 0.45 -0.15
CA THR A 20 7.74 -0.32 -0.08
C THR A 20 7.53 -1.63 0.68
N ALA A 21 6.71 -1.58 1.72
CA ALA A 21 6.49 -2.75 2.53
C ALA A 21 5.61 -3.75 1.82
N PHE A 22 4.42 -3.31 1.46
CA PHE A 22 3.44 -4.14 0.76
C PHE A 22 4.10 -4.95 -0.36
N LEU A 23 4.78 -4.29 -1.30
CA LEU A 23 5.42 -4.99 -2.41
C LEU A 23 6.46 -6.01 -1.93
N SER A 24 7.45 -5.52 -1.18
CA SER A 24 8.59 -6.33 -0.75
C SER A 24 8.16 -7.47 0.16
N TYR A 25 7.08 -7.24 0.90
CA TYR A 25 6.60 -8.22 1.86
C TYR A 25 6.11 -9.46 1.17
N ALA A 26 5.18 -9.29 0.24
CA ALA A 26 4.61 -10.44 -0.42
C ALA A 26 5.54 -11.10 -1.41
N GLN A 27 5.76 -10.41 -2.52
CA GLN A 27 6.51 -11.01 -3.61
C GLN A 27 7.82 -10.29 -3.87
N GLY A 28 7.81 -8.99 -3.62
CA GLY A 28 8.86 -8.13 -4.11
C GLY A 28 8.53 -7.60 -5.49
N GLN A 29 7.49 -8.17 -6.14
CA GLN A 29 7.12 -7.78 -7.49
C GLN A 29 6.21 -6.55 -7.50
N ASP A 30 5.56 -6.34 -8.64
CA ASP A 30 4.63 -5.22 -8.82
C ASP A 30 3.36 -5.40 -7.98
N LYS A 31 3.16 -6.61 -7.46
CA LYS A 31 1.92 -6.92 -6.76
C LYS A 31 2.21 -7.58 -5.44
N VAL A 32 1.13 -7.99 -4.80
CA VAL A 32 1.21 -8.73 -3.57
C VAL A 32 0.28 -9.92 -3.60
N THR A 33 0.77 -11.04 -3.09
CA THR A 33 -0.08 -12.17 -2.91
C THR A 33 -1.07 -11.83 -1.82
N GLU A 34 -2.20 -12.48 -1.87
CA GLU A 34 -3.35 -12.07 -1.10
C GLU A 34 -3.08 -12.10 0.41
N ALA A 35 -2.09 -12.89 0.81
CA ALA A 35 -1.70 -13.07 2.21
C ALA A 35 -1.30 -11.75 2.88
N MET A 36 -0.32 -11.06 2.31
CA MET A 36 0.06 -9.76 2.81
C MET A 36 -1.10 -8.80 2.69
N ILE A 37 -1.94 -9.08 1.72
CA ILE A 37 -3.10 -8.27 1.50
C ILE A 37 -4.07 -8.41 2.68
N ASP A 38 -4.21 -9.64 3.17
CA ASP A 38 -5.02 -9.96 4.32
C ASP A 38 -4.53 -9.19 5.55
N GLN A 39 -3.22 -9.03 5.67
CA GLN A 39 -2.65 -8.29 6.80
C GLN A 39 -3.23 -6.88 6.79
N LEU A 40 -3.22 -6.27 5.61
CA LEU A 40 -3.79 -4.94 5.45
C LEU A 40 -5.27 -4.97 5.79
N ILE A 41 -6.01 -5.82 5.10
CA ILE A 41 -7.46 -5.84 5.22
C ILE A 41 -7.94 -6.07 6.66
N CYS A 42 -7.31 -6.99 7.38
CA CYS A 42 -7.68 -7.24 8.77
C CYS A 42 -7.19 -6.11 9.66
N GLY A 43 -6.30 -5.32 9.08
CA GLY A 43 -5.81 -4.12 9.74
C GLY A 43 -6.93 -3.19 10.21
N ALA A 44 -7.86 -2.85 9.32
CA ALA A 44 -8.99 -1.99 9.67
C ALA A 44 -10.22 -2.81 9.96
N PHE A 45 -10.62 -3.57 8.96
CA PHE A 45 -11.79 -4.43 9.06
C PHE A 45 -11.40 -5.72 9.74
N PRO A 46 -12.37 -6.54 10.15
CA PRO A 46 -12.07 -7.80 10.81
C PRO A 46 -11.58 -8.87 9.85
N GLY A 47 -11.61 -10.11 10.33
CA GLY A 47 -11.22 -11.24 9.51
C GLY A 47 -12.25 -11.54 8.44
N LEU A 48 -12.18 -10.78 7.36
CA LEU A 48 -13.05 -10.99 6.21
C LEU A 48 -12.85 -12.38 5.64
N SER A 49 -13.95 -13.10 5.47
CA SER A 49 -13.91 -14.37 4.78
C SER A 49 -13.52 -14.13 3.32
N TRP A 50 -12.84 -15.08 2.70
CA TRP A 50 -12.20 -14.83 1.41
C TRP A 50 -13.18 -14.27 0.37
N GLU A 51 -14.42 -14.71 0.40
CA GLU A 51 -15.44 -14.21 -0.53
C GLU A 51 -15.68 -12.71 -0.34
N GLN A 52 -15.84 -12.28 0.91
CA GLN A 52 -16.08 -10.88 1.21
C GLN A 52 -14.84 -10.04 0.91
N LEU A 53 -13.67 -10.63 1.11
CA LEU A 53 -12.44 -9.92 0.88
C LEU A 53 -12.16 -9.81 -0.61
N GLN A 54 -12.36 -10.90 -1.34
CA GLN A 54 -12.09 -10.91 -2.76
C GLN A 54 -12.90 -9.83 -3.46
N GLU A 55 -14.17 -9.70 -3.08
CA GLU A 55 -15.04 -8.68 -3.65
C GLU A 55 -14.63 -7.30 -3.19
N LYS A 56 -14.04 -7.21 -1.99
CA LYS A 56 -13.52 -5.96 -1.46
C LYS A 56 -12.65 -5.29 -2.52
N LYS A 57 -11.72 -6.05 -3.07
CA LYS A 57 -10.75 -5.50 -4.01
C LYS A 57 -10.94 -6.00 -5.44
N LYS A 58 -12.05 -6.67 -5.73
CA LYS A 58 -12.34 -7.12 -7.10
C LYS A 58 -12.20 -5.98 -8.10
N GLY A 59 -11.29 -6.17 -9.05
CA GLY A 59 -10.97 -5.14 -10.02
C GLY A 59 -9.49 -5.13 -10.31
N ARG A 60 -8.70 -5.19 -9.26
CA ARG A 60 -7.26 -5.23 -9.40
C ARG A 60 -6.65 -6.15 -8.35
N ALA A 61 -7.37 -7.23 -8.10
CA ALA A 61 -6.96 -8.27 -7.16
C ALA A 61 -8.06 -9.31 -7.04
N ALA A 62 -8.74 -9.51 -8.15
CA ALA A 62 -9.92 -10.35 -8.19
C ALA A 62 -9.54 -11.83 -8.16
N ALA A 63 -8.44 -12.15 -8.80
CA ALA A 63 -7.93 -13.52 -8.79
C ALA A 63 -6.68 -13.60 -7.94
N ASN A 64 -6.65 -12.76 -6.91
CA ASN A 64 -5.58 -12.71 -5.93
C ASN A 64 -4.34 -12.08 -6.51
N GLY A 65 -4.30 -10.78 -6.33
CA GLY A 65 -3.15 -10.00 -6.77
C GLY A 65 -3.34 -8.52 -6.56
N TYR A 66 -3.23 -8.05 -5.32
CA TYR A 66 -3.26 -6.60 -5.09
C TYR A 66 -2.06 -5.95 -5.72
N ASP A 67 -2.33 -4.91 -6.47
CA ASP A 67 -1.33 -4.18 -7.16
C ASP A 67 -1.05 -2.92 -6.40
N ARG A 68 -0.01 -2.20 -6.77
CA ARG A 68 0.36 -1.03 -6.00
C ARG A 68 -0.68 0.06 -6.14
N SER A 69 -1.27 0.16 -7.33
CA SER A 69 -2.33 1.11 -7.58
C SER A 69 -3.55 0.81 -6.71
N ALA A 70 -3.94 -0.46 -6.67
CA ALA A 70 -5.08 -0.91 -5.89
C ALA A 70 -4.84 -0.76 -4.40
N PHE A 71 -3.73 -1.32 -3.96
CA PHE A 71 -3.35 -1.31 -2.57
C PHE A 71 -3.27 0.12 -2.05
N PHE A 72 -2.62 0.98 -2.82
CA PHE A 72 -2.42 2.37 -2.41
C PHE A 72 -3.75 3.10 -2.30
N SER A 73 -4.67 2.79 -3.20
CA SER A 73 -5.98 3.42 -3.21
C SER A 73 -6.72 3.16 -1.90
N LEU A 74 -6.53 1.97 -1.34
CA LEU A 74 -7.15 1.61 -0.07
C LEU A 74 -6.44 2.30 1.09
N VAL A 75 -5.12 2.19 1.12
CA VAL A 75 -4.33 2.69 2.25
C VAL A 75 -4.36 4.20 2.35
N ALA A 76 -4.33 4.87 1.20
CA ALA A 76 -4.27 6.33 1.15
C ALA A 76 -5.48 6.97 1.84
N SER A 77 -6.57 6.23 1.96
CA SER A 77 -7.76 6.75 2.59
C SER A 77 -7.87 6.26 4.04
N ASP A 78 -7.03 5.30 4.41
CA ASP A 78 -7.12 4.69 5.72
C ASP A 78 -5.84 4.89 6.54
N GLU A 79 -5.93 5.74 7.56
CA GLU A 79 -4.82 6.00 8.46
C GLU A 79 -4.39 4.72 9.17
N GLN A 80 -5.34 3.85 9.45
CA GLN A 80 -5.04 2.56 10.06
C GLN A 80 -3.98 1.87 9.24
N TYR A 81 -4.11 2.02 7.94
CA TYR A 81 -3.36 1.25 6.97
C TYR A 81 -2.01 1.88 6.69
N VAL A 82 -1.99 3.21 6.58
CA VAL A 82 -0.78 3.90 6.29
C VAL A 82 0.23 3.68 7.40
N ARG A 83 -0.24 3.90 8.61
CA ARG A 83 0.52 3.68 9.80
C ARG A 83 0.73 2.20 10.07
N PHE A 84 -0.20 1.36 9.62
CA PHE A 84 -0.04 -0.08 9.81
C PHE A 84 1.27 -0.53 9.22
N ILE A 85 1.50 -0.12 7.98
CA ILE A 85 2.71 -0.51 7.29
C ILE A 85 3.91 0.30 7.77
N ALA A 86 3.72 1.60 7.95
CA ALA A 86 4.75 2.48 8.48
C ALA A 86 5.37 1.93 9.76
N GLN A 87 4.54 1.35 10.63
CA GLN A 87 5.04 0.75 11.86
C GLN A 87 5.73 -0.57 11.58
N HIS A 88 5.23 -1.31 10.59
CA HIS A 88 5.84 -2.57 10.21
C HIS A 88 7.18 -2.36 9.50
N PHE A 89 7.29 -1.28 8.73
CA PHE A 89 8.47 -1.06 7.90
C PHE A 89 8.67 0.43 7.61
N PRO A 90 9.83 0.97 8.01
CA PRO A 90 10.25 2.36 7.72
C PRO A 90 10.26 2.70 6.22
N CYS A 91 10.40 3.99 5.92
CA CYS A 91 10.32 4.48 4.56
C CYS A 91 11.61 4.25 3.79
N ALA A 92 11.57 3.24 2.95
CA ALA A 92 12.70 2.91 2.10
C ALA A 92 12.25 2.78 0.65
N PRO A 93 13.15 3.02 -0.31
CA PRO A 93 12.86 2.80 -1.71
C PRO A 93 12.95 1.32 -2.07
N GLU A 94 12.39 0.91 -3.19
CA GLU A 94 12.48 -0.48 -3.61
C GLU A 94 13.93 -0.89 -3.74
N GLU A 95 14.63 -0.17 -4.57
CA GLU A 95 16.05 -0.37 -4.80
C GLU A 95 16.73 0.95 -5.17
N GLU A 96 17.94 0.89 -5.72
CA GLU A 96 18.70 2.11 -6.01
C GLU A 96 18.11 2.89 -7.19
N LYS A 97 17.72 2.19 -8.24
CA LYS A 97 17.16 2.86 -9.41
C LYS A 97 15.73 3.35 -9.16
N PRO A 98 14.84 2.52 -8.57
CA PRO A 98 13.52 2.96 -8.13
C PRO A 98 13.59 4.28 -7.34
N PRO A 99 12.59 5.15 -7.51
CA PRO A 99 12.57 6.49 -6.91
C PRO A 99 12.85 6.49 -5.41
N GLU A 100 13.65 7.47 -4.99
CA GLU A 100 14.07 7.57 -3.59
C GLU A 100 12.96 8.14 -2.72
N ILE A 101 11.94 8.69 -3.36
CA ILE A 101 10.78 9.20 -2.68
C ILE A 101 9.56 8.64 -3.37
N ASP A 102 9.66 7.32 -3.58
CA ASP A 102 8.68 6.51 -4.28
C ASP A 102 7.27 6.82 -3.82
N ALA A 103 7.22 7.24 -2.56
CA ALA A 103 6.00 7.70 -1.88
C ALA A 103 4.88 8.11 -2.83
N LEU A 104 5.03 9.25 -3.46
CA LEU A 104 4.01 9.77 -4.36
C LEU A 104 4.63 10.32 -5.63
N GLU A 105 5.63 9.61 -6.15
CA GLU A 105 6.22 9.95 -7.44
C GLU A 105 5.20 9.80 -8.56
N LEU A 106 5.61 10.12 -9.78
CA LEU A 106 4.75 9.98 -10.95
C LEU A 106 4.33 8.53 -11.14
N LYS A 107 3.40 8.32 -12.07
CA LYS A 107 2.93 6.99 -12.38
C LYS A 107 3.96 6.26 -13.28
N THR A 108 5.17 6.18 -12.76
CA THR A 108 6.24 5.44 -13.42
C THR A 108 6.24 4.01 -12.91
N GLN A 109 5.53 3.79 -11.81
CA GLN A 109 5.37 2.47 -11.23
C GLN A 109 4.15 1.79 -11.83
N LYS A 110 4.39 0.84 -12.71
CA LYS A 110 3.32 0.14 -13.39
C LYS A 110 2.75 -0.97 -12.52
N GLY A 111 1.83 -1.74 -13.08
CA GLY A 111 1.25 -2.85 -12.35
C GLY A 111 0.32 -3.66 -13.23
N PHE A 112 0.83 -4.78 -13.73
CA PHE A 112 0.07 -5.62 -14.63
C PHE A 112 -0.52 -6.80 -13.87
N GLY A 1 -12.01 10.77 -10.38
CA GLY A 1 -11.97 12.18 -9.93
C GLY A 1 -10.56 12.74 -9.96
N SER A 2 -10.45 14.06 -10.06
CA SER A 2 -9.16 14.72 -10.08
C SER A 2 -8.65 14.91 -8.65
N ALA A 3 -9.53 15.36 -7.78
CA ALA A 3 -9.20 15.56 -6.38
C ALA A 3 -9.57 14.34 -5.56
N MET A 4 -9.06 13.18 -5.98
CA MET A 4 -9.33 11.92 -5.30
C MET A 4 -8.56 11.85 -3.98
N GLY A 5 -9.26 11.47 -2.92
CA GLY A 5 -8.67 11.46 -1.60
C GLY A 5 -7.72 10.30 -1.39
N HIS A 6 -6.45 10.62 -1.18
CA HIS A 6 -5.44 9.60 -0.95
C HIS A 6 -4.30 10.15 -0.09
N MET A 7 -4.65 10.84 0.98
CA MET A 7 -3.67 11.39 1.91
C MET A 7 -4.31 11.69 3.26
N VAL A 8 -3.64 11.31 4.33
CA VAL A 8 -4.18 11.49 5.67
C VAL A 8 -3.07 11.44 6.72
N LYS A 9 -2.35 10.35 6.67
CA LYS A 9 -1.15 10.16 7.46
C LYS A 9 -0.03 9.72 6.53
N ILE A 10 0.09 10.44 5.43
CA ILE A 10 1.04 10.08 4.40
C ILE A 10 1.96 11.25 4.09
N SER A 11 3.15 11.18 4.63
CA SER A 11 4.21 12.10 4.25
C SER A 11 5.10 11.38 3.25
N HIS A 12 6.22 11.98 2.85
CA HIS A 12 7.15 11.32 1.93
C HIS A 12 7.50 9.95 2.46
N GLU A 13 7.89 9.95 3.73
CA GLU A 13 8.28 8.75 4.41
C GLU A 13 7.14 7.75 4.46
N ASP A 14 5.91 8.22 4.69
CA ASP A 14 4.79 7.31 4.87
C ASP A 14 4.41 6.65 3.56
N THR A 15 4.44 7.40 2.46
CA THR A 15 4.12 6.82 1.17
C THR A 15 5.15 5.79 0.80
N GLN A 16 6.42 6.10 1.08
CA GLN A 16 7.50 5.14 0.90
C GLN A 16 7.20 3.88 1.67
N ARG A 17 6.75 4.08 2.91
CA ARG A 17 6.47 2.97 3.82
C ARG A 17 5.43 2.04 3.24
N ILE A 18 4.29 2.59 2.84
CA ILE A 18 3.19 1.77 2.37
C ILE A 18 3.58 0.94 1.15
N LYS A 19 4.17 1.58 0.13
CA LYS A 19 4.58 0.84 -1.06
C LYS A 19 5.62 -0.18 -0.70
N THR A 20 6.67 0.31 -0.04
CA THR A 20 7.87 -0.46 0.15
C THR A 20 7.58 -1.76 0.90
N ALA A 21 6.71 -1.68 1.89
CA ALA A 21 6.38 -2.85 2.67
C ALA A 21 5.49 -3.79 1.88
N PHE A 22 4.32 -3.30 1.50
CA PHE A 22 3.35 -4.08 0.73
C PHE A 22 4.03 -4.89 -0.38
N LEU A 23 4.75 -4.23 -1.27
CA LEU A 23 5.40 -4.91 -2.38
C LEU A 23 6.39 -5.96 -1.92
N SER A 24 7.39 -5.53 -1.13
CA SER A 24 8.49 -6.39 -0.73
C SER A 24 8.02 -7.54 0.14
N TYR A 25 6.94 -7.31 0.88
CA TYR A 25 6.44 -8.26 1.83
C TYR A 25 5.84 -9.47 1.13
N ALA A 26 4.93 -9.24 0.19
CA ALA A 26 4.30 -10.37 -0.45
C ALA A 26 5.21 -11.05 -1.46
N GLN A 27 5.47 -10.36 -2.57
CA GLN A 27 6.18 -10.99 -3.66
C GLN A 27 7.53 -10.35 -3.93
N GLY A 28 7.60 -9.05 -3.63
CA GLY A 28 8.70 -8.25 -4.14
C GLY A 28 8.38 -7.71 -5.52
N GLN A 29 7.26 -8.14 -6.10
CA GLN A 29 6.86 -7.70 -7.43
C GLN A 29 6.00 -6.44 -7.34
N ASP A 30 5.33 -6.11 -8.44
CA ASP A 30 4.45 -4.94 -8.50
C ASP A 30 3.15 -5.18 -7.76
N LYS A 31 2.93 -6.40 -7.31
CA LYS A 31 1.67 -6.75 -6.71
C LYS A 31 1.89 -7.58 -5.47
N VAL A 32 0.80 -7.93 -4.83
CA VAL A 32 0.86 -8.68 -3.60
C VAL A 32 -0.13 -9.83 -3.60
N THR A 33 0.34 -10.96 -3.08
CA THR A 33 -0.48 -12.12 -2.92
C THR A 33 -1.52 -11.89 -1.83
N GLU A 34 -2.46 -12.79 -1.72
CA GLU A 34 -3.50 -12.70 -0.71
C GLU A 34 -2.91 -12.62 0.70
N ALA A 35 -1.72 -13.16 0.91
CA ALA A 35 -1.12 -13.26 2.24
C ALA A 35 -0.94 -11.89 2.88
N MET A 36 -0.19 -11.04 2.22
CA MET A 36 0.02 -9.68 2.67
C MET A 36 -1.22 -8.86 2.43
N ILE A 37 -2.01 -9.29 1.48
CA ILE A 37 -3.23 -8.59 1.19
C ILE A 37 -4.24 -8.75 2.32
N ASP A 38 -4.19 -9.90 2.99
CA ASP A 38 -4.93 -10.16 4.20
C ASP A 38 -4.33 -9.37 5.36
N GLN A 39 -3.01 -9.16 5.32
CA GLN A 39 -2.29 -8.41 6.34
C GLN A 39 -2.94 -7.05 6.53
N LEU A 40 -3.10 -6.36 5.42
CA LEU A 40 -3.70 -5.04 5.45
C LEU A 40 -5.19 -5.13 5.69
N ILE A 41 -5.90 -5.93 4.91
CA ILE A 41 -7.36 -6.00 5.00
C ILE A 41 -7.82 -6.36 6.41
N CYS A 42 -7.12 -7.29 7.06
CA CYS A 42 -7.47 -7.70 8.41
C CYS A 42 -7.10 -6.58 9.38
N GLY A 43 -6.17 -5.73 8.95
CA GLY A 43 -5.80 -4.55 9.72
C GLY A 43 -6.98 -3.69 10.13
N ALA A 44 -7.83 -3.31 9.19
CA ALA A 44 -9.01 -2.49 9.50
C ALA A 44 -10.21 -3.36 9.84
N PHE A 45 -10.60 -4.20 8.90
CA PHE A 45 -11.79 -5.03 9.07
C PHE A 45 -11.48 -6.51 8.97
N PRO A 46 -11.53 -7.16 10.10
CA PRO A 46 -11.38 -8.59 10.20
C PRO A 46 -12.72 -9.33 10.16
N GLY A 47 -12.69 -10.53 9.60
CA GLY A 47 -13.89 -11.35 9.60
C GLY A 47 -14.61 -11.31 8.26
N LEU A 48 -13.95 -10.80 7.24
CA LEU A 48 -14.54 -10.75 5.91
C LEU A 48 -14.58 -12.14 5.29
N SER A 49 -15.72 -12.48 4.70
CA SER A 49 -15.80 -13.65 3.85
C SER A 49 -14.97 -13.38 2.61
N TRP A 50 -14.37 -14.41 2.03
CA TRP A 50 -13.50 -14.22 0.88
C TRP A 50 -14.28 -13.58 -0.28
N GLU A 51 -15.56 -13.88 -0.36
CA GLU A 51 -16.40 -13.29 -1.40
C GLU A 51 -16.61 -11.80 -1.14
N GLN A 52 -16.75 -11.44 0.13
CA GLN A 52 -16.87 -10.04 0.53
C GLN A 52 -15.54 -9.32 0.36
N LEU A 53 -14.46 -10.04 0.58
CA LEU A 53 -13.14 -9.46 0.48
C LEU A 53 -12.73 -9.30 -0.98
N GLN A 54 -13.04 -10.29 -1.79
CA GLN A 54 -12.67 -10.26 -3.20
C GLN A 54 -13.36 -9.10 -3.90
N GLU A 55 -14.61 -8.82 -3.52
CA GLU A 55 -15.34 -7.69 -4.08
C GLU A 55 -14.75 -6.38 -3.57
N LYS A 56 -14.19 -6.40 -2.36
CA LYS A 56 -13.45 -5.25 -1.84
C LYS A 56 -12.41 -4.80 -2.86
N LYS A 57 -11.82 -5.79 -3.51
CA LYS A 57 -10.69 -5.54 -4.40
C LYS A 57 -11.03 -5.81 -5.86
N LYS A 58 -12.31 -6.03 -6.15
CA LYS A 58 -12.76 -6.27 -7.52
C LYS A 58 -12.44 -5.07 -8.42
N GLY A 59 -11.82 -5.36 -9.55
CA GLY A 59 -11.41 -4.31 -10.46
C GLY A 59 -9.93 -4.34 -10.72
N ARG A 60 -9.15 -4.44 -9.66
CA ARG A 60 -7.72 -4.32 -9.78
C ARG A 60 -6.99 -5.54 -9.22
N ALA A 61 -7.45 -6.06 -8.10
CA ALA A 61 -6.84 -7.25 -7.52
C ALA A 61 -7.45 -8.48 -8.15
N ALA A 62 -8.56 -8.22 -8.87
CA ALA A 62 -9.32 -9.26 -9.56
C ALA A 62 -9.99 -10.20 -8.57
N ALA A 63 -9.19 -10.97 -7.86
CA ALA A 63 -9.66 -11.78 -6.75
C ALA A 63 -8.65 -11.66 -5.61
N ASN A 64 -7.42 -12.06 -5.90
CA ASN A 64 -6.34 -11.94 -4.95
C ASN A 64 -5.06 -11.54 -5.65
N GLY A 65 -4.75 -10.25 -5.56
CA GLY A 65 -3.56 -9.72 -6.20
C GLY A 65 -3.59 -8.21 -6.24
N TYR A 66 -3.41 -7.58 -5.09
CA TYR A 66 -3.39 -6.12 -5.02
C TYR A 66 -2.16 -5.57 -5.70
N ASP A 67 -2.35 -4.53 -6.46
CA ASP A 67 -1.28 -3.87 -7.12
C ASP A 67 -1.00 -2.57 -6.42
N ARG A 68 0.11 -1.96 -6.72
CA ARG A 68 0.54 -0.74 -6.04
C ARG A 68 -0.53 0.36 -6.10
N SER A 69 -1.24 0.43 -7.22
CA SER A 69 -2.31 1.41 -7.37
C SER A 69 -3.53 1.06 -6.51
N ALA A 70 -3.91 -0.22 -6.55
CA ALA A 70 -5.05 -0.71 -5.79
C ALA A 70 -4.80 -0.62 -4.30
N PHE A 71 -3.65 -1.15 -3.91
CA PHE A 71 -3.26 -1.17 -2.53
C PHE A 71 -3.24 0.23 -1.96
N PHE A 72 -2.60 1.14 -2.68
CA PHE A 72 -2.46 2.52 -2.20
C PHE A 72 -3.82 3.20 -2.14
N SER A 73 -4.71 2.83 -3.04
CA SER A 73 -6.05 3.39 -3.09
C SER A 73 -6.77 3.16 -1.76
N LEU A 74 -6.65 1.95 -1.23
CA LEU A 74 -7.28 1.60 0.03
C LEU A 74 -6.54 2.24 1.22
N VAL A 75 -5.23 2.09 1.22
CA VAL A 75 -4.41 2.54 2.34
C VAL A 75 -4.48 4.06 2.50
N ALA A 76 -4.42 4.77 1.39
CA ALA A 76 -4.35 6.22 1.41
C ALA A 76 -5.63 6.86 1.97
N SER A 77 -6.71 6.09 2.01
CA SER A 77 -7.95 6.58 2.58
C SER A 77 -8.11 6.11 4.02
N ASP A 78 -7.19 5.25 4.46
CA ASP A 78 -7.24 4.66 5.79
C ASP A 78 -5.93 4.89 6.53
N GLU A 79 -5.91 5.85 7.45
CA GLU A 79 -4.70 6.19 8.18
C GLU A 79 -4.22 4.99 8.99
N GLN A 80 -5.14 4.15 9.44
CA GLN A 80 -4.78 2.97 10.19
C GLN A 80 -3.92 2.06 9.33
N TYR A 81 -4.13 2.16 8.03
CA TYR A 81 -3.48 1.31 7.06
C TYR A 81 -2.12 1.86 6.73
N VAL A 82 -2.04 3.17 6.53
CA VAL A 82 -0.80 3.80 6.23
C VAL A 82 0.17 3.66 7.39
N ARG A 83 -0.33 4.00 8.56
CA ARG A 83 0.40 3.87 9.79
C ARG A 83 0.60 2.39 10.17
N PHE A 84 -0.30 1.51 9.71
CA PHE A 84 -0.10 0.08 9.96
C PHE A 84 1.25 -0.34 9.40
N ILE A 85 1.50 0.07 8.17
CA ILE A 85 2.76 -0.27 7.52
C ILE A 85 3.90 0.58 8.09
N ALA A 86 3.68 1.88 8.16
CA ALA A 86 4.67 2.81 8.71
C ALA A 86 5.21 2.35 10.06
N GLN A 87 4.33 1.86 10.92
CA GLN A 87 4.72 1.46 12.26
C GLN A 87 5.33 0.06 12.30
N HIS A 88 5.01 -0.77 11.31
CA HIS A 88 5.61 -2.10 11.27
C HIS A 88 6.86 -2.09 10.39
N PHE A 89 7.03 -1.04 9.59
CA PHE A 89 8.17 -0.92 8.70
C PHE A 89 8.45 0.55 8.36
N PRO A 90 9.61 1.06 8.79
CA PRO A 90 10.05 2.44 8.50
C PRO A 90 10.22 2.71 7.01
N CYS A 91 10.29 3.99 6.65
CA CYS A 91 10.33 4.40 5.25
C CYS A 91 11.66 4.05 4.61
N ALA A 92 11.59 3.09 3.70
CA ALA A 92 12.73 2.71 2.90
C ALA A 92 12.36 2.73 1.42
N PRO A 93 13.33 3.05 0.57
CA PRO A 93 13.13 3.11 -0.88
C PRO A 93 13.24 1.73 -1.51
N GLU A 94 13.08 1.67 -2.82
CA GLU A 94 13.34 0.45 -3.55
C GLU A 94 14.84 0.30 -3.72
N GLU A 95 15.42 -0.55 -2.90
CA GLU A 95 16.85 -0.73 -2.85
C GLU A 95 17.38 -1.34 -4.16
N GLU A 96 16.47 -1.76 -5.03
CA GLU A 96 16.84 -2.24 -6.35
C GLU A 96 16.57 -1.16 -7.38
N LYS A 97 16.94 0.07 -7.03
CA LYS A 97 16.80 1.25 -7.88
C LYS A 97 15.35 1.74 -7.91
N PRO A 98 15.07 2.81 -7.14
CA PRO A 98 13.73 3.41 -7.06
C PRO A 98 13.15 3.74 -8.43
N PRO A 99 11.88 3.35 -8.65
CA PRO A 99 11.18 3.63 -9.92
C PRO A 99 10.96 5.13 -10.13
N GLU A 100 10.92 5.86 -9.03
CA GLU A 100 10.79 7.31 -9.08
C GLU A 100 11.22 7.91 -7.74
N ILE A 101 10.31 7.94 -6.78
CA ILE A 101 10.60 8.48 -5.46
C ILE A 101 10.01 7.58 -4.36
N ASP A 102 9.25 6.57 -4.79
CA ASP A 102 8.70 5.55 -3.87
C ASP A 102 7.60 6.16 -3.03
N ALA A 103 7.13 7.31 -3.44
CA ALA A 103 6.06 8.00 -2.77
C ALA A 103 5.34 8.90 -3.75
N LEU A 104 4.14 9.31 -3.38
CA LEU A 104 3.36 10.30 -4.13
C LEU A 104 3.00 9.82 -5.54
N GLU A 105 3.29 8.53 -5.79
CA GLU A 105 3.07 7.90 -7.10
C GLU A 105 1.66 8.13 -7.66
N LEU A 106 0.63 7.88 -6.86
CA LEU A 106 -0.74 7.87 -7.36
C LEU A 106 -1.30 9.28 -7.52
N LYS A 107 -0.73 10.02 -8.47
CA LYS A 107 -1.22 11.34 -8.87
C LYS A 107 -1.50 12.25 -7.68
N THR A 108 -0.45 12.68 -7.02
CA THR A 108 -0.58 13.54 -5.87
C THR A 108 -0.56 15.01 -6.26
N GLN A 109 -1.55 15.74 -5.80
CA GLN A 109 -1.65 17.17 -6.08
C GLN A 109 -0.68 17.94 -5.20
N LYS A 110 0.58 17.90 -5.58
CA LYS A 110 1.65 18.52 -4.83
C LYS A 110 1.66 20.03 -5.02
N GLY A 111 1.41 20.46 -6.25
CA GLY A 111 1.44 21.87 -6.56
C GLY A 111 2.81 22.36 -6.97
N PHE A 112 3.82 21.55 -6.67
CA PHE A 112 5.20 21.86 -6.99
C PHE A 112 5.48 21.56 -8.46
N GLY A 1 4.36 23.90 -2.74
CA GLY A 1 5.51 22.98 -2.89
C GLY A 1 5.18 21.84 -3.83
N SER A 2 6.01 20.79 -3.81
CA SER A 2 5.78 19.63 -4.66
C SER A 2 4.67 18.76 -4.08
N ALA A 3 4.45 18.88 -2.78
CA ALA A 3 3.42 18.12 -2.11
C ALA A 3 2.05 18.77 -2.31
N MET A 4 1.18 18.09 -3.03
CA MET A 4 -0.13 18.62 -3.34
C MET A 4 -1.08 18.42 -2.16
N GLY A 5 -0.86 17.35 -1.41
CA GLY A 5 -1.69 17.06 -0.27
C GLY A 5 -1.98 15.58 -0.13
N HIS A 6 -3.23 15.25 0.17
CA HIS A 6 -3.67 13.86 0.34
C HIS A 6 -2.85 13.19 1.45
N MET A 7 -2.56 13.96 2.49
CA MET A 7 -1.75 13.49 3.60
C MET A 7 -2.58 13.40 4.86
N VAL A 8 -2.87 12.19 5.29
CA VAL A 8 -3.66 11.98 6.50
C VAL A 8 -2.75 11.52 7.62
N LYS A 9 -2.10 10.43 7.36
CA LYS A 9 -1.00 9.94 8.15
C LYS A 9 0.08 9.49 7.19
N ILE A 10 0.22 10.25 6.11
CA ILE A 10 1.13 9.92 5.07
C ILE A 10 2.02 11.12 4.81
N SER A 11 3.21 11.09 5.34
CA SER A 11 4.22 12.04 4.96
C SER A 11 5.07 11.40 3.90
N HIS A 12 6.16 12.04 3.50
CA HIS A 12 7.02 11.51 2.47
C HIS A 12 7.40 10.09 2.79
N GLU A 13 7.90 9.94 4.00
CA GLU A 13 8.38 8.68 4.48
C GLU A 13 7.25 7.67 4.61
N ASP A 14 6.06 8.13 5.00
CA ASP A 14 4.94 7.24 5.17
C ASP A 14 4.47 6.71 3.83
N THR A 15 4.50 7.56 2.83
CA THR A 15 4.09 7.15 1.49
C THR A 15 5.04 6.08 0.98
N GLN A 16 6.33 6.31 1.21
CA GLN A 16 7.36 5.36 0.82
C GLN A 16 7.21 4.08 1.63
N ARG A 17 6.77 4.23 2.87
CA ARG A 17 6.57 3.11 3.78
C ARG A 17 5.54 2.15 3.20
N ILE A 18 4.37 2.68 2.85
CA ILE A 18 3.30 1.85 2.34
C ILE A 18 3.72 1.08 1.10
N LYS A 19 4.31 1.78 0.13
CA LYS A 19 4.72 1.15 -1.10
C LYS A 19 5.79 0.10 -0.85
N THR A 20 6.83 0.51 -0.16
CA THR A 20 8.01 -0.31 -0.02
C THR A 20 7.68 -1.63 0.68
N ALA A 21 6.83 -1.57 1.70
CA ALA A 21 6.53 -2.74 2.48
C ALA A 21 5.63 -3.70 1.71
N PHE A 22 4.49 -3.20 1.28
CA PHE A 22 3.51 -3.97 0.53
C PHE A 22 4.17 -4.86 -0.54
N LEU A 23 4.88 -4.25 -1.48
CA LEU A 23 5.50 -4.99 -2.58
C LEU A 23 6.51 -6.01 -2.09
N SER A 24 7.51 -5.51 -1.35
CA SER A 24 8.64 -6.29 -0.87
C SER A 24 8.19 -7.46 -0.02
N TYR A 25 7.12 -7.23 0.72
CA TYR A 25 6.67 -8.19 1.70
C TYR A 25 6.08 -9.42 1.05
N ALA A 26 5.19 -9.23 0.09
CA ALA A 26 4.56 -10.39 -0.50
C ALA A 26 5.50 -11.16 -1.41
N GLN A 27 5.86 -10.58 -2.55
CA GLN A 27 6.77 -11.27 -3.46
C GLN A 27 8.07 -10.51 -3.62
N GLY A 28 7.96 -9.20 -3.53
CA GLY A 28 9.00 -8.35 -4.04
C GLY A 28 8.65 -7.80 -5.41
N GLN A 29 7.57 -8.30 -6.01
CA GLN A 29 7.09 -7.80 -7.30
C GLN A 29 6.28 -6.50 -7.16
N ASP A 30 5.55 -6.16 -8.22
CA ASP A 30 4.75 -4.93 -8.26
C ASP A 30 3.36 -5.14 -7.68
N LYS A 31 3.08 -6.35 -7.21
CA LYS A 31 1.77 -6.69 -6.69
C LYS A 31 1.93 -7.35 -5.33
N VAL A 32 0.84 -7.84 -4.76
CA VAL A 32 0.92 -8.60 -3.52
C VAL A 32 0.03 -9.84 -3.54
N THR A 33 0.56 -10.92 -2.96
CA THR A 33 -0.17 -12.15 -2.76
C THR A 33 -1.19 -12.00 -1.63
N GLU A 34 -1.98 -13.01 -1.40
CA GLU A 34 -3.06 -12.94 -0.41
C GLU A 34 -2.56 -12.57 1.00
N ALA A 35 -1.33 -12.97 1.32
CA ALA A 35 -0.84 -12.93 2.70
C ALA A 35 -0.73 -11.51 3.23
N MET A 36 0.02 -10.69 2.51
CA MET A 36 0.18 -9.31 2.86
C MET A 36 -1.12 -8.56 2.67
N ILE A 37 -1.95 -9.07 1.77
CA ILE A 37 -3.22 -8.44 1.51
C ILE A 37 -4.16 -8.59 2.72
N ASP A 38 -4.20 -9.81 3.24
CA ASP A 38 -4.97 -10.11 4.43
C ASP A 38 -4.50 -9.29 5.63
N GLN A 39 -3.20 -9.02 5.70
CA GLN A 39 -2.66 -8.21 6.78
C GLN A 39 -3.30 -6.84 6.75
N LEU A 40 -3.35 -6.26 5.56
CA LEU A 40 -3.89 -4.94 5.38
C LEU A 40 -5.39 -4.96 5.60
N ILE A 41 -6.09 -5.82 4.89
CA ILE A 41 -7.55 -5.83 4.92
C ILE A 41 -8.10 -6.11 6.33
N CYS A 42 -7.50 -7.08 7.02
CA CYS A 42 -7.95 -7.41 8.38
C CYS A 42 -7.50 -6.33 9.35
N GLY A 43 -6.56 -5.51 8.89
CA GLY A 43 -6.07 -4.38 9.66
C GLY A 43 -7.17 -3.46 10.17
N ALA A 44 -8.05 -3.00 9.29
CA ALA A 44 -9.12 -2.09 9.70
C ALA A 44 -10.39 -2.86 10.03
N PHE A 45 -10.79 -3.74 9.11
CA PHE A 45 -12.00 -4.54 9.31
C PHE A 45 -11.70 -6.02 9.26
N PRO A 46 -11.66 -6.61 10.42
CA PRO A 46 -11.49 -8.04 10.57
C PRO A 46 -12.82 -8.78 10.66
N GLY A 47 -12.75 -10.07 10.98
CA GLY A 47 -13.94 -10.88 11.09
C GLY A 47 -14.51 -11.23 9.73
N LEU A 48 -13.62 -11.26 8.74
CA LEU A 48 -14.03 -11.52 7.37
C LEU A 48 -13.78 -12.97 7.00
N SER A 49 -14.81 -13.63 6.52
CA SER A 49 -14.64 -14.94 5.92
C SER A 49 -13.93 -14.76 4.58
N TRP A 50 -13.18 -15.74 4.12
CA TRP A 50 -12.37 -15.57 2.92
C TRP A 50 -13.21 -15.10 1.74
N GLU A 51 -14.41 -15.66 1.61
CA GLU A 51 -15.32 -15.27 0.54
C GLU A 51 -15.63 -13.77 0.60
N GLN A 52 -15.86 -13.26 1.79
CA GLN A 52 -16.19 -11.85 1.96
C GLN A 52 -14.94 -10.98 1.72
N LEU A 53 -13.78 -11.49 2.08
CA LEU A 53 -12.58 -10.72 1.92
C LEU A 53 -12.15 -10.69 0.45
N GLN A 54 -12.32 -11.82 -0.24
CA GLN A 54 -11.93 -11.92 -1.64
C GLN A 54 -12.71 -10.92 -2.47
N GLU A 55 -14.02 -10.79 -2.20
CA GLU A 55 -14.86 -9.83 -2.90
C GLU A 55 -14.47 -8.40 -2.54
N LYS A 56 -13.96 -8.21 -1.30
CA LYS A 56 -13.48 -6.90 -0.86
C LYS A 56 -12.53 -6.30 -1.88
N LYS A 57 -11.50 -7.05 -2.20
CA LYS A 57 -10.43 -6.54 -3.05
C LYS A 57 -10.64 -6.88 -4.51
N LYS A 58 -11.80 -7.44 -4.84
CA LYS A 58 -12.13 -7.68 -6.24
C LYS A 58 -12.38 -6.36 -6.95
N GLY A 59 -12.17 -6.36 -8.25
CA GLY A 59 -12.22 -5.13 -9.01
C GLY A 59 -10.84 -4.75 -9.49
N ARG A 60 -9.83 -5.21 -8.77
CA ARG A 60 -8.46 -4.92 -9.14
C ARG A 60 -7.50 -6.00 -8.65
N ALA A 61 -7.75 -6.55 -7.46
CA ALA A 61 -6.93 -7.65 -6.96
C ALA A 61 -7.45 -8.97 -7.47
N ALA A 62 -8.76 -8.97 -7.74
CA ALA A 62 -9.44 -10.14 -8.28
C ALA A 62 -9.26 -11.35 -7.36
N ALA A 63 -9.15 -12.53 -7.94
CA ALA A 63 -8.87 -13.73 -7.18
C ALA A 63 -7.38 -13.78 -6.82
N ASN A 64 -7.00 -12.91 -5.88
CA ASN A 64 -5.63 -12.86 -5.34
C ASN A 64 -4.69 -12.06 -6.21
N GLY A 65 -4.07 -11.07 -5.60
CA GLY A 65 -3.10 -10.24 -6.30
C GLY A 65 -3.44 -8.76 -6.26
N TYR A 66 -3.28 -8.13 -5.10
CA TYR A 66 -3.42 -6.67 -5.03
C TYR A 66 -2.25 -6.06 -5.75
N ASP A 67 -2.40 -4.83 -6.14
CA ASP A 67 -1.36 -4.18 -6.88
C ASP A 67 -1.25 -2.76 -6.40
N ARG A 68 -0.14 -2.14 -6.69
CA ARG A 68 0.20 -0.86 -6.09
C ARG A 68 -0.91 0.19 -6.23
N SER A 69 -1.58 0.23 -7.37
CA SER A 69 -2.63 1.22 -7.59
C SER A 69 -3.83 0.93 -6.69
N ALA A 70 -4.24 -0.32 -6.65
CA ALA A 70 -5.37 -0.75 -5.84
C ALA A 70 -5.06 -0.62 -4.37
N PHE A 71 -3.91 -1.16 -4.00
CA PHE A 71 -3.45 -1.16 -2.63
C PHE A 71 -3.34 0.26 -2.11
N PHE A 72 -2.70 1.14 -2.89
CA PHE A 72 -2.46 2.50 -2.46
C PHE A 72 -3.77 3.27 -2.28
N SER A 73 -4.73 3.00 -3.16
CA SER A 73 -6.01 3.67 -3.11
C SER A 73 -6.74 3.36 -1.80
N LEU A 74 -6.61 2.13 -1.34
CA LEU A 74 -7.19 1.70 -0.08
C LEU A 74 -6.45 2.32 1.10
N VAL A 75 -5.14 2.18 1.11
CA VAL A 75 -4.33 2.64 2.23
C VAL A 75 -4.37 4.16 2.36
N ALA A 76 -4.33 4.86 1.24
CA ALA A 76 -4.32 6.32 1.24
C ALA A 76 -5.62 6.89 1.80
N SER A 77 -6.63 6.04 1.92
CA SER A 77 -7.90 6.45 2.48
C SER A 77 -8.00 6.04 3.95
N ASP A 78 -7.10 5.15 4.36
CA ASP A 78 -7.15 4.57 5.70
C ASP A 78 -5.85 4.78 6.44
N GLU A 79 -5.87 5.68 7.41
CA GLU A 79 -4.69 6.00 8.20
C GLU A 79 -4.23 4.79 9.01
N GLN A 80 -5.16 3.90 9.33
CA GLN A 80 -4.80 2.69 10.06
C GLN A 80 -3.90 1.84 9.20
N TYR A 81 -4.07 1.98 7.90
CA TYR A 81 -3.40 1.16 6.92
C TYR A 81 -2.03 1.72 6.61
N VAL A 82 -1.95 3.04 6.46
CA VAL A 82 -0.70 3.68 6.23
C VAL A 82 0.22 3.45 7.42
N ARG A 83 -0.33 3.71 8.59
CA ARG A 83 0.33 3.47 9.84
C ARG A 83 0.58 2.00 10.06
N PHE A 84 -0.29 1.14 9.54
CA PHE A 84 -0.11 -0.29 9.71
C PHE A 84 1.24 -0.69 9.16
N ILE A 85 1.53 -0.20 7.98
CA ILE A 85 2.79 -0.50 7.33
C ILE A 85 3.92 0.30 7.95
N ALA A 86 3.73 1.61 8.07
CA ALA A 86 4.72 2.51 8.65
C ALA A 86 5.22 2.01 10.01
N GLN A 87 4.31 1.43 10.78
CA GLN A 87 4.64 0.93 12.11
C GLN A 87 5.36 -0.41 12.04
N HIS A 88 4.94 -1.26 11.10
CA HIS A 88 5.54 -2.59 10.99
C HIS A 88 6.79 -2.55 10.09
N PHE A 89 7.03 -1.41 9.46
CA PHE A 89 8.19 -1.24 8.60
C PHE A 89 8.37 0.25 8.27
N PRO A 90 9.48 0.85 8.74
CA PRO A 90 9.79 2.25 8.45
C PRO A 90 10.17 2.47 6.99
N CYS A 91 10.25 3.73 6.56
CA CYS A 91 10.51 4.05 5.17
C CYS A 91 11.94 3.67 4.82
N ALA A 92 12.07 3.09 3.64
CA ALA A 92 13.35 2.58 3.17
C ALA A 92 14.38 3.69 3.10
N PRO A 93 15.64 3.34 3.39
CA PRO A 93 16.76 4.28 3.37
C PRO A 93 17.28 4.54 1.98
N GLU A 94 17.93 5.67 1.79
CA GLU A 94 18.56 5.99 0.52
C GLU A 94 19.88 5.26 0.39
N GLU A 95 19.79 3.95 0.16
CA GLU A 95 20.97 3.10 0.01
C GLU A 95 21.87 3.64 -1.09
N GLU A 96 21.43 3.50 -2.34
CA GLU A 96 22.12 4.12 -3.45
C GLU A 96 21.32 5.32 -3.93
N LYS A 97 20.34 5.06 -4.79
CA LYS A 97 19.42 6.09 -5.26
C LYS A 97 18.05 5.49 -5.52
N PRO A 98 17.01 6.03 -4.87
CA PRO A 98 15.63 5.63 -5.14
C PRO A 98 15.13 6.23 -6.45
N PRO A 99 13.97 5.77 -6.98
CA PRO A 99 13.43 6.27 -8.25
C PRO A 99 13.45 7.80 -8.32
N GLU A 100 12.95 8.41 -7.26
CA GLU A 100 12.96 9.85 -7.12
C GLU A 100 12.62 10.21 -5.69
N ILE A 101 11.49 9.73 -5.22
CA ILE A 101 11.08 9.96 -3.83
C ILE A 101 10.55 8.69 -3.17
N ASP A 102 10.61 7.58 -3.89
CA ASP A 102 10.36 6.22 -3.34
C ASP A 102 8.91 6.05 -2.90
N ALA A 103 8.06 6.96 -3.33
CA ALA A 103 6.65 6.92 -2.95
C ALA A 103 5.76 7.34 -4.10
N LEU A 104 5.78 8.62 -4.41
CA LEU A 104 4.85 9.17 -5.39
C LEU A 104 5.37 9.00 -6.82
N GLU A 105 6.53 9.57 -7.09
CA GLU A 105 7.05 9.62 -8.45
C GLU A 105 7.93 8.42 -8.78
N LEU A 106 7.57 7.75 -9.89
CA LEU A 106 8.34 6.64 -10.46
C LEU A 106 8.33 5.40 -9.57
N LYS A 107 8.61 4.25 -10.17
CA LYS A 107 8.79 3.02 -9.44
C LYS A 107 9.92 2.20 -10.04
N THR A 108 11.14 2.65 -9.80
CA THR A 108 12.32 1.90 -10.18
C THR A 108 12.78 1.07 -9.00
N GLN A 109 11.86 0.82 -8.10
CA GLN A 109 12.15 0.13 -6.86
C GLN A 109 11.12 -0.95 -6.60
N LYS A 110 11.44 -1.85 -5.70
CA LYS A 110 10.53 -2.92 -5.33
C LYS A 110 10.43 -3.02 -3.81
N GLY A 111 11.33 -2.32 -3.13
CA GLY A 111 11.37 -2.38 -1.68
C GLY A 111 12.11 -3.61 -1.19
N PHE A 112 12.41 -4.50 -2.11
CA PHE A 112 13.07 -5.75 -1.78
C PHE A 112 14.57 -5.61 -2.01
N GLY A 1 -8.75 3.92 -9.68
CA GLY A 1 -8.48 4.42 -8.31
C GLY A 1 -7.11 5.04 -8.21
N SER A 2 -6.58 5.09 -6.99
CA SER A 2 -5.25 5.65 -6.73
C SER A 2 -5.24 7.14 -7.09
N ALA A 3 -6.28 7.85 -6.70
CA ALA A 3 -6.39 9.27 -6.97
C ALA A 3 -7.03 10.00 -5.79
N MET A 4 -7.09 9.33 -4.64
CA MET A 4 -7.67 9.92 -3.44
C MET A 4 -6.58 10.14 -2.39
N GLY A 5 -5.34 10.24 -2.86
CA GLY A 5 -4.22 10.42 -1.95
C GLY A 5 -4.06 11.86 -1.52
N HIS A 6 -4.92 12.30 -0.61
CA HIS A 6 -4.91 13.68 -0.15
C HIS A 6 -4.01 13.87 1.06
N MET A 7 -3.24 12.81 1.35
CA MET A 7 -2.27 12.82 2.46
C MET A 7 -2.96 12.91 3.81
N VAL A 8 -3.11 11.76 4.45
CA VAL A 8 -3.68 11.71 5.79
C VAL A 8 -2.55 11.63 6.82
N LYS A 9 -2.28 10.45 7.33
CA LYS A 9 -1.08 10.20 8.10
C LYS A 9 0.08 9.90 7.17
N ILE A 10 -0.08 10.29 5.92
CA ILE A 10 0.89 9.99 4.91
C ILE A 10 1.76 11.21 4.65
N SER A 11 2.94 11.15 5.21
CA SER A 11 3.99 12.09 4.90
C SER A 11 4.82 11.48 3.79
N HIS A 12 5.95 12.08 3.43
CA HIS A 12 6.81 11.47 2.43
C HIS A 12 7.12 10.05 2.88
N GLU A 13 7.54 9.94 4.13
CA GLU A 13 7.99 8.67 4.66
C GLU A 13 6.87 7.65 4.77
N ASP A 14 5.63 8.06 5.06
CA ASP A 14 4.58 7.07 5.19
C ASP A 14 4.22 6.48 3.83
N THR A 15 4.18 7.32 2.80
CA THR A 15 3.96 6.81 1.45
C THR A 15 5.06 5.83 1.07
N GLN A 16 6.29 6.22 1.39
CA GLN A 16 7.46 5.37 1.18
C GLN A 16 7.29 4.07 1.94
N ARG A 17 6.77 4.18 3.16
CA ARG A 17 6.51 3.04 4.02
C ARG A 17 5.49 2.10 3.39
N ILE A 18 4.31 2.63 3.03
CA ILE A 18 3.23 1.81 2.51
C ILE A 18 3.67 1.01 1.30
N LYS A 19 4.28 1.69 0.34
CA LYS A 19 4.68 1.06 -0.90
C LYS A 19 5.72 -0.01 -0.65
N THR A 20 6.77 0.38 0.04
CA THR A 20 7.94 -0.46 0.19
C THR A 20 7.58 -1.77 0.87
N ALA A 21 6.70 -1.71 1.86
CA ALA A 21 6.33 -2.89 2.58
C ALA A 21 5.47 -3.81 1.73
N PHE A 22 4.35 -3.29 1.26
CA PHE A 22 3.42 -4.02 0.41
C PHE A 22 4.16 -4.86 -0.65
N LEU A 23 4.93 -4.22 -1.50
CA LEU A 23 5.56 -4.90 -2.63
C LEU A 23 6.58 -5.93 -2.17
N SER A 24 7.58 -5.45 -1.41
CA SER A 24 8.72 -6.26 -1.00
C SER A 24 8.28 -7.42 -0.13
N TYR A 25 7.20 -7.22 0.59
CA TYR A 25 6.73 -8.22 1.53
C TYR A 25 6.23 -9.43 0.80
N ALA A 26 5.30 -9.25 -0.11
CA ALA A 26 4.72 -10.41 -0.75
C ALA A 26 5.67 -11.06 -1.75
N GLN A 27 5.93 -10.39 -2.87
CA GLN A 27 6.81 -10.97 -3.88
C GLN A 27 8.08 -10.15 -4.06
N GLY A 28 7.93 -8.84 -3.87
CA GLY A 28 8.91 -7.91 -4.37
C GLY A 28 8.45 -7.26 -5.67
N GLN A 29 7.43 -7.86 -6.29
CA GLN A 29 6.87 -7.35 -7.54
C GLN A 29 6.00 -6.11 -7.30
N ASP A 30 5.25 -5.70 -8.34
CA ASP A 30 4.41 -4.50 -8.27
C ASP A 30 3.04 -4.80 -7.64
N LYS A 31 2.94 -5.93 -6.96
CA LYS A 31 1.68 -6.38 -6.42
C LYS A 31 1.89 -7.03 -5.06
N VAL A 32 0.85 -7.65 -4.55
CA VAL A 32 0.96 -8.47 -3.36
C VAL A 32 0.23 -9.78 -3.53
N THR A 33 0.87 -10.88 -3.15
CA THR A 33 0.15 -12.11 -2.99
C THR A 33 -0.68 -12.00 -1.73
N GLU A 34 -1.77 -12.72 -1.68
CA GLU A 34 -2.89 -12.37 -0.81
C GLU A 34 -2.54 -12.28 0.70
N ALA A 35 -1.55 -13.05 1.14
CA ALA A 35 -1.16 -13.06 2.56
C ALA A 35 -0.91 -11.64 3.09
N MET A 36 -0.15 -10.85 2.35
CA MET A 36 0.13 -9.49 2.74
C MET A 36 -1.13 -8.65 2.66
N ILE A 37 -2.04 -9.08 1.80
CA ILE A 37 -3.31 -8.41 1.65
C ILE A 37 -4.18 -8.63 2.87
N ASP A 38 -4.11 -9.83 3.43
CA ASP A 38 -4.80 -10.18 4.65
C ASP A 38 -4.36 -9.26 5.79
N GLN A 39 -3.07 -8.95 5.84
CA GLN A 39 -2.54 -8.07 6.88
C GLN A 39 -3.24 -6.72 6.79
N LEU A 40 -3.28 -6.18 5.58
CA LEU A 40 -3.87 -4.88 5.36
C LEU A 40 -5.36 -4.93 5.61
N ILE A 41 -6.06 -5.83 4.95
CA ILE A 41 -7.51 -5.88 5.02
C ILE A 41 -8.00 -6.17 6.46
N CYS A 42 -7.38 -7.11 7.14
CA CYS A 42 -7.78 -7.43 8.51
C CYS A 42 -7.31 -6.34 9.47
N GLY A 43 -6.43 -5.48 8.98
CA GLY A 43 -5.93 -4.37 9.77
C GLY A 43 -7.03 -3.47 10.34
N ALA A 44 -7.95 -3.03 9.49
CA ALA A 44 -9.04 -2.15 9.92
C ALA A 44 -10.30 -2.94 10.16
N PHE A 45 -10.65 -3.79 9.21
CA PHE A 45 -11.83 -4.62 9.34
C PHE A 45 -11.48 -6.09 9.30
N PRO A 46 -11.39 -6.67 10.47
CA PRO A 46 -11.15 -8.08 10.63
C PRO A 46 -12.44 -8.89 10.71
N GLY A 47 -12.29 -10.20 10.86
CA GLY A 47 -13.45 -11.07 10.94
C GLY A 47 -14.12 -11.25 9.60
N LEU A 48 -13.36 -11.03 8.54
CA LEU A 48 -13.88 -11.17 7.19
C LEU A 48 -13.72 -12.58 6.68
N SER A 49 -14.81 -13.18 6.26
CA SER A 49 -14.77 -14.47 5.61
C SER A 49 -14.16 -14.30 4.23
N TRP A 50 -13.50 -15.32 3.69
CA TRP A 50 -12.78 -15.15 2.43
C TRP A 50 -13.72 -14.68 1.33
N GLU A 51 -14.96 -15.13 1.37
CA GLU A 51 -15.97 -14.71 0.41
C GLU A 51 -16.14 -13.18 0.44
N GLN A 52 -16.40 -12.63 1.64
CA GLN A 52 -16.56 -11.18 1.80
C GLN A 52 -15.25 -10.46 1.47
N LEU A 53 -14.15 -11.13 1.74
CA LEU A 53 -12.85 -10.51 1.55
C LEU A 53 -12.52 -10.45 0.07
N GLN A 54 -12.81 -11.50 -0.65
CA GLN A 54 -12.51 -11.55 -2.08
C GLN A 54 -13.28 -10.45 -2.82
N GLU A 55 -14.53 -10.23 -2.42
CA GLU A 55 -15.34 -9.14 -2.98
C GLU A 55 -14.84 -7.78 -2.52
N LYS A 56 -14.23 -7.71 -1.33
CA LYS A 56 -13.59 -6.49 -0.85
C LYS A 56 -12.67 -5.90 -1.92
N LYS A 57 -11.73 -6.72 -2.38
CA LYS A 57 -10.69 -6.27 -3.28
C LYS A 57 -10.86 -6.85 -4.69
N LYS A 58 -12.06 -7.37 -4.96
CA LYS A 58 -12.40 -7.98 -6.25
C LYS A 58 -11.90 -7.16 -7.45
N GLY A 59 -11.64 -7.86 -8.55
CA GLY A 59 -11.11 -7.22 -9.74
C GLY A 59 -9.62 -6.99 -9.65
N ARG A 60 -9.17 -6.46 -8.51
CA ARG A 60 -7.78 -6.08 -8.33
C ARG A 60 -6.97 -7.22 -7.73
N ALA A 61 -7.50 -7.83 -6.67
CA ALA A 61 -6.84 -8.92 -5.99
C ALA A 61 -7.76 -10.11 -5.96
N ALA A 62 -8.63 -10.13 -6.96
CA ALA A 62 -9.59 -11.20 -7.16
C ALA A 62 -8.94 -12.58 -7.10
N ALA A 63 -8.10 -12.88 -8.08
CA ALA A 63 -7.40 -14.16 -8.12
C ALA A 63 -6.09 -14.09 -7.34
N ASN A 64 -6.15 -13.38 -6.23
CA ASN A 64 -5.03 -13.27 -5.29
C ASN A 64 -3.87 -12.51 -5.87
N GLY A 65 -3.91 -11.22 -5.60
CA GLY A 65 -2.85 -10.35 -6.04
C GLY A 65 -3.24 -8.88 -6.08
N TYR A 66 -3.27 -8.24 -4.92
CA TYR A 66 -3.49 -6.78 -4.88
C TYR A 66 -2.38 -6.09 -5.63
N ASP A 67 -2.71 -5.00 -6.27
CA ASP A 67 -1.79 -4.35 -7.13
C ASP A 67 -1.53 -2.96 -6.61
N ARG A 68 -0.37 -2.42 -6.92
CA ARG A 68 0.09 -1.16 -6.33
C ARG A 68 -0.95 -0.05 -6.43
N SER A 69 -1.60 0.08 -7.59
CA SER A 69 -2.62 1.11 -7.77
C SER A 69 -3.80 0.87 -6.84
N ALA A 70 -4.27 -0.37 -6.79
CA ALA A 70 -5.40 -0.74 -5.94
C ALA A 70 -5.06 -0.59 -4.48
N PHE A 71 -3.91 -1.15 -4.12
CA PHE A 71 -3.44 -1.13 -2.75
C PHE A 71 -3.27 0.30 -2.27
N PHE A 72 -2.64 1.14 -3.08
CA PHE A 72 -2.40 2.52 -2.71
C PHE A 72 -3.72 3.29 -2.64
N SER A 73 -4.64 2.92 -3.52
CA SER A 73 -5.95 3.53 -3.56
C SER A 73 -6.67 3.34 -2.23
N LEU A 74 -6.47 2.17 -1.64
CA LEU A 74 -7.09 1.84 -0.37
C LEU A 74 -6.39 2.55 0.78
N VAL A 75 -5.10 2.32 0.91
CA VAL A 75 -4.35 2.77 2.08
C VAL A 75 -4.34 4.29 2.17
N ALA A 76 -4.29 4.96 1.03
CA ALA A 76 -4.22 6.41 0.98
C ALA A 76 -5.39 7.05 1.70
N SER A 77 -6.45 6.29 1.91
CA SER A 77 -7.61 6.78 2.63
C SER A 77 -7.56 6.35 4.09
N ASP A 78 -7.03 5.15 4.34
CA ASP A 78 -7.02 4.58 5.69
C ASP A 78 -5.67 4.76 6.37
N GLU A 79 -5.56 5.81 7.18
CA GLU A 79 -4.34 6.08 7.96
C GLU A 79 -4.00 4.88 8.85
N GLN A 80 -5.01 4.11 9.27
CA GLN A 80 -4.76 2.94 10.10
C GLN A 80 -3.83 2.01 9.37
N TYR A 81 -3.97 2.01 8.05
CA TYR A 81 -3.21 1.15 7.17
C TYR A 81 -1.87 1.78 6.84
N VAL A 82 -1.88 3.09 6.65
CA VAL A 82 -0.69 3.82 6.37
C VAL A 82 0.29 3.64 7.53
N ARG A 83 -0.21 3.87 8.73
CA ARG A 83 0.56 3.63 9.94
C ARG A 83 0.74 2.15 10.18
N PHE A 84 -0.20 1.32 9.72
CA PHE A 84 -0.07 -0.12 9.92
C PHE A 84 1.23 -0.61 9.31
N ILE A 85 1.48 -0.15 8.09
CA ILE A 85 2.70 -0.51 7.41
C ILE A 85 3.87 0.27 7.98
N ALA A 86 3.68 1.57 8.16
CA ALA A 86 4.71 2.44 8.74
C ALA A 86 5.23 1.90 10.06
N GLN A 87 4.32 1.33 10.84
CA GLN A 87 4.65 0.82 12.15
C GLN A 87 5.42 -0.50 12.02
N HIS A 88 5.01 -1.34 11.08
CA HIS A 88 5.62 -2.65 10.93
C HIS A 88 6.83 -2.60 9.99
N PHE A 89 7.02 -1.48 9.29
CA PHE A 89 8.15 -1.34 8.37
C PHE A 89 8.42 0.15 8.06
N PRO A 90 9.54 0.68 8.60
CA PRO A 90 10.02 2.05 8.32
C PRO A 90 10.13 2.40 6.83
N CYS A 91 10.23 3.69 6.55
CA CYS A 91 10.28 4.19 5.18
C CYS A 91 11.64 3.97 4.56
N ALA A 92 11.61 3.65 3.28
CA ALA A 92 12.82 3.51 2.47
C ALA A 92 13.63 4.80 2.52
N PRO A 93 14.96 4.72 2.36
CA PRO A 93 15.84 5.88 2.47
C PRO A 93 15.58 6.91 1.38
N GLU A 94 15.77 8.17 1.73
CA GLU A 94 15.45 9.27 0.84
C GLU A 94 16.65 9.66 -0.01
N GLU A 95 16.88 8.90 -1.06
CA GLU A 95 17.88 9.27 -2.05
C GLU A 95 17.17 9.84 -3.28
N GLU A 96 17.24 11.14 -3.44
CA GLU A 96 16.44 11.84 -4.44
C GLU A 96 17.13 11.90 -5.79
N LYS A 97 18.32 11.32 -5.90
CA LYS A 97 19.00 11.24 -7.19
C LYS A 97 18.26 10.28 -8.12
N PRO A 98 17.98 9.02 -7.69
CA PRO A 98 17.14 8.11 -8.45
C PRO A 98 15.65 8.29 -8.11
N PRO A 99 14.76 7.88 -9.01
CA PRO A 99 13.31 8.05 -8.81
C PRO A 99 12.68 6.97 -7.92
N GLU A 100 13.52 6.22 -7.21
CA GLU A 100 13.05 5.12 -6.38
C GLU A 100 12.80 5.58 -4.95
N ILE A 101 11.97 6.58 -4.82
CA ILE A 101 11.56 7.07 -3.52
C ILE A 101 10.54 6.11 -2.92
N ASP A 102 9.83 5.44 -3.82
CA ASP A 102 8.90 4.37 -3.51
C ASP A 102 7.75 4.90 -2.66
N ALA A 103 7.26 6.06 -3.07
CA ALA A 103 6.12 6.69 -2.43
C ALA A 103 5.05 7.04 -3.47
N LEU A 104 5.15 8.24 -4.02
CA LEU A 104 4.26 8.67 -5.08
C LEU A 104 5.06 9.40 -6.15
N GLU A 105 6.36 9.17 -6.13
CA GLU A 105 7.28 9.84 -7.03
C GLU A 105 7.28 9.14 -8.39
N LEU A 106 7.83 9.83 -9.41
CA LEU A 106 7.97 9.28 -10.76
C LEU A 106 6.62 9.23 -11.47
N LYS A 107 5.61 9.84 -10.87
CA LYS A 107 4.29 9.90 -11.48
C LYS A 107 4.19 11.11 -12.39
N THR A 108 4.51 10.88 -13.67
CA THR A 108 4.44 11.92 -14.67
C THR A 108 3.01 12.11 -15.15
N GLN A 109 2.20 12.75 -14.30
CA GLN A 109 0.80 12.99 -14.62
C GLN A 109 0.68 14.16 -15.57
N LYS A 110 0.62 13.87 -16.86
CA LYS A 110 0.53 14.90 -17.87
C LYS A 110 -0.67 14.68 -18.78
N GLY A 111 -0.82 13.44 -19.24
CA GLY A 111 -1.89 13.12 -20.16
C GLY A 111 -1.49 13.41 -21.59
N PHE A 112 -0.25 13.85 -21.76
CA PHE A 112 0.27 14.20 -23.07
C PHE A 112 1.40 13.26 -23.45
N GLY A 1 -4.17 23.41 3.81
CA GLY A 1 -5.48 23.29 4.47
C GLY A 1 -5.76 21.86 4.91
N SER A 2 -6.91 21.34 4.50
CA SER A 2 -7.31 20.00 4.89
C SER A 2 -7.64 19.14 3.67
N ALA A 3 -6.60 18.75 2.94
CA ALA A 3 -6.77 17.89 1.77
C ALA A 3 -6.70 16.43 2.15
N MET A 4 -7.83 15.84 2.50
CA MET A 4 -7.89 14.45 2.91
C MET A 4 -8.50 13.60 1.79
N GLY A 5 -8.06 13.84 0.57
CA GLY A 5 -8.52 13.05 -0.55
C GLY A 5 -7.89 11.67 -0.56
N HIS A 6 -6.62 11.62 -0.94
CA HIS A 6 -5.86 10.38 -0.87
C HIS A 6 -4.64 10.60 0.03
N MET A 7 -4.81 11.49 0.99
CA MET A 7 -3.77 11.82 1.95
C MET A 7 -4.38 11.87 3.35
N VAL A 8 -3.75 11.20 4.31
CA VAL A 8 -4.30 11.11 5.65
C VAL A 8 -3.20 11.23 6.67
N LYS A 9 -2.56 10.11 6.88
CA LYS A 9 -1.36 10.03 7.68
C LYS A 9 -0.21 9.63 6.79
N ILE A 10 -0.05 10.37 5.69
CA ILE A 10 0.97 10.09 4.72
C ILE A 10 1.92 11.27 4.59
N SER A 11 3.08 11.15 5.19
CA SER A 11 4.17 12.06 4.92
C SER A 11 5.08 11.40 3.90
N HIS A 12 6.23 12.01 3.60
CA HIS A 12 7.18 11.43 2.66
C HIS A 12 7.51 10.03 3.10
N GLU A 13 7.81 9.93 4.39
CA GLU A 13 8.17 8.67 5.01
C GLU A 13 7.04 7.67 4.91
N ASP A 14 5.80 8.10 5.12
CA ASP A 14 4.70 7.16 5.20
C ASP A 14 4.43 6.51 3.85
N THR A 15 4.38 7.31 2.79
CA THR A 15 4.15 6.75 1.45
C THR A 15 5.28 5.80 1.07
N GLN A 16 6.50 6.16 1.47
CA GLN A 16 7.64 5.27 1.29
C GLN A 16 7.35 3.95 1.96
N ARG A 17 6.89 4.04 3.20
CA ARG A 17 6.62 2.86 4.00
C ARG A 17 5.57 1.98 3.34
N ILE A 18 4.42 2.55 3.00
CA ILE A 18 3.32 1.77 2.44
C ILE A 18 3.75 1.07 1.16
N LYS A 19 4.34 1.82 0.24
CA LYS A 19 4.78 1.26 -1.02
C LYS A 19 5.81 0.19 -0.80
N THR A 20 6.86 0.54 -0.09
CA THR A 20 8.00 -0.33 0.03
C THR A 20 7.63 -1.64 0.70
N ALA A 21 6.81 -1.58 1.74
CA ALA A 21 6.50 -2.76 2.51
C ALA A 21 5.61 -3.70 1.72
N PHE A 22 4.44 -3.21 1.34
CA PHE A 22 3.46 -3.99 0.58
C PHE A 22 4.14 -4.81 -0.52
N LEU A 23 4.88 -4.15 -1.40
CA LEU A 23 5.50 -4.84 -2.54
C LEU A 23 6.53 -5.88 -2.09
N SER A 24 7.55 -5.45 -1.34
CA SER A 24 8.67 -6.30 -1.01
C SER A 24 8.26 -7.43 -0.07
N TYR A 25 7.24 -7.16 0.72
CA TYR A 25 6.75 -8.11 1.69
C TYR A 25 6.19 -9.34 1.01
N ALA A 26 5.24 -9.12 0.11
CA ALA A 26 4.58 -10.25 -0.51
C ALA A 26 5.46 -10.96 -1.52
N GLN A 27 5.70 -10.31 -2.64
CA GLN A 27 6.43 -10.96 -3.72
C GLN A 27 7.76 -10.30 -3.98
N GLY A 28 7.81 -9.00 -3.71
CA GLY A 28 8.89 -8.18 -4.25
C GLY A 28 8.54 -7.69 -5.64
N GLN A 29 7.43 -8.17 -6.18
CA GLN A 29 7.02 -7.81 -7.52
C GLN A 29 6.14 -6.57 -7.54
N ASP A 30 5.47 -6.36 -8.67
CA ASP A 30 4.62 -5.20 -8.88
C ASP A 30 3.29 -5.31 -8.11
N LYS A 31 3.02 -6.48 -7.53
CA LYS A 31 1.77 -6.71 -6.83
C LYS A 31 2.03 -7.52 -5.58
N VAL A 32 0.97 -7.90 -4.90
CA VAL A 32 1.08 -8.62 -3.65
C VAL A 32 0.18 -9.83 -3.59
N THR A 33 0.73 -10.92 -3.09
CA THR A 33 -0.06 -12.09 -2.81
C THR A 33 -0.97 -11.78 -1.64
N GLU A 34 -2.05 -12.50 -1.57
CA GLU A 34 -3.16 -12.18 -0.70
C GLU A 34 -2.77 -12.12 0.78
N ALA A 35 -1.69 -12.81 1.13
CA ALA A 35 -1.22 -12.89 2.52
C ALA A 35 -0.92 -11.50 3.09
N MET A 36 -0.03 -10.75 2.41
CA MET A 36 0.25 -9.37 2.81
C MET A 36 -1.02 -8.57 2.71
N ILE A 37 -1.88 -8.99 1.81
CA ILE A 37 -3.11 -8.28 1.57
C ILE A 37 -4.04 -8.40 2.78
N ASP A 38 -4.08 -9.60 3.35
CA ASP A 38 -4.82 -9.89 4.57
C ASP A 38 -4.34 -9.04 5.73
N GLN A 39 -3.02 -8.78 5.77
CA GLN A 39 -2.44 -7.91 6.78
C GLN A 39 -3.16 -6.59 6.77
N LEU A 40 -3.27 -6.05 5.56
CA LEU A 40 -3.88 -4.76 5.38
C LEU A 40 -5.37 -4.85 5.63
N ILE A 41 -6.05 -5.75 4.93
CA ILE A 41 -7.50 -5.82 5.00
C ILE A 41 -8.00 -6.08 6.43
N CYS A 42 -7.51 -7.12 7.08
CA CYS A 42 -7.91 -7.40 8.44
C CYS A 42 -7.21 -6.43 9.40
N GLY A 43 -6.37 -5.58 8.83
CA GLY A 43 -5.79 -4.46 9.55
C GLY A 43 -6.84 -3.51 10.13
N ALA A 44 -7.77 -3.03 9.29
CA ALA A 44 -8.84 -2.14 9.74
C ALA A 44 -10.07 -2.94 10.10
N PHE A 45 -10.54 -3.68 9.12
CA PHE A 45 -11.68 -4.55 9.28
C PHE A 45 -11.21 -5.84 9.94
N PRO A 46 -12.12 -6.69 10.41
CA PRO A 46 -11.70 -7.89 11.12
C PRO A 46 -11.12 -8.97 10.20
N GLY A 47 -10.90 -10.16 10.77
CA GLY A 47 -10.46 -11.29 10.00
C GLY A 47 -11.54 -11.78 9.07
N LEU A 48 -11.69 -11.08 7.97
CA LEU A 48 -12.73 -11.35 6.99
C LEU A 48 -12.63 -12.77 6.47
N SER A 49 -13.77 -13.45 6.44
CA SER A 49 -13.87 -14.75 5.81
C SER A 49 -13.51 -14.60 4.35
N TRP A 50 -12.90 -15.61 3.75
CA TRP A 50 -12.27 -15.46 2.45
C TRP A 50 -13.22 -14.90 1.40
N GLU A 51 -14.47 -15.35 1.40
CA GLU A 51 -15.46 -14.85 0.45
C GLU A 51 -15.65 -13.34 0.61
N GLN A 52 -15.73 -12.89 1.85
CA GLN A 52 -15.95 -11.48 2.15
C GLN A 52 -14.71 -10.66 1.82
N LEU A 53 -13.54 -11.24 2.04
CA LEU A 53 -12.30 -10.53 1.78
C LEU A 53 -12.03 -10.47 0.30
N GLN A 54 -12.27 -11.57 -0.40
CA GLN A 54 -11.97 -11.63 -1.81
C GLN A 54 -12.77 -10.58 -2.56
N GLU A 55 -14.05 -10.43 -2.20
CA GLU A 55 -14.92 -9.44 -2.83
C GLU A 55 -14.48 -8.02 -2.47
N LYS A 56 -13.90 -7.87 -1.28
CA LYS A 56 -13.31 -6.61 -0.86
C LYS A 56 -12.37 -6.09 -1.94
N LYS A 57 -11.58 -7.01 -2.47
CA LYS A 57 -10.50 -6.68 -3.38
C LYS A 57 -10.81 -7.04 -4.83
N LYS A 58 -11.96 -7.67 -5.05
CA LYS A 58 -12.35 -8.07 -6.40
C LYS A 58 -12.31 -6.90 -7.38
N GLY A 59 -11.71 -7.14 -8.53
CA GLY A 59 -11.45 -6.09 -9.47
C GLY A 59 -9.99 -6.03 -9.84
N ARG A 60 -9.18 -5.49 -8.94
CA ARG A 60 -7.74 -5.39 -9.15
C ARG A 60 -7.00 -6.40 -8.29
N ALA A 61 -7.79 -7.27 -7.66
CA ALA A 61 -7.27 -8.35 -6.83
C ALA A 61 -8.34 -9.41 -6.73
N ALA A 62 -8.94 -9.66 -7.88
CA ALA A 62 -10.00 -10.65 -8.07
C ALA A 62 -9.82 -11.86 -7.17
N ALA A 63 -8.75 -12.59 -7.38
CA ALA A 63 -8.41 -13.71 -6.53
C ALA A 63 -7.20 -13.35 -5.67
N ASN A 64 -6.01 -13.53 -6.23
CA ASN A 64 -4.80 -13.28 -5.47
C ASN A 64 -3.86 -12.33 -6.18
N GLY A 65 -3.94 -11.09 -5.76
CA GLY A 65 -2.98 -10.10 -6.23
C GLY A 65 -3.45 -8.67 -6.14
N TYR A 66 -3.32 -8.04 -4.97
CA TYR A 66 -3.46 -6.58 -4.90
C TYR A 66 -2.35 -5.93 -5.67
N ASP A 67 -2.74 -4.94 -6.42
CA ASP A 67 -1.82 -4.20 -7.22
C ASP A 67 -1.43 -2.96 -6.46
N ARG A 68 -0.41 -2.33 -6.95
CA ARG A 68 0.17 -1.18 -6.29
C ARG A 68 -0.81 -0.02 -6.36
N SER A 69 -1.54 0.08 -7.44
CA SER A 69 -2.58 1.08 -7.57
C SER A 69 -3.78 0.72 -6.67
N ALA A 70 -4.17 -0.55 -6.69
CA ALA A 70 -5.34 -1.01 -5.94
C ALA A 70 -5.14 -0.84 -4.44
N PHE A 71 -4.06 -1.42 -3.97
CA PHE A 71 -3.77 -1.45 -2.56
C PHE A 71 -3.50 -0.03 -2.05
N PHE A 72 -2.82 0.78 -2.85
CA PHE A 72 -2.54 2.16 -2.45
C PHE A 72 -3.83 2.96 -2.32
N SER A 73 -4.77 2.68 -3.21
CA SER A 73 -6.05 3.38 -3.21
C SER A 73 -6.80 3.14 -1.90
N LEU A 74 -6.65 1.95 -1.35
CA LEU A 74 -7.27 1.62 -0.07
C LEU A 74 -6.54 2.32 1.08
N VAL A 75 -5.22 2.21 1.10
CA VAL A 75 -4.41 2.77 2.19
C VAL A 75 -4.49 4.29 2.23
N ALA A 76 -4.54 4.90 1.05
CA ALA A 76 -4.53 6.36 0.93
C ALA A 76 -5.83 6.97 1.48
N SER A 77 -6.78 6.13 1.85
CA SER A 77 -8.03 6.60 2.42
C SER A 77 -8.18 6.10 3.86
N ASP A 78 -7.24 5.28 4.31
CA ASP A 78 -7.30 4.71 5.64
C ASP A 78 -6.00 4.92 6.39
N GLU A 79 -5.99 5.87 7.33
CA GLU A 79 -4.79 6.18 8.08
C GLU A 79 -4.36 4.99 8.94
N GLN A 80 -5.28 4.11 9.29
CA GLN A 80 -4.93 2.90 10.03
C GLN A 80 -3.95 2.07 9.21
N TYR A 81 -4.10 2.18 7.90
CA TYR A 81 -3.39 1.33 6.96
C TYR A 81 -2.01 1.88 6.66
N VAL A 82 -1.92 3.19 6.52
CA VAL A 82 -0.67 3.83 6.26
C VAL A 82 0.30 3.58 7.41
N ARG A 83 -0.18 3.84 8.61
CA ARG A 83 0.58 3.54 9.82
C ARG A 83 0.67 2.05 10.09
N PHE A 84 -0.27 1.26 9.59
CA PHE A 84 -0.16 -0.19 9.77
C PHE A 84 1.16 -0.65 9.20
N ILE A 85 1.45 -0.20 7.99
CA ILE A 85 2.71 -0.53 7.35
C ILE A 85 3.86 0.27 7.94
N ALA A 86 3.67 1.59 8.07
CA ALA A 86 4.67 2.47 8.68
C ALA A 86 5.17 1.94 10.01
N GLN A 87 4.28 1.34 10.78
CA GLN A 87 4.63 0.76 12.06
C GLN A 87 5.44 -0.51 11.85
N HIS A 88 4.99 -1.35 10.92
CA HIS A 88 5.65 -2.61 10.64
C HIS A 88 7.02 -2.41 10.00
N PHE A 89 7.12 -1.40 9.15
CA PHE A 89 8.34 -1.14 8.40
C PHE A 89 8.59 0.35 8.23
N PRO A 90 9.69 0.87 8.80
CA PRO A 90 10.11 2.26 8.62
C PRO A 90 10.37 2.61 7.16
N CYS A 91 10.35 3.91 6.86
CA CYS A 91 10.44 4.38 5.48
C CYS A 91 11.83 4.19 4.93
N ALA A 92 11.93 3.26 4.01
CA ALA A 92 13.20 2.97 3.35
C ALA A 92 13.04 2.96 1.84
N PRO A 93 14.09 3.36 1.14
CA PRO A 93 14.14 3.34 -0.32
C PRO A 93 14.59 1.99 -0.87
N GLU A 94 14.06 1.61 -2.02
CA GLU A 94 14.51 0.41 -2.70
C GLU A 94 15.58 0.79 -3.73
N GLU A 95 16.82 0.80 -3.29
CA GLU A 95 17.92 1.20 -4.14
C GLU A 95 18.38 0.03 -4.99
N GLU A 96 17.49 -0.48 -5.83
CA GLU A 96 17.83 -1.54 -6.76
C GLU A 96 18.51 -0.93 -7.98
N LYS A 97 17.74 -0.20 -8.77
CA LYS A 97 18.27 0.52 -9.91
C LYS A 97 17.65 1.92 -10.01
N PRO A 98 16.30 2.06 -9.93
CA PRO A 98 15.65 3.35 -9.91
C PRO A 98 15.15 3.76 -8.52
N PRO A 99 16.03 4.34 -7.67
CA PRO A 99 15.65 4.81 -6.36
C PRO A 99 15.04 6.19 -6.46
N GLU A 100 13.78 6.23 -6.82
CA GLU A 100 13.08 7.46 -7.10
C GLU A 100 12.78 8.23 -5.81
N ILE A 101 11.80 7.72 -5.06
CA ILE A 101 11.36 8.35 -3.81
C ILE A 101 10.73 7.31 -2.91
N ASP A 102 10.14 6.28 -3.54
CA ASP A 102 9.54 5.13 -2.85
C ASP A 102 8.22 5.49 -2.22
N ALA A 103 7.83 6.74 -2.38
CA ALA A 103 6.54 7.21 -1.90
C ALA A 103 5.53 7.21 -3.02
N LEU A 104 5.89 7.85 -4.12
CA LEU A 104 5.03 7.94 -5.29
C LEU A 104 5.79 7.44 -6.51
N GLU A 105 6.70 6.49 -6.27
CA GLU A 105 7.61 6.03 -7.32
C GLU A 105 6.89 5.30 -8.43
N LEU A 106 7.48 5.33 -9.63
CA LEU A 106 6.97 4.59 -10.78
C LEU A 106 5.49 4.91 -11.00
N LYS A 107 5.22 6.18 -11.25
CA LYS A 107 3.85 6.62 -11.46
C LYS A 107 3.38 6.24 -12.86
N THR A 108 4.28 6.35 -13.82
CA THR A 108 3.96 6.01 -15.21
C THR A 108 5.22 5.86 -16.06
N GLN A 109 6.33 6.44 -15.61
CA GLN A 109 7.57 6.38 -16.37
C GLN A 109 8.30 5.06 -16.15
N LYS A 110 9.27 4.77 -17.00
CA LYS A 110 9.94 3.47 -17.00
C LYS A 110 11.18 3.51 -16.11
N GLY A 111 11.05 4.10 -14.93
CA GLY A 111 12.19 4.28 -14.06
C GLY A 111 13.00 5.49 -14.48
N PHE A 112 12.54 6.13 -15.55
CA PHE A 112 13.20 7.30 -16.11
C PHE A 112 12.17 8.38 -16.34
N GLY A 1 -14.28 -0.47 -7.19
CA GLY A 1 -14.92 0.57 -6.34
C GLY A 1 -14.38 1.94 -6.64
N SER A 2 -14.65 2.89 -5.76
CA SER A 2 -14.21 4.27 -5.96
C SER A 2 -12.75 4.41 -5.54
N ALA A 3 -11.90 4.79 -6.47
CA ALA A 3 -10.48 4.95 -6.21
C ALA A 3 -10.20 6.27 -5.52
N MET A 4 -10.40 6.30 -4.21
CA MET A 4 -10.20 7.51 -3.43
C MET A 4 -8.80 7.53 -2.84
N GLY A 5 -8.42 8.67 -2.29
CA GLY A 5 -7.11 8.82 -1.70
C GLY A 5 -6.86 10.24 -1.23
N HIS A 6 -6.28 10.39 -0.05
CA HIS A 6 -5.99 11.70 0.49
C HIS A 6 -4.77 11.64 1.40
N MET A 7 -3.98 12.70 1.40
CA MET A 7 -2.77 12.74 2.20
C MET A 7 -3.11 13.00 3.66
N VAL A 8 -2.89 12.01 4.50
CA VAL A 8 -3.29 12.07 5.89
C VAL A 8 -2.09 11.78 6.78
N LYS A 9 -2.02 10.58 7.29
CA LYS A 9 -0.83 10.10 7.98
C LYS A 9 0.18 9.59 6.96
N ILE A 10 0.27 10.29 5.84
CA ILE A 10 1.17 9.93 4.78
C ILE A 10 2.09 11.09 4.47
N SER A 11 3.30 11.03 5.00
CA SER A 11 4.34 11.97 4.64
C SER A 11 5.25 11.30 3.63
N HIS A 12 6.35 11.94 3.24
CA HIS A 12 7.26 11.34 2.26
C HIS A 12 7.67 9.95 2.71
N GLU A 13 8.03 9.87 3.97
CA GLU A 13 8.46 8.62 4.56
C GLU A 13 7.31 7.63 4.67
N ASP A 14 6.10 8.10 4.97
CA ASP A 14 4.98 7.20 5.14
C ASP A 14 4.51 6.67 3.80
N THR A 15 4.55 7.52 2.78
CA THR A 15 4.12 7.10 1.46
C THR A 15 5.07 6.03 0.94
N GLN A 16 6.37 6.22 1.22
CA GLN A 16 7.36 5.23 0.84
C GLN A 16 7.08 3.94 1.59
N ARG A 17 6.68 4.08 2.85
CA ARG A 17 6.41 2.94 3.70
C ARG A 17 5.35 2.05 3.11
N ILE A 18 4.20 2.61 2.76
CA ILE A 18 3.12 1.83 2.20
C ILE A 18 3.58 1.06 0.97
N LYS A 19 4.28 1.75 0.08
CA LYS A 19 4.80 1.09 -1.12
C LYS A 19 5.78 -0.01 -0.76
N THR A 20 6.85 0.38 -0.10
CA THR A 20 7.97 -0.49 0.10
C THR A 20 7.61 -1.73 0.88
N ALA A 21 6.72 -1.59 1.85
CA ALA A 21 6.35 -2.72 2.65
C ALA A 21 5.48 -3.67 1.85
N PHE A 22 4.35 -3.17 1.38
CA PHE A 22 3.42 -3.94 0.57
C PHE A 22 4.16 -4.78 -0.49
N LEU A 23 4.88 -4.13 -1.38
CA LEU A 23 5.54 -4.83 -2.50
C LEU A 23 6.56 -5.85 -2.00
N SER A 24 7.55 -5.36 -1.23
CA SER A 24 8.69 -6.16 -0.79
C SER A 24 8.26 -7.30 0.11
N TYR A 25 7.17 -7.09 0.82
CA TYR A 25 6.70 -8.06 1.79
C TYR A 25 6.20 -9.30 1.10
N ALA A 26 5.31 -9.13 0.13
CA ALA A 26 4.74 -10.29 -0.51
C ALA A 26 5.73 -10.99 -1.45
N GLN A 27 6.04 -10.36 -2.57
CA GLN A 27 6.98 -10.96 -3.52
C GLN A 27 8.22 -10.10 -3.70
N GLY A 28 8.02 -8.80 -3.61
CA GLY A 28 8.98 -7.87 -4.15
C GLY A 28 8.53 -7.28 -5.47
N GLN A 29 7.52 -7.90 -6.11
CA GLN A 29 7.01 -7.40 -7.40
C GLN A 29 6.15 -6.13 -7.25
N ASP A 30 5.41 -5.80 -8.31
CA ASP A 30 4.53 -4.62 -8.33
C ASP A 30 3.22 -4.90 -7.61
N LYS A 31 3.01 -6.14 -7.21
CA LYS A 31 1.77 -6.54 -6.59
C LYS A 31 2.04 -7.14 -5.24
N VAL A 32 1.00 -7.68 -4.64
CA VAL A 32 1.14 -8.45 -3.43
C VAL A 32 0.32 -9.71 -3.49
N THR A 33 0.92 -10.81 -3.05
CA THR A 33 0.17 -12.03 -2.91
C THR A 33 -0.76 -11.87 -1.73
N GLU A 34 -1.81 -12.63 -1.72
CA GLU A 34 -2.96 -12.39 -0.85
C GLU A 34 -2.63 -12.32 0.65
N ALA A 35 -1.55 -12.97 1.08
CA ALA A 35 -1.22 -13.07 2.50
C ALA A 35 -0.97 -11.69 3.11
N MET A 36 -0.11 -10.90 2.48
CA MET A 36 0.14 -9.54 2.92
C MET A 36 -1.10 -8.71 2.71
N ILE A 37 -1.90 -9.14 1.75
CA ILE A 37 -3.13 -8.45 1.45
C ILE A 37 -4.15 -8.64 2.57
N ASP A 38 -4.07 -9.80 3.23
CA ASP A 38 -4.89 -10.10 4.38
C ASP A 38 -4.43 -9.28 5.57
N GLN A 39 -3.14 -9.00 5.64
CA GLN A 39 -2.58 -8.19 6.71
C GLN A 39 -3.26 -6.82 6.73
N LEU A 40 -3.31 -6.20 5.57
CA LEU A 40 -3.87 -4.88 5.45
C LEU A 40 -5.37 -4.92 5.65
N ILE A 41 -6.05 -5.79 4.92
CA ILE A 41 -7.52 -5.84 4.98
C ILE A 41 -8.01 -6.19 6.39
N CYS A 42 -7.34 -7.13 7.05
CA CYS A 42 -7.74 -7.55 8.39
C CYS A 42 -7.44 -6.42 9.37
N GLY A 43 -6.56 -5.53 8.94
CA GLY A 43 -6.21 -4.35 9.73
C GLY A 43 -7.42 -3.52 10.17
N ALA A 44 -8.25 -3.10 9.22
CA ALA A 44 -9.42 -2.29 9.55
C ALA A 44 -10.66 -3.15 9.74
N PHE A 45 -10.81 -4.15 8.89
CA PHE A 45 -11.97 -5.04 8.98
C PHE A 45 -11.59 -6.50 8.87
N PRO A 46 -11.58 -7.18 10.00
CA PRO A 46 -11.36 -8.60 10.07
C PRO A 46 -12.66 -9.40 10.09
N GLY A 47 -13.77 -8.73 9.80
CA GLY A 47 -15.06 -9.39 9.82
C GLY A 47 -15.43 -9.98 8.48
N LEU A 48 -14.44 -10.10 7.61
CA LEU A 48 -14.66 -10.63 6.27
C LEU A 48 -14.26 -12.10 6.20
N SER A 49 -15.13 -12.92 5.63
CA SER A 49 -14.77 -14.28 5.29
C SER A 49 -13.95 -14.26 4.01
N TRP A 50 -13.43 -15.40 3.56
CA TRP A 50 -12.67 -15.41 2.33
C TRP A 50 -13.54 -14.94 1.17
N GLU A 51 -14.79 -15.37 1.18
CA GLU A 51 -15.75 -14.99 0.14
C GLU A 51 -15.97 -13.49 0.14
N GLN A 52 -16.19 -12.94 1.33
CA GLN A 52 -16.44 -11.51 1.48
C GLN A 52 -15.18 -10.69 1.19
N LEU A 53 -14.03 -11.22 1.55
CA LEU A 53 -12.80 -10.49 1.38
C LEU A 53 -12.36 -10.53 -0.09
N GLN A 54 -12.49 -11.70 -0.70
CA GLN A 54 -12.08 -11.88 -2.08
C GLN A 54 -12.82 -10.88 -2.97
N GLU A 55 -14.11 -10.68 -2.70
CA GLU A 55 -14.92 -9.74 -3.46
C GLU A 55 -14.58 -8.30 -3.08
N LYS A 56 -14.15 -8.10 -1.83
CA LYS A 56 -13.75 -6.77 -1.35
C LYS A 56 -12.81 -6.12 -2.36
N LYS A 57 -11.81 -6.88 -2.77
CA LYS A 57 -10.79 -6.36 -3.67
C LYS A 57 -10.89 -6.98 -5.07
N LYS A 58 -12.00 -7.67 -5.34
CA LYS A 58 -12.21 -8.34 -6.63
C LYS A 58 -12.01 -7.40 -7.81
N GLY A 59 -12.29 -6.12 -7.61
CA GLY A 59 -12.19 -5.15 -8.69
C GLY A 59 -10.78 -4.97 -9.20
N ARG A 60 -9.80 -5.09 -8.32
CA ARG A 60 -8.42 -4.82 -8.72
C ARG A 60 -7.42 -5.64 -7.91
N ALA A 61 -7.73 -6.91 -7.70
CA ALA A 61 -6.78 -7.80 -7.05
C ALA A 61 -6.84 -9.19 -7.65
N ALA A 62 -7.58 -9.31 -8.76
CA ALA A 62 -7.73 -10.58 -9.47
C ALA A 62 -8.09 -11.71 -8.51
N ALA A 63 -8.98 -11.40 -7.57
CA ALA A 63 -9.31 -12.28 -6.44
C ALA A 63 -8.13 -12.35 -5.46
N ASN A 64 -6.97 -12.79 -5.95
CA ASN A 64 -5.77 -12.87 -5.13
C ASN A 64 -4.60 -12.18 -5.80
N GLY A 65 -4.20 -11.05 -5.23
CA GLY A 65 -3.10 -10.29 -5.80
C GLY A 65 -3.41 -8.81 -5.94
N TYR A 66 -3.37 -8.07 -4.82
CA TYR A 66 -3.45 -6.60 -4.91
C TYR A 66 -2.28 -6.07 -5.67
N ASP A 67 -2.43 -4.88 -6.18
CA ASP A 67 -1.38 -4.24 -6.91
C ASP A 67 -1.25 -2.82 -6.41
N ARG A 68 -0.13 -2.19 -6.72
CA ARG A 68 0.22 -0.92 -6.11
C ARG A 68 -0.90 0.11 -6.24
N SER A 69 -1.58 0.15 -7.38
CA SER A 69 -2.63 1.14 -7.58
C SER A 69 -3.86 0.84 -6.72
N ALA A 70 -4.25 -0.43 -6.68
CA ALA A 70 -5.42 -0.85 -5.91
C ALA A 70 -5.19 -0.69 -4.42
N PHE A 71 -4.10 -1.29 -3.98
CA PHE A 71 -3.80 -1.35 -2.58
C PHE A 71 -3.48 0.04 -2.03
N PHE A 72 -2.77 0.86 -2.80
CA PHE A 72 -2.44 2.21 -2.37
C PHE A 72 -3.70 3.04 -2.20
N SER A 73 -4.66 2.82 -3.09
CA SER A 73 -5.93 3.55 -3.06
C SER A 73 -6.66 3.29 -1.75
N LEU A 74 -6.61 2.05 -1.27
CA LEU A 74 -7.24 1.68 -0.02
C LEU A 74 -6.51 2.33 1.16
N VAL A 75 -5.19 2.22 1.17
CA VAL A 75 -4.38 2.72 2.27
C VAL A 75 -4.44 4.24 2.35
N ALA A 76 -4.45 4.89 1.19
CA ALA A 76 -4.46 6.36 1.13
C ALA A 76 -5.80 6.93 1.61
N SER A 77 -6.70 6.05 2.01
CA SER A 77 -7.97 6.47 2.57
C SER A 77 -8.03 6.11 4.05
N ASP A 78 -7.07 5.32 4.51
CA ASP A 78 -7.09 4.79 5.87
C ASP A 78 -5.76 5.02 6.58
N GLU A 79 -5.74 5.94 7.53
CA GLU A 79 -4.54 6.20 8.31
C GLU A 79 -4.16 4.97 9.15
N GLN A 80 -5.15 4.13 9.47
CA GLN A 80 -4.88 2.85 10.12
C GLN A 80 -3.90 2.07 9.30
N TYR A 81 -4.09 2.15 7.99
CA TYR A 81 -3.42 1.30 7.03
C TYR A 81 -2.04 1.84 6.70
N VAL A 82 -1.95 3.15 6.56
CA VAL A 82 -0.71 3.78 6.28
C VAL A 82 0.28 3.56 7.41
N ARG A 83 -0.18 3.83 8.62
CA ARG A 83 0.59 3.59 9.82
C ARG A 83 0.72 2.11 10.08
N PHE A 84 -0.23 1.31 9.61
CA PHE A 84 -0.13 -0.13 9.80
C PHE A 84 1.18 -0.62 9.19
N ILE A 85 1.45 -0.16 7.99
CA ILE A 85 2.67 -0.51 7.30
C ILE A 85 3.85 0.27 7.88
N ALA A 86 3.69 1.57 8.06
CA ALA A 86 4.72 2.42 8.65
C ALA A 86 5.21 1.87 9.98
N GLN A 87 4.29 1.31 10.74
CA GLN A 87 4.58 0.75 12.05
C GLN A 87 5.41 -0.51 11.90
N HIS A 88 5.04 -1.33 10.92
CA HIS A 88 5.74 -2.57 10.65
C HIS A 88 7.09 -2.31 9.98
N PHE A 89 7.16 -1.29 9.14
CA PHE A 89 8.35 -1.03 8.35
C PHE A 89 8.62 0.47 8.22
N PRO A 90 9.67 0.97 8.89
CA PRO A 90 10.14 2.35 8.75
C PRO A 90 10.62 2.66 7.33
N CYS A 91 10.68 3.93 6.97
CA CYS A 91 11.12 4.32 5.64
C CYS A 91 12.35 5.20 5.65
N ALA A 92 12.92 5.27 4.47
CA ALA A 92 14.16 5.99 4.23
C ALA A 92 13.91 7.48 4.07
N PRO A 93 14.91 8.32 4.37
CA PRO A 93 14.81 9.76 4.22
C PRO A 93 14.84 10.20 2.76
N GLU A 94 14.65 11.49 2.52
CA GLU A 94 14.63 12.01 1.16
C GLU A 94 15.99 11.87 0.50
N GLU A 95 16.93 12.65 0.97
CA GLU A 95 18.33 12.64 0.52
C GLU A 95 18.47 13.13 -0.93
N GLU A 96 19.69 13.51 -1.27
CA GLU A 96 19.99 14.04 -2.60
C GLU A 96 20.86 13.07 -3.40
N LYS A 97 21.22 11.96 -2.78
CA LYS A 97 22.11 10.99 -3.42
C LYS A 97 21.32 9.89 -4.17
N PRO A 98 20.32 9.24 -3.55
CA PRO A 98 19.51 8.22 -4.20
C PRO A 98 18.33 8.85 -4.93
N PRO A 99 17.38 8.06 -5.48
CA PRO A 99 16.13 8.58 -6.03
C PRO A 99 15.45 9.53 -5.05
N GLU A 100 14.62 10.44 -5.57
CA GLU A 100 14.00 11.48 -4.74
C GLU A 100 13.41 10.90 -3.46
N ILE A 101 12.56 9.89 -3.61
CA ILE A 101 12.08 9.12 -2.49
C ILE A 101 11.77 7.69 -2.92
N ASP A 102 10.61 7.52 -3.56
CA ASP A 102 10.08 6.23 -4.02
C ASP A 102 8.58 6.35 -4.20
N ALA A 103 7.97 6.90 -3.16
CA ALA A 103 6.53 7.13 -3.13
C ALA A 103 6.06 7.95 -4.31
N LEU A 104 6.38 9.24 -4.29
CA LEU A 104 5.87 10.18 -5.27
C LEU A 104 7.03 10.95 -5.88
N GLU A 105 8.00 10.20 -6.39
CA GLU A 105 9.24 10.79 -6.88
C GLU A 105 9.19 11.06 -8.37
N LEU A 106 10.36 11.30 -8.96
CA LEU A 106 10.49 11.64 -10.38
C LEU A 106 9.79 12.98 -10.65
N LYS A 107 10.37 14.03 -10.09
CA LYS A 107 9.87 15.37 -10.28
C LYS A 107 10.99 16.28 -10.76
N THR A 108 10.63 17.32 -11.48
CA THR A 108 11.59 18.31 -11.93
C THR A 108 10.95 19.69 -11.88
N GLN A 109 10.34 19.98 -10.73
CA GLN A 109 9.61 21.22 -10.55
C GLN A 109 10.55 22.34 -10.10
N LYS A 110 10.98 23.14 -11.08
CA LYS A 110 11.82 24.32 -10.86
C LYS A 110 13.23 23.93 -10.41
N GLY A 111 13.37 23.46 -9.18
CA GLY A 111 14.69 23.21 -8.64
C GLY A 111 15.32 24.49 -8.12
N PHE A 112 14.66 25.12 -7.17
CA PHE A 112 15.09 26.41 -6.65
C PHE A 112 14.72 26.54 -5.18
N GLY A 1 -8.70 16.21 -12.31
CA GLY A 1 -7.93 17.12 -11.43
C GLY A 1 -6.51 16.64 -11.26
N SER A 2 -6.12 16.40 -10.01
CA SER A 2 -4.79 15.90 -9.70
C SER A 2 -4.86 14.98 -8.49
N ALA A 3 -5.88 14.13 -8.47
CA ALA A 3 -6.11 13.21 -7.37
C ALA A 3 -4.99 12.18 -7.27
N MET A 4 -4.32 12.16 -6.13
CA MET A 4 -3.22 11.24 -5.88
C MET A 4 -3.38 10.61 -4.51
N GLY A 5 -4.53 9.98 -4.29
CA GLY A 5 -4.85 9.44 -2.99
C GLY A 5 -5.40 10.52 -2.07
N HIS A 6 -5.09 10.44 -0.80
CA HIS A 6 -5.56 11.43 0.16
C HIS A 6 -4.44 11.81 1.13
N MET A 7 -4.37 13.08 1.46
CA MET A 7 -3.41 13.56 2.45
C MET A 7 -3.95 13.29 3.85
N VAL A 8 -3.43 12.25 4.48
CA VAL A 8 -3.88 11.86 5.79
C VAL A 8 -2.65 11.64 6.66
N LYS A 9 -2.50 10.47 7.23
CA LYS A 9 -1.28 10.12 7.92
C LYS A 9 -0.22 9.69 6.93
N ILE A 10 -0.08 10.46 5.85
CA ILE A 10 0.91 10.17 4.83
C ILE A 10 1.81 11.37 4.62
N SER A 11 3.01 11.29 5.17
CA SER A 11 4.05 12.23 4.85
C SER A 11 4.94 11.58 3.78
N HIS A 12 6.05 12.22 3.43
CA HIS A 12 6.97 11.64 2.45
C HIS A 12 7.35 10.24 2.86
N GLU A 13 7.68 10.13 4.13
CA GLU A 13 8.09 8.88 4.73
C GLU A 13 6.99 7.82 4.65
N ASP A 14 5.75 8.23 4.90
CA ASP A 14 4.66 7.27 5.03
C ASP A 14 4.33 6.62 3.69
N THR A 15 4.24 7.43 2.64
CA THR A 15 3.96 6.89 1.32
C THR A 15 5.08 5.94 0.90
N GLN A 16 6.32 6.31 1.23
CA GLN A 16 7.46 5.43 0.99
C GLN A 16 7.29 4.14 1.76
N ARG A 17 6.81 4.26 3.00
CA ARG A 17 6.58 3.11 3.86
C ARG A 17 5.57 2.16 3.24
N ILE A 18 4.41 2.67 2.88
CA ILE A 18 3.32 1.84 2.39
C ILE A 18 3.73 1.04 1.16
N LYS A 19 4.31 1.70 0.16
CA LYS A 19 4.69 1.02 -1.06
C LYS A 19 5.73 -0.03 -0.77
N THR A 20 6.78 0.42 -0.10
CA THR A 20 7.98 -0.38 0.04
C THR A 20 7.69 -1.68 0.77
N ALA A 21 6.83 -1.61 1.78
CA ALA A 21 6.53 -2.78 2.57
C ALA A 21 5.64 -3.73 1.80
N PHE A 22 4.48 -3.25 1.39
CA PHE A 22 3.51 -4.05 0.65
C PHE A 22 4.19 -4.89 -0.42
N LEU A 23 4.90 -4.27 -1.34
CA LEU A 23 5.54 -4.99 -2.45
C LEU A 23 6.55 -6.02 -1.94
N SER A 24 7.55 -5.55 -1.18
CA SER A 24 8.66 -6.37 -0.75
C SER A 24 8.20 -7.50 0.16
N TYR A 25 7.13 -7.25 0.89
CA TYR A 25 6.62 -8.19 1.86
C TYR A 25 6.09 -9.43 1.19
N ALA A 26 5.22 -9.25 0.20
CA ALA A 26 4.62 -10.40 -0.43
C ALA A 26 5.60 -11.15 -1.34
N GLN A 27 5.96 -10.55 -2.47
CA GLN A 27 6.88 -11.20 -3.39
C GLN A 27 8.17 -10.41 -3.55
N GLY A 28 8.04 -9.10 -3.44
CA GLY A 28 9.06 -8.22 -3.97
C GLY A 28 8.68 -7.66 -5.33
N GLN A 29 7.67 -8.28 -5.96
CA GLN A 29 7.20 -7.87 -7.28
C GLN A 29 6.32 -6.60 -7.22
N ASP A 30 5.60 -6.33 -8.30
CA ASP A 30 4.84 -5.08 -8.46
C ASP A 30 3.44 -5.20 -7.87
N LYS A 31 3.18 -6.30 -7.20
CA LYS A 31 1.88 -6.58 -6.62
C LYS A 31 2.07 -7.23 -5.28
N VAL A 32 1.00 -7.72 -4.69
CA VAL A 32 1.10 -8.49 -3.47
C VAL A 32 0.24 -9.73 -3.50
N THR A 33 0.82 -10.85 -3.08
CA THR A 33 0.07 -12.05 -2.89
C THR A 33 -0.86 -11.85 -1.71
N GLU A 34 -1.93 -12.60 -1.69
CA GLU A 34 -3.07 -12.29 -0.84
C GLU A 34 -2.74 -12.24 0.66
N ALA A 35 -1.70 -12.97 1.06
CA ALA A 35 -1.31 -13.08 2.47
C ALA A 35 -1.04 -11.71 3.07
N MET A 36 -0.16 -10.95 2.42
CA MET A 36 0.13 -9.60 2.85
C MET A 36 -1.09 -8.73 2.69
N ILE A 37 -1.96 -9.12 1.78
CA ILE A 37 -3.16 -8.36 1.56
C ILE A 37 -4.11 -8.50 2.74
N ASP A 38 -4.21 -9.71 3.26
CA ASP A 38 -4.99 -10.01 4.43
C ASP A 38 -4.51 -9.22 5.64
N GLN A 39 -3.19 -9.02 5.74
CA GLN A 39 -2.62 -8.27 6.85
C GLN A 39 -3.19 -6.86 6.82
N LEU A 40 -3.22 -6.28 5.63
CA LEU A 40 -3.76 -4.95 5.46
C LEU A 40 -5.26 -4.96 5.71
N ILE A 41 -5.99 -5.77 4.96
CA ILE A 41 -7.45 -5.78 5.02
C ILE A 41 -7.96 -6.02 6.44
N CYS A 42 -7.38 -6.99 7.13
CA CYS A 42 -7.82 -7.31 8.49
C CYS A 42 -7.38 -6.20 9.44
N GLY A 43 -6.41 -5.41 9.00
CA GLY A 43 -5.93 -4.28 9.77
C GLY A 43 -7.03 -3.31 10.16
N ALA A 44 -7.84 -2.86 9.20
CA ALA A 44 -8.91 -1.92 9.51
C ALA A 44 -10.19 -2.65 9.87
N PHE A 45 -10.48 -3.73 9.17
CA PHE A 45 -11.71 -4.46 9.38
C PHE A 45 -11.54 -5.95 9.21
N PRO A 46 -11.70 -6.67 10.30
CA PRO A 46 -11.74 -8.10 10.31
C PRO A 46 -13.17 -8.63 10.21
N GLY A 47 -13.33 -9.93 10.39
CA GLY A 47 -14.64 -10.54 10.32
C GLY A 47 -15.12 -10.70 8.88
N LEU A 48 -14.18 -10.78 7.97
CA LEU A 48 -14.50 -10.97 6.56
C LEU A 48 -14.33 -12.42 6.16
N SER A 49 -15.34 -12.98 5.52
CA SER A 49 -15.22 -14.30 4.92
C SER A 49 -14.44 -14.16 3.62
N TRP A 50 -13.79 -15.23 3.17
CA TRP A 50 -12.92 -15.12 2.01
C TRP A 50 -13.66 -14.56 0.81
N GLU A 51 -14.87 -15.05 0.59
CA GLU A 51 -15.71 -14.55 -0.51
C GLU A 51 -15.85 -13.03 -0.44
N GLN A 52 -16.23 -12.54 0.73
CA GLN A 52 -16.40 -11.10 0.95
C GLN A 52 -15.10 -10.34 0.71
N LEU A 53 -13.99 -10.89 1.14
CA LEU A 53 -12.73 -10.21 1.03
C LEU A 53 -12.24 -10.24 -0.40
N GLN A 54 -12.36 -11.38 -1.04
CA GLN A 54 -11.80 -11.54 -2.37
C GLN A 54 -12.64 -10.77 -3.39
N GLU A 55 -13.95 -10.64 -3.12
CA GLU A 55 -14.82 -9.85 -3.98
C GLU A 55 -14.50 -8.37 -3.85
N LYS A 56 -14.03 -7.99 -2.66
CA LYS A 56 -13.48 -6.66 -2.45
C LYS A 56 -12.45 -6.33 -3.51
N LYS A 57 -11.53 -7.25 -3.63
CA LYS A 57 -10.36 -7.09 -4.48
C LYS A 57 -10.57 -7.73 -5.84
N LYS A 58 -11.79 -8.14 -6.14
CA LYS A 58 -12.13 -8.67 -7.46
C LYS A 58 -11.89 -7.60 -8.53
N GLY A 59 -10.98 -7.91 -9.45
CA GLY A 59 -10.62 -6.96 -10.47
C GLY A 59 -9.13 -6.81 -10.57
N ARG A 60 -8.61 -5.74 -9.99
CA ARG A 60 -7.17 -5.46 -9.99
C ARG A 60 -6.42 -6.29 -8.94
N ALA A 61 -7.08 -7.28 -8.37
CA ALA A 61 -6.46 -8.17 -7.41
C ALA A 61 -7.06 -9.56 -7.48
N ALA A 62 -7.64 -9.86 -8.63
CA ALA A 62 -8.31 -11.13 -8.85
C ALA A 62 -7.28 -12.25 -8.97
N ALA A 63 -7.69 -13.46 -8.57
CA ALA A 63 -6.80 -14.61 -8.53
C ALA A 63 -5.67 -14.38 -7.54
N ASN A 64 -5.95 -13.53 -6.56
CA ASN A 64 -5.06 -13.26 -5.45
C ASN A 64 -3.82 -12.51 -5.86
N GLY A 65 -3.92 -11.21 -5.73
CA GLY A 65 -2.82 -10.34 -6.07
C GLY A 65 -3.18 -8.87 -6.10
N TYR A 66 -3.15 -8.21 -4.95
CA TYR A 66 -3.35 -6.75 -4.92
C TYR A 66 -2.27 -6.06 -5.72
N ASP A 67 -2.67 -5.03 -6.42
CA ASP A 67 -1.76 -4.27 -7.22
C ASP A 67 -1.53 -2.93 -6.54
N ARG A 68 -0.38 -2.36 -6.84
CA ARG A 68 0.13 -1.18 -6.17
C ARG A 68 -0.83 0.01 -6.27
N SER A 69 -1.56 0.09 -7.36
CA SER A 69 -2.53 1.16 -7.53
C SER A 69 -3.74 0.94 -6.62
N ALA A 70 -4.19 -0.31 -6.58
CA ALA A 70 -5.33 -0.70 -5.76
C ALA A 70 -5.01 -0.56 -4.30
N PHE A 71 -3.90 -1.17 -3.91
CA PHE A 71 -3.44 -1.17 -2.54
C PHE A 71 -3.29 0.26 -2.05
N PHE A 72 -2.62 1.09 -2.83
CA PHE A 72 -2.35 2.46 -2.43
C PHE A 72 -3.66 3.24 -2.27
N SER A 73 -4.59 2.98 -3.18
CA SER A 73 -5.88 3.66 -3.16
C SER A 73 -6.64 3.34 -1.88
N LEU A 74 -6.48 2.12 -1.40
CA LEU A 74 -7.13 1.68 -0.17
C LEU A 74 -6.43 2.29 1.06
N VAL A 75 -5.10 2.17 1.09
CA VAL A 75 -4.32 2.64 2.23
C VAL A 75 -4.37 4.15 2.37
N ALA A 76 -4.34 4.86 1.24
CA ALA A 76 -4.31 6.32 1.26
C ALA A 76 -5.61 6.92 1.79
N SER A 77 -6.60 6.08 2.00
CA SER A 77 -7.87 6.53 2.56
C SER A 77 -8.02 6.05 4.01
N ASP A 78 -7.08 5.21 4.44
CA ASP A 78 -7.17 4.60 5.76
C ASP A 78 -5.89 4.83 6.56
N GLU A 79 -5.98 5.66 7.59
CA GLU A 79 -4.87 5.96 8.48
C GLU A 79 -4.40 4.70 9.21
N GLN A 80 -5.32 3.79 9.48
CA GLN A 80 -4.97 2.51 10.09
C GLN A 80 -3.96 1.80 9.20
N TYR A 81 -4.11 2.00 7.90
CA TYR A 81 -3.39 1.24 6.90
C TYR A 81 -2.02 1.83 6.65
N VAL A 82 -1.97 3.15 6.53
CA VAL A 82 -0.74 3.81 6.28
C VAL A 82 0.22 3.60 7.43
N ARG A 83 -0.31 3.80 8.61
CA ARG A 83 0.40 3.56 9.84
C ARG A 83 0.63 2.09 10.08
N PHE A 84 -0.26 1.25 9.56
CA PHE A 84 -0.10 -0.21 9.71
C PHE A 84 1.23 -0.62 9.12
N ILE A 85 1.50 -0.14 7.92
CA ILE A 85 2.74 -0.47 7.25
C ILE A 85 3.91 0.35 7.82
N ALA A 86 3.68 1.63 8.04
CA ALA A 86 4.66 2.51 8.69
C ALA A 86 5.20 1.89 9.99
N GLN A 87 4.34 1.19 10.71
CA GLN A 87 4.72 0.51 11.93
C GLN A 87 5.44 -0.79 11.61
N HIS A 88 4.98 -1.44 10.56
CA HIS A 88 5.54 -2.70 10.11
C HIS A 88 6.95 -2.51 9.55
N PHE A 89 7.13 -1.45 8.79
CA PHE A 89 8.37 -1.22 8.05
C PHE A 89 8.62 0.28 7.88
N PRO A 90 9.72 0.79 8.46
CA PRO A 90 10.11 2.21 8.36
C PRO A 90 10.41 2.65 6.91
N CYS A 91 10.29 3.95 6.67
CA CYS A 91 10.46 4.53 5.34
C CYS A 91 11.88 4.41 4.85
N ALA A 92 11.99 4.06 3.58
CA ALA A 92 13.29 3.91 2.91
C ALA A 92 14.08 5.21 2.95
N PRO A 93 15.42 5.11 3.00
CA PRO A 93 16.32 6.26 3.09
C PRO A 93 16.45 7.04 1.79
N GLU A 94 15.32 7.43 1.24
CA GLU A 94 15.31 8.24 0.02
C GLU A 94 15.06 9.69 0.37
N GLU A 95 14.78 9.94 1.64
CA GLU A 95 14.44 11.28 2.11
C GLU A 95 15.65 12.20 2.10
N GLU A 96 15.78 12.98 1.05
CA GLU A 96 16.85 13.95 0.95
C GLU A 96 16.29 15.36 1.06
N LYS A 97 15.45 15.74 0.11
CA LYS A 97 14.87 17.07 0.08
C LYS A 97 13.80 17.19 -1.03
N PRO A 98 14.12 16.84 -2.30
CA PRO A 98 13.17 16.94 -3.40
C PRO A 98 12.29 15.69 -3.53
N PRO A 99 11.40 15.65 -4.53
CA PRO A 99 10.61 14.43 -4.86
C PRO A 99 11.50 13.28 -5.34
N GLU A 100 11.01 12.53 -6.34
CA GLU A 100 11.71 11.37 -6.94
C GLU A 100 12.33 10.47 -5.88
N ILE A 101 11.54 10.17 -4.88
CA ILE A 101 11.99 9.36 -3.77
C ILE A 101 11.52 7.91 -3.96
N ASP A 102 10.22 7.72 -3.94
CA ASP A 102 9.60 6.41 -4.06
C ASP A 102 8.11 6.58 -3.85
N ALA A 103 7.79 7.19 -2.70
CA ALA A 103 6.43 7.57 -2.33
C ALA A 103 5.66 8.20 -3.50
N LEU A 104 6.03 9.42 -3.82
CA LEU A 104 5.32 10.18 -4.83
C LEU A 104 6.12 10.23 -6.12
N GLU A 105 7.38 9.80 -6.01
CA GLU A 105 8.37 9.83 -7.11
C GLU A 105 8.19 11.04 -8.03
N LEU A 106 7.93 10.80 -9.32
CA LEU A 106 7.68 11.88 -10.26
C LEU A 106 6.59 11.49 -11.25
N LYS A 107 6.99 10.76 -12.28
CA LYS A 107 6.08 10.34 -13.34
C LYS A 107 6.71 9.19 -14.12
N THR A 108 5.89 8.46 -14.86
CA THR A 108 6.35 7.30 -15.64
C THR A 108 7.19 6.35 -14.76
N GLN A 109 8.04 5.55 -15.40
CA GLN A 109 8.94 4.64 -14.69
C GLN A 109 8.14 3.66 -13.84
N LYS A 110 7.10 3.10 -14.45
CA LYS A 110 6.23 2.15 -13.76
C LYS A 110 6.65 0.72 -14.07
N GLY A 111 7.40 0.56 -15.14
CA GLY A 111 7.81 -0.76 -15.56
C GLY A 111 6.65 -1.58 -16.08
N PHE A 112 6.44 -2.75 -15.46
CA PHE A 112 5.35 -3.65 -15.83
C PHE A 112 5.47 -4.04 -17.30
N GLY A 1 -10.96 19.50 11.84
CA GLY A 1 -10.14 19.58 10.61
C GLY A 1 -8.71 20.02 10.90
N SER A 2 -7.75 19.16 10.57
CA SER A 2 -6.35 19.48 10.78
C SER A 2 -5.62 19.45 9.44
N ALA A 3 -5.72 18.30 8.76
CA ALA A 3 -5.13 18.11 7.43
C ALA A 3 -3.63 18.45 7.42
N MET A 4 -2.85 17.62 8.09
CA MET A 4 -1.40 17.76 8.09
C MET A 4 -0.84 17.23 6.77
N GLY A 5 -0.95 18.04 5.73
CA GLY A 5 -0.54 17.62 4.41
C GLY A 5 -1.69 16.97 3.67
N HIS A 6 -1.44 16.51 2.45
CA HIS A 6 -2.47 15.87 1.66
C HIS A 6 -2.52 14.38 1.97
N MET A 7 -3.39 13.67 1.25
CA MET A 7 -3.62 12.25 1.45
C MET A 7 -4.23 11.99 2.82
N VAL A 8 -3.37 11.69 3.77
CA VAL A 8 -3.80 11.38 5.13
C VAL A 8 -2.55 11.37 6.01
N LYS A 9 -2.32 10.30 6.73
CA LYS A 9 -1.09 10.14 7.50
C LYS A 9 0.09 9.84 6.58
N ILE A 10 0.14 10.51 5.44
CA ILE A 10 1.14 10.20 4.44
C ILE A 10 2.00 11.41 4.14
N SER A 11 3.20 11.41 4.69
CA SER A 11 4.24 12.32 4.25
C SER A 11 5.08 11.60 3.21
N HIS A 12 6.19 12.18 2.76
CA HIS A 12 7.09 11.48 1.84
C HIS A 12 7.44 10.14 2.41
N GLU A 13 7.91 10.19 3.65
CA GLU A 13 8.34 9.01 4.36
C GLU A 13 7.24 7.97 4.45
N ASP A 14 6.00 8.42 4.60
CA ASP A 14 4.91 7.49 4.82
C ASP A 14 4.50 6.80 3.53
N THR A 15 4.46 7.53 2.41
CA THR A 15 4.15 6.90 1.14
C THR A 15 5.23 5.90 0.77
N GLN A 16 6.48 6.27 1.09
CA GLN A 16 7.60 5.36 0.92
C GLN A 16 7.36 4.11 1.73
N ARG A 17 6.87 4.30 2.96
CA ARG A 17 6.59 3.20 3.87
C ARG A 17 5.55 2.26 3.29
N ILE A 18 4.39 2.80 2.92
CA ILE A 18 3.30 1.98 2.42
C ILE A 18 3.74 1.20 1.19
N LYS A 19 4.45 1.88 0.30
CA LYS A 19 4.93 1.25 -0.91
C LYS A 19 5.91 0.14 -0.59
N THR A 20 6.98 0.51 0.10
CA THR A 20 8.09 -0.39 0.29
C THR A 20 7.67 -1.66 1.02
N ALA A 21 6.77 -1.53 1.98
CA ALA A 21 6.37 -2.68 2.74
C ALA A 21 5.47 -3.58 1.93
N PHE A 22 4.36 -3.04 1.47
CA PHE A 22 3.38 -3.79 0.68
C PHE A 22 4.05 -4.67 -0.39
N LEU A 23 4.86 -4.08 -1.24
CA LEU A 23 5.51 -4.82 -2.32
C LEU A 23 6.47 -5.89 -1.78
N SER A 24 7.43 -5.45 -0.96
CA SER A 24 8.49 -6.33 -0.46
C SER A 24 7.94 -7.44 0.42
N TYR A 25 6.83 -7.15 1.10
CA TYR A 25 6.24 -8.08 2.04
C TYR A 25 5.68 -9.28 1.32
N ALA A 26 4.83 -9.06 0.34
CA ALA A 26 4.22 -10.19 -0.33
C ALA A 26 5.16 -10.93 -1.25
N GLN A 27 5.55 -10.28 -2.34
CA GLN A 27 6.33 -10.96 -3.35
C GLN A 27 7.72 -10.38 -3.47
N GLY A 28 7.83 -9.09 -3.21
CA GLY A 28 9.00 -8.36 -3.62
C GLY A 28 8.73 -7.64 -4.93
N GLN A 29 7.67 -8.04 -5.63
CA GLN A 29 7.29 -7.42 -6.88
C GLN A 29 6.13 -6.45 -6.69
N ASP A 30 5.64 -5.93 -7.81
CA ASP A 30 4.68 -4.81 -7.84
C ASP A 30 3.30 -5.15 -7.30
N LYS A 31 3.06 -6.41 -6.95
CA LYS A 31 1.75 -6.79 -6.46
C LYS A 31 1.89 -7.58 -5.18
N VAL A 32 0.76 -7.96 -4.63
CA VAL A 32 0.73 -8.69 -3.39
C VAL A 32 -0.19 -9.89 -3.47
N THR A 33 0.28 -10.99 -2.90
CA THR A 33 -0.49 -12.21 -2.79
C THR A 33 -1.64 -12.03 -1.80
N GLU A 34 -2.49 -13.03 -1.71
CA GLU A 34 -3.64 -12.99 -0.82
C GLU A 34 -3.21 -12.87 0.65
N ALA A 35 -2.06 -13.42 0.97
CA ALA A 35 -1.60 -13.53 2.36
C ALA A 35 -1.29 -12.18 2.92
N MET A 36 -0.42 -11.47 2.23
CA MET A 36 -0.02 -10.15 2.65
C MET A 36 -1.18 -9.18 2.45
N ILE A 37 -2.06 -9.50 1.52
CA ILE A 37 -3.23 -8.67 1.34
C ILE A 37 -4.16 -8.81 2.54
N ASP A 38 -4.20 -10.02 3.10
CA ASP A 38 -4.90 -10.30 4.33
C ASP A 38 -4.31 -9.49 5.48
N GLN A 39 -3.00 -9.24 5.41
CA GLN A 39 -2.30 -8.43 6.40
C GLN A 39 -2.94 -7.05 6.49
N LEU A 40 -3.08 -6.39 5.36
CA LEU A 40 -3.67 -5.07 5.33
C LEU A 40 -5.16 -5.13 5.57
N ILE A 41 -5.85 -5.99 4.84
CA ILE A 41 -7.32 -6.03 4.92
C ILE A 41 -7.80 -6.36 6.33
N CYS A 42 -7.16 -7.31 6.99
CA CYS A 42 -7.54 -7.68 8.35
C CYS A 42 -7.10 -6.57 9.31
N GLY A 43 -6.16 -5.76 8.84
CA GLY A 43 -5.70 -4.61 9.60
C GLY A 43 -6.83 -3.72 10.09
N ALA A 44 -7.76 -3.35 9.20
CA ALA A 44 -8.87 -2.51 9.61
C ALA A 44 -10.12 -3.33 9.88
N PHE A 45 -10.50 -4.17 8.93
CA PHE A 45 -11.72 -4.95 9.07
C PHE A 45 -11.50 -6.43 8.90
N PRO A 46 -11.53 -7.13 10.01
CA PRO A 46 -11.53 -8.56 10.05
C PRO A 46 -12.95 -9.14 10.07
N GLY A 47 -13.05 -10.46 10.13
CA GLY A 47 -14.34 -11.12 10.14
C GLY A 47 -14.89 -11.30 8.75
N LEU A 48 -14.01 -11.25 7.76
CA LEU A 48 -14.41 -11.37 6.37
C LEU A 48 -14.20 -12.79 5.87
N SER A 49 -15.24 -13.36 5.27
CA SER A 49 -15.09 -14.61 4.54
C SER A 49 -14.53 -14.30 3.16
N TRP A 50 -13.96 -15.29 2.49
CA TRP A 50 -13.20 -15.03 1.26
C TRP A 50 -14.02 -14.26 0.23
N GLU A 51 -15.29 -14.60 0.09
CA GLU A 51 -16.17 -13.89 -0.85
C GLU A 51 -16.24 -12.40 -0.50
N GLN A 52 -16.49 -12.11 0.76
CA GLN A 52 -16.59 -10.74 1.23
C GLN A 52 -15.27 -10.01 1.15
N LEU A 53 -14.18 -10.73 1.37
CA LEU A 53 -12.89 -10.11 1.36
C LEU A 53 -12.46 -9.83 -0.08
N GLN A 54 -12.67 -10.80 -0.95
CA GLN A 54 -12.22 -10.68 -2.32
C GLN A 54 -12.86 -9.46 -2.98
N GLU A 55 -14.11 -9.19 -2.65
CA GLU A 55 -14.81 -8.03 -3.18
C GLU A 55 -14.35 -6.74 -2.51
N LYS A 56 -13.93 -6.84 -1.25
CA LYS A 56 -13.34 -5.70 -0.52
C LYS A 56 -12.27 -5.05 -1.38
N LYS A 57 -11.51 -5.90 -2.03
CA LYS A 57 -10.32 -5.53 -2.75
C LYS A 57 -10.55 -5.54 -4.27
N LYS A 58 -11.82 -5.53 -4.68
CA LYS A 58 -12.19 -5.60 -6.10
C LYS A 58 -11.69 -4.40 -6.92
N GLY A 59 -10.67 -3.71 -6.42
CA GLY A 59 -10.00 -2.68 -7.19
C GLY A 59 -9.00 -3.30 -8.13
N ARG A 60 -9.51 -4.04 -9.11
CA ARG A 60 -8.71 -4.75 -10.12
C ARG A 60 -7.68 -5.70 -9.47
N ALA A 61 -7.94 -6.11 -8.24
CA ALA A 61 -7.10 -7.10 -7.58
C ALA A 61 -7.61 -8.48 -7.92
N ALA A 62 -8.73 -8.50 -8.64
CA ALA A 62 -9.37 -9.73 -9.08
C ALA A 62 -9.80 -10.54 -7.87
N ALA A 63 -9.67 -11.86 -7.94
CA ALA A 63 -9.88 -12.68 -6.76
C ALA A 63 -8.88 -12.28 -5.69
N ASN A 64 -7.60 -12.35 -6.04
CA ASN A 64 -6.53 -11.90 -5.16
C ASN A 64 -5.34 -11.43 -5.97
N GLY A 65 -4.62 -10.44 -5.45
CA GLY A 65 -3.50 -9.87 -6.17
C GLY A 65 -3.57 -8.36 -6.20
N TYR A 66 -3.43 -7.75 -5.03
CA TYR A 66 -3.43 -6.29 -4.95
C TYR A 66 -2.21 -5.74 -5.61
N ASP A 67 -2.39 -4.69 -6.37
CA ASP A 67 -1.31 -4.05 -7.04
C ASP A 67 -1.06 -2.72 -6.39
N ARG A 68 0.03 -2.09 -6.73
CA ARG A 68 0.41 -0.85 -6.07
C ARG A 68 -0.66 0.24 -6.22
N SER A 69 -1.34 0.26 -7.37
CA SER A 69 -2.38 1.25 -7.60
C SER A 69 -3.60 0.97 -6.72
N ALA A 70 -4.02 -0.29 -6.69
CA ALA A 70 -5.18 -0.70 -5.91
C ALA A 70 -4.90 -0.58 -4.41
N PHE A 71 -3.77 -1.15 -4.02
CA PHE A 71 -3.36 -1.14 -2.63
C PHE A 71 -3.29 0.27 -2.09
N PHE A 72 -2.68 1.16 -2.86
CA PHE A 72 -2.49 2.54 -2.43
C PHE A 72 -3.83 3.24 -2.27
N SER A 73 -4.76 2.90 -3.16
CA SER A 73 -6.08 3.52 -3.14
C SER A 73 -6.78 3.29 -1.81
N LEU A 74 -6.62 2.09 -1.25
CA LEU A 74 -7.23 1.76 0.03
C LEU A 74 -6.50 2.46 1.19
N VAL A 75 -5.18 2.41 1.19
CA VAL A 75 -4.38 2.91 2.30
C VAL A 75 -4.42 4.44 2.34
N ALA A 76 -4.52 5.07 1.18
CA ALA A 76 -4.51 6.53 1.07
C ALA A 76 -5.69 7.16 1.79
N SER A 77 -6.73 6.38 2.05
CA SER A 77 -7.88 6.88 2.77
C SER A 77 -7.88 6.39 4.23
N ASP A 78 -7.22 5.28 4.48
CA ASP A 78 -7.23 4.67 5.80
C ASP A 78 -5.90 4.87 6.50
N GLU A 79 -5.89 5.79 7.47
CA GLU A 79 -4.68 6.13 8.19
C GLU A 79 -4.15 4.93 8.96
N GLN A 80 -5.06 4.09 9.47
CA GLN A 80 -4.66 2.92 10.27
C GLN A 80 -3.90 1.94 9.41
N TYR A 81 -4.15 2.01 8.12
CA TYR A 81 -3.45 1.22 7.13
C TYR A 81 -2.10 1.84 6.83
N VAL A 82 -2.09 3.15 6.72
CA VAL A 82 -0.86 3.89 6.49
C VAL A 82 0.12 3.63 7.64
N ARG A 83 -0.36 3.81 8.86
CA ARG A 83 0.44 3.52 10.03
C ARG A 83 0.62 2.03 10.22
N PHE A 84 -0.33 1.24 9.72
CA PHE A 84 -0.18 -0.21 9.84
C PHE A 84 1.15 -0.62 9.22
N ILE A 85 1.40 -0.12 8.03
CA ILE A 85 2.64 -0.40 7.35
C ILE A 85 3.79 0.41 7.94
N ALA A 86 3.60 1.72 8.08
CA ALA A 86 4.61 2.60 8.65
C ALA A 86 5.18 2.07 9.97
N GLN A 87 4.32 1.51 10.81
CA GLN A 87 4.77 0.99 12.09
C GLN A 87 5.53 -0.32 11.89
N HIS A 88 5.06 -1.14 10.94
CA HIS A 88 5.74 -2.39 10.61
C HIS A 88 7.07 -2.15 9.91
N PHE A 89 7.10 -1.15 9.03
CA PHE A 89 8.26 -0.90 8.19
C PHE A 89 8.49 0.60 8.00
N PRO A 90 9.51 1.14 8.66
CA PRO A 90 9.89 2.56 8.55
C PRO A 90 10.34 2.93 7.13
N CYS A 91 10.22 4.22 6.80
CA CYS A 91 10.64 4.72 5.51
C CYS A 91 12.14 4.62 5.38
N ALA A 92 12.58 4.33 4.16
CA ALA A 92 14.00 4.12 3.88
C ALA A 92 14.88 5.21 4.48
N PRO A 93 16.03 4.78 5.01
CA PRO A 93 16.98 5.66 5.71
C PRO A 93 17.88 6.45 4.77
N GLU A 94 17.99 5.98 3.55
CA GLU A 94 18.92 6.53 2.59
C GLU A 94 18.19 6.97 1.35
N GLU A 95 18.58 8.11 0.85
CA GLU A 95 18.02 8.68 -0.35
C GLU A 95 18.99 8.51 -1.52
N GLU A 96 20.14 7.92 -1.24
CA GLU A 96 21.17 7.71 -2.25
C GLU A 96 20.77 6.59 -3.20
N LYS A 97 20.77 5.36 -2.70
CA LYS A 97 20.43 4.22 -3.54
C LYS A 97 18.91 3.98 -3.59
N PRO A 98 18.21 3.94 -2.43
CA PRO A 98 16.75 3.88 -2.44
C PRO A 98 16.16 5.18 -2.98
N PRO A 99 15.12 5.10 -3.82
CA PRO A 99 14.50 6.28 -4.42
C PRO A 99 13.98 7.25 -3.36
N GLU A 100 14.48 8.48 -3.39
CA GLU A 100 14.17 9.48 -2.37
C GLU A 100 12.70 9.88 -2.41
N ILE A 101 12.05 9.60 -3.53
CA ILE A 101 10.65 9.89 -3.69
C ILE A 101 9.92 8.65 -4.17
N ASP A 102 10.37 7.50 -3.64
CA ASP A 102 9.76 6.19 -3.94
C ASP A 102 8.28 6.26 -3.65
N ALA A 103 7.98 7.03 -2.61
CA ALA A 103 6.63 7.35 -2.18
C ALA A 103 5.68 7.58 -3.34
N LEU A 104 6.05 8.49 -4.21
CA LEU A 104 5.14 8.96 -5.24
C LEU A 104 5.55 8.40 -6.60
N GLU A 105 6.82 8.03 -6.69
CA GLU A 105 7.37 7.40 -7.89
C GLU A 105 7.21 8.30 -9.11
N LEU A 106 6.16 8.05 -9.91
CA LEU A 106 5.87 8.83 -11.12
C LEU A 106 7.11 8.94 -12.01
N LYS A 107 7.73 7.81 -12.30
CA LYS A 107 8.94 7.79 -13.10
C LYS A 107 9.22 6.38 -13.62
N THR A 108 9.41 6.26 -14.92
CA THR A 108 9.81 5.00 -15.52
C THR A 108 11.31 4.78 -15.32
N GLN A 109 11.67 4.37 -14.11
CA GLN A 109 13.05 4.29 -13.71
C GLN A 109 13.49 2.85 -13.46
N LYS A 110 14.79 2.63 -13.52
CA LYS A 110 15.37 1.35 -13.16
C LYS A 110 15.91 1.43 -11.74
N GLY A 111 15.10 0.99 -10.79
CA GLY A 111 15.47 1.07 -9.38
C GLY A 111 16.41 -0.03 -8.96
N PHE A 112 17.65 0.07 -9.41
CA PHE A 112 18.67 -0.91 -9.06
C PHE A 112 19.96 -0.18 -8.71
N GLY A 1 -2.73 19.66 8.46
CA GLY A 1 -3.80 20.40 9.17
C GLY A 1 -5.05 19.57 9.35
N SER A 2 -6.20 20.22 9.30
CA SER A 2 -7.48 19.54 9.45
C SER A 2 -8.02 19.10 8.10
N ALA A 3 -7.31 19.46 7.04
CA ALA A 3 -7.68 19.07 5.69
C ALA A 3 -7.31 17.61 5.43
N MET A 4 -8.24 16.73 5.72
CA MET A 4 -8.02 15.30 5.53
C MET A 4 -8.37 14.90 4.10
N GLY A 5 -7.42 15.04 3.20
CA GLY A 5 -7.63 14.67 1.82
C GLY A 5 -6.72 13.54 1.41
N HIS A 6 -5.71 13.84 0.60
CA HIS A 6 -4.75 12.85 0.18
C HIS A 6 -3.85 12.47 1.34
N MET A 7 -3.43 13.46 2.10
CA MET A 7 -2.62 13.24 3.29
C MET A 7 -3.50 13.09 4.51
N VAL A 8 -3.40 11.95 5.17
CA VAL A 8 -4.16 11.69 6.39
C VAL A 8 -3.21 11.34 7.50
N LYS A 9 -2.37 10.40 7.19
CA LYS A 9 -1.21 10.06 7.98
C LYS A 9 -0.11 9.65 7.02
N ILE A 10 0.03 10.44 5.97
CA ILE A 10 0.96 10.11 4.91
C ILE A 10 1.87 11.30 4.63
N SER A 11 3.06 11.23 5.15
CA SER A 11 4.12 12.16 4.79
C SER A 11 5.02 11.44 3.81
N HIS A 12 6.14 12.05 3.42
CA HIS A 12 7.07 11.39 2.50
C HIS A 12 7.38 10.02 3.00
N GLU A 13 7.82 10.00 4.24
CA GLU A 13 8.20 8.80 4.93
C GLU A 13 7.09 7.77 4.86
N ASP A 14 5.87 8.17 5.18
CA ASP A 14 4.76 7.23 5.25
C ASP A 14 4.43 6.71 3.88
N THR A 15 4.33 7.60 2.89
CA THR A 15 4.05 7.18 1.53
C THR A 15 5.10 6.16 1.07
N GLN A 16 6.37 6.48 1.37
CA GLN A 16 7.48 5.60 1.04
C GLN A 16 7.34 4.27 1.78
N ARG A 17 6.84 4.35 3.00
CA ARG A 17 6.63 3.18 3.83
C ARG A 17 5.60 2.25 3.20
N ILE A 18 4.44 2.78 2.86
CA ILE A 18 3.34 1.96 2.36
C ILE A 18 3.75 1.17 1.12
N LYS A 19 4.34 1.85 0.13
CA LYS A 19 4.70 1.18 -1.10
C LYS A 19 5.72 0.10 -0.82
N THR A 20 6.79 0.52 -0.15
CA THR A 20 7.95 -0.31 -0.02
C THR A 20 7.62 -1.63 0.68
N ALA A 21 6.77 -1.56 1.69
CA ALA A 21 6.47 -2.75 2.47
C ALA A 21 5.58 -3.70 1.69
N PHE A 22 4.45 -3.19 1.24
CA PHE A 22 3.49 -3.96 0.44
C PHE A 22 4.19 -4.85 -0.59
N LEU A 23 4.96 -4.24 -1.48
CA LEU A 23 5.60 -4.97 -2.56
C LEU A 23 6.60 -6.01 -2.05
N SER A 24 7.59 -5.55 -1.27
CA SER A 24 8.70 -6.40 -0.84
C SER A 24 8.22 -7.52 0.08
N TYR A 25 7.15 -7.23 0.80
CA TYR A 25 6.62 -8.15 1.77
C TYR A 25 6.07 -9.39 1.11
N ALA A 26 5.19 -9.20 0.13
CA ALA A 26 4.59 -10.36 -0.48
C ALA A 26 5.56 -11.10 -1.41
N GLN A 27 5.89 -10.50 -2.54
CA GLN A 27 6.80 -11.16 -3.48
C GLN A 27 8.09 -10.36 -3.66
N GLY A 28 7.95 -9.04 -3.57
CA GLY A 28 8.96 -8.17 -4.12
C GLY A 28 8.54 -7.63 -5.48
N GLN A 29 7.49 -8.21 -6.05
CA GLN A 29 6.96 -7.77 -7.34
C GLN A 29 6.10 -6.50 -7.20
N ASP A 30 5.40 -6.15 -8.28
CA ASP A 30 4.59 -4.93 -8.34
C ASP A 30 3.20 -5.14 -7.76
N LYS A 31 3.02 -6.20 -6.99
CA LYS A 31 1.72 -6.55 -6.45
C LYS A 31 1.92 -7.20 -5.10
N VAL A 32 0.86 -7.74 -4.54
CA VAL A 32 0.96 -8.52 -3.33
C VAL A 32 0.17 -9.81 -3.41
N THR A 33 0.82 -10.92 -3.03
CA THR A 33 0.09 -12.15 -2.86
C THR A 33 -0.77 -11.99 -1.62
N GLU A 34 -1.85 -12.71 -1.56
CA GLU A 34 -2.97 -12.37 -0.68
C GLU A 34 -2.61 -12.28 0.81
N ALA A 35 -1.60 -13.01 1.25
CA ALA A 35 -1.26 -13.07 2.67
C ALA A 35 -0.97 -11.69 3.24
N MET A 36 -0.15 -10.91 2.52
CA MET A 36 0.09 -9.53 2.90
C MET A 36 -1.18 -8.73 2.75
N ILE A 37 -2.05 -9.18 1.87
CA ILE A 37 -3.30 -8.49 1.65
C ILE A 37 -4.22 -8.66 2.85
N ASP A 38 -4.23 -9.87 3.42
CA ASP A 38 -4.95 -10.16 4.63
C ASP A 38 -4.48 -9.25 5.75
N GLN A 39 -3.18 -8.99 5.79
CA GLN A 39 -2.59 -8.12 6.79
C GLN A 39 -3.26 -6.75 6.75
N LEU A 40 -3.32 -6.19 5.55
CA LEU A 40 -3.87 -4.88 5.36
C LEU A 40 -5.38 -4.91 5.56
N ILE A 41 -6.06 -5.78 4.84
CA ILE A 41 -7.52 -5.79 4.83
C ILE A 41 -8.11 -6.12 6.21
N CYS A 42 -7.59 -7.15 6.87
CA CYS A 42 -8.08 -7.53 8.19
C CYS A 42 -7.61 -6.52 9.22
N GLY A 43 -6.63 -5.71 8.82
CA GLY A 43 -6.12 -4.65 9.66
C GLY A 43 -7.21 -3.72 10.19
N ALA A 44 -7.97 -3.09 9.30
CA ALA A 44 -8.99 -2.14 9.72
C ALA A 44 -10.31 -2.85 10.01
N PHE A 45 -10.77 -3.62 9.04
CA PHE A 45 -12.03 -4.32 9.19
C PHE A 45 -11.86 -5.82 9.11
N PRO A 46 -11.98 -6.46 10.26
CA PRO A 46 -11.99 -7.90 10.36
C PRO A 46 -13.41 -8.46 10.33
N GLY A 47 -13.54 -9.73 10.71
CA GLY A 47 -14.83 -10.39 10.67
C GLY A 47 -15.21 -10.80 9.27
N LEU A 48 -14.21 -10.84 8.40
CA LEU A 48 -14.42 -11.15 7.00
C LEU A 48 -14.11 -12.60 6.72
N SER A 49 -15.06 -13.31 6.11
CA SER A 49 -14.77 -14.61 5.55
C SER A 49 -13.96 -14.40 4.28
N TRP A 50 -13.27 -15.42 3.78
CA TRP A 50 -12.44 -15.23 2.61
C TRP A 50 -13.28 -14.69 1.45
N GLU A 51 -14.52 -15.15 1.37
CA GLU A 51 -15.44 -14.67 0.34
C GLU A 51 -15.62 -13.17 0.46
N GLN A 52 -16.05 -12.70 1.62
CA GLN A 52 -16.29 -11.28 1.82
C GLN A 52 -15.02 -10.46 1.66
N LEU A 53 -13.89 -11.06 1.99
CA LEU A 53 -12.62 -10.37 1.87
C LEU A 53 -12.22 -10.26 0.40
N GLN A 54 -12.44 -11.34 -0.35
CA GLN A 54 -12.12 -11.34 -1.76
C GLN A 54 -12.97 -10.28 -2.47
N GLU A 55 -14.17 -10.02 -1.92
CA GLU A 55 -15.03 -8.94 -2.39
C GLU A 55 -14.37 -7.60 -2.19
N LYS A 56 -13.76 -7.46 -1.02
CA LYS A 56 -13.11 -6.22 -0.61
C LYS A 56 -12.14 -5.74 -1.68
N LYS A 57 -11.35 -6.67 -2.19
CA LYS A 57 -10.31 -6.34 -3.14
C LYS A 57 -10.60 -6.87 -4.55
N LYS A 58 -11.84 -7.30 -4.78
CA LYS A 58 -12.22 -7.91 -6.06
C LYS A 58 -12.11 -6.94 -7.24
N GLY A 59 -11.97 -5.66 -6.94
CA GLY A 59 -11.89 -4.66 -7.98
C GLY A 59 -10.60 -4.75 -8.77
N ARG A 60 -9.48 -4.86 -8.06
CA ARG A 60 -8.20 -4.84 -8.72
C ARG A 60 -7.16 -5.66 -7.94
N ALA A 61 -7.50 -6.92 -7.68
CA ALA A 61 -6.54 -7.82 -7.06
C ALA A 61 -6.54 -9.17 -7.76
N ALA A 62 -7.37 -9.29 -8.79
CA ALA A 62 -7.50 -10.53 -9.57
C ALA A 62 -7.73 -11.71 -8.64
N ALA A 63 -8.61 -11.51 -7.65
CA ALA A 63 -8.81 -12.44 -6.55
C ALA A 63 -7.57 -12.51 -5.67
N ASN A 64 -6.47 -12.98 -6.23
CA ASN A 64 -5.21 -13.02 -5.50
C ASN A 64 -4.15 -12.23 -6.20
N GLY A 65 -3.66 -11.20 -5.51
CA GLY A 65 -2.65 -10.33 -6.07
C GLY A 65 -3.07 -8.88 -6.10
N TYR A 66 -3.15 -8.23 -4.93
CA TYR A 66 -3.43 -6.79 -4.88
C TYR A 66 -2.36 -6.03 -5.63
N ASP A 67 -2.80 -5.13 -6.47
CA ASP A 67 -1.93 -4.36 -7.30
C ASP A 67 -1.56 -3.08 -6.58
N ARG A 68 -0.52 -2.47 -7.09
CA ARG A 68 0.12 -1.33 -6.45
C ARG A 68 -0.79 -0.10 -6.46
N SER A 69 -1.57 0.04 -7.52
CA SER A 69 -2.53 1.12 -7.61
C SER A 69 -3.71 0.86 -6.66
N ALA A 70 -4.17 -0.38 -6.65
CA ALA A 70 -5.32 -0.78 -5.85
C ALA A 70 -4.99 -0.68 -4.36
N PHE A 71 -3.85 -1.23 -4.01
CA PHE A 71 -3.38 -1.23 -2.65
C PHE A 71 -3.27 0.20 -2.13
N PHE A 72 -2.62 1.06 -2.92
CA PHE A 72 -2.39 2.44 -2.49
C PHE A 72 -3.70 3.18 -2.34
N SER A 73 -4.63 2.91 -3.24
CA SER A 73 -5.95 3.55 -3.22
C SER A 73 -6.61 3.34 -1.86
N LEU A 74 -6.53 2.11 -1.35
CA LEU A 74 -7.15 1.75 -0.08
C LEU A 74 -6.41 2.41 1.08
N VAL A 75 -5.09 2.24 1.12
CA VAL A 75 -4.29 2.75 2.23
C VAL A 75 -4.35 4.26 2.33
N ALA A 76 -4.36 4.92 1.17
CA ALA A 76 -4.39 6.38 1.11
C ALA A 76 -5.67 6.95 1.73
N SER A 77 -6.67 6.09 1.93
CA SER A 77 -7.93 6.52 2.48
C SER A 77 -8.09 5.99 3.91
N ASP A 78 -7.13 5.19 4.36
CA ASP A 78 -7.18 4.60 5.69
C ASP A 78 -5.89 4.85 6.46
N GLU A 79 -5.95 5.75 7.43
CA GLU A 79 -4.77 6.08 8.23
C GLU A 79 -4.31 4.88 9.04
N GLN A 80 -5.22 3.98 9.36
CA GLN A 80 -4.85 2.79 10.12
C GLN A 80 -3.91 1.95 9.29
N TYR A 81 -4.05 2.07 7.98
CA TYR A 81 -3.34 1.25 7.02
C TYR A 81 -1.97 1.83 6.73
N VAL A 82 -1.90 3.15 6.62
CA VAL A 82 -0.66 3.81 6.37
C VAL A 82 0.29 3.59 7.52
N ARG A 83 -0.20 3.83 8.73
CA ARG A 83 0.56 3.56 9.93
C ARG A 83 0.76 2.07 10.09
N PHE A 84 -0.17 1.28 9.58
CA PHE A 84 -0.03 -0.17 9.71
C PHE A 84 1.28 -0.62 9.10
N ILE A 85 1.55 -0.12 7.91
CA ILE A 85 2.79 -0.44 7.23
C ILE A 85 3.96 0.36 7.82
N ALA A 86 3.74 1.65 8.04
CA ALA A 86 4.75 2.53 8.65
C ALA A 86 5.24 1.98 9.99
N GLN A 87 4.37 1.25 10.67
CA GLN A 87 4.71 0.63 11.94
C GLN A 87 5.51 -0.65 11.72
N HIS A 88 5.11 -1.41 10.70
CA HIS A 88 5.77 -2.66 10.37
C HIS A 88 7.09 -2.43 9.65
N PHE A 89 7.19 -1.33 8.92
CA PHE A 89 8.35 -1.08 8.07
C PHE A 89 8.61 0.42 7.92
N PRO A 90 9.70 0.91 8.53
CA PRO A 90 10.15 2.30 8.38
C PRO A 90 10.40 2.68 6.91
N CYS A 91 10.29 3.98 6.61
CA CYS A 91 10.48 4.48 5.26
C CYS A 91 11.87 4.17 4.76
N ALA A 92 11.93 3.80 3.48
CA ALA A 92 13.16 3.32 2.84
C ALA A 92 14.37 4.19 3.17
N PRO A 93 15.51 3.52 3.41
CA PRO A 93 16.73 4.16 3.93
C PRO A 93 17.45 5.05 2.93
N GLU A 94 16.93 5.15 1.72
CA GLU A 94 17.59 5.90 0.66
C GLU A 94 17.35 7.41 0.84
N GLU A 95 16.45 7.73 1.74
CA GLU A 95 16.10 9.12 2.04
C GLU A 95 17.15 9.77 2.95
N GLU A 96 18.40 9.31 2.83
CA GLU A 96 19.47 9.78 3.69
C GLU A 96 19.75 11.26 3.43
N LYS A 97 19.57 11.69 2.18
CA LYS A 97 19.71 13.09 1.84
C LYS A 97 18.52 13.58 1.00
N PRO A 98 18.16 12.91 -0.11
CA PRO A 98 17.07 13.32 -0.97
C PRO A 98 15.80 12.46 -0.81
N PRO A 99 14.86 12.89 0.06
CA PRO A 99 13.59 12.21 0.21
C PRO A 99 12.56 12.75 -0.77
N GLU A 100 12.75 12.41 -2.04
CA GLU A 100 11.96 12.98 -3.12
C GLU A 100 10.60 12.29 -3.24
N ILE A 101 10.54 11.21 -4.01
CA ILE A 101 9.28 10.50 -4.21
C ILE A 101 9.52 9.00 -4.33
N ASP A 102 10.34 8.46 -3.42
CA ASP A 102 10.59 7.02 -3.34
C ASP A 102 9.27 6.30 -3.16
N ALA A 103 8.31 7.05 -2.65
CA ALA A 103 6.95 6.60 -2.48
C ALA A 103 6.23 6.48 -3.83
N LEU A 104 6.25 7.55 -4.59
CA LEU A 104 5.39 7.67 -5.76
C LEU A 104 5.97 6.94 -6.97
N GLU A 105 7.28 6.88 -7.07
CA GLU A 105 7.91 6.11 -8.14
C GLU A 105 8.45 4.80 -7.60
N LEU A 106 8.92 3.96 -8.49
CA LEU A 106 9.43 2.65 -8.12
C LEU A 106 10.90 2.53 -8.45
N LYS A 107 11.67 2.00 -7.51
CA LYS A 107 13.09 1.79 -7.69
C LYS A 107 13.48 0.43 -7.13
N THR A 108 12.62 -0.55 -7.35
CA THR A 108 12.86 -1.91 -6.89
C THR A 108 14.05 -2.52 -7.62
N GLN A 109 14.13 -2.25 -8.92
CA GLN A 109 15.27 -2.70 -9.72
C GLN A 109 16.20 -1.52 -9.99
N LYS A 110 17.50 -1.77 -9.89
CA LYS A 110 18.49 -0.73 -10.08
C LYS A 110 18.90 -0.65 -11.54
N GLY A 111 18.13 0.08 -12.32
CA GLY A 111 18.47 0.28 -13.72
C GLY A 111 19.48 1.40 -13.89
N PHE A 112 20.66 1.19 -13.36
CA PHE A 112 21.71 2.20 -13.41
C PHE A 112 23.04 1.54 -13.76
#